data_8G5C
#
_entry.id   8G5C
#
_cell.length_a   1.00
_cell.length_b   1.00
_cell.length_c   1.00
_cell.angle_alpha   90.00
_cell.angle_beta   90.00
_cell.angle_gamma   90.00
#
_symmetry.space_group_name_H-M   'P 1'
#
loop_
_entity.id
_entity.type
_entity.pdbx_description
1 polymer 'ATP-citrate synthase'
2 non-polymer "ADENOSINE-5'-DIPHOSPHATE"
3 non-polymer 'COENZYME A'
4 non-polymer 'CITRATE ANION'
5 non-polymer 'PHOSPHATE ION'
6 non-polymer '(3S)-citryl-Coenzyme A'
7 water water
#
_entity_poly.entity_id   1
_entity_poly.type   'polypeptide(L)'
_entity_poly.pdbx_seq_one_letter_code
;MSAKAISEQTGKELLYKFICTTSAIQNRFKYARVTPDTDWARLLQDHPWLLSQNLVVKPDQLIKRRGKLGLVGVNLTLDG
VKSWLKPRLGQEATVGKATGFLKNFLIEPFVPHSQAEEFYVCIYATREGDYVLFHHEGGVDVGDVDAKAQKLLVGVDEKL
NPEDIKKHLLVHAPEDKKEILASFISGLFNFYEDLYFTYLEINPLVVTKDGVYVLDLAAKVDATADYICKVKWGDIEFPP
PFGREAYPEEAYIADLDAKSGASLKLTLLNPKGRIWTMVAGGGASVVYSDTICDLGGVNELANYGEYSGAPSEQQTYDYA
KTILSLMTREKHPDGKILIIGGSIANFTNVAATFKGIVRAIRDYQGPLKEHEVTIFVRRGGPNYQEGLRVMGEVGKTTGI
PIHVFGTETHMTAIVGMALGHRPIPNQPPTAAHTANFLLNASGSTSTPAPSRTASFSESRADEVAPAKKAKPAMPQDSVP
SPRSLQGKSTTLFSRHTKAIVWGMQTRAVQGMLDFDYVCSRDEPSVAAMVYPFTGDHKQKFYWGHKEILIPVFKNMADAM
RKHPEVDVLINFASLRSAYDSTMETMNYAQIRTIAIIAEGIPEALTRKLIKKADQKGVTIIGPATVGGIKPGCFKIGNTG
GMLDNILASKLYRPGSVAYVSRSGGMSNELNNIISRTTDGVYEGVAIGGDRYPGSTFMDHVLRYQDTPGVKMIVVLGEIG
GTEEYKICRGIKEGRLTKPIVCWCIGTCATMFSSEVQFGHAGACANQASETAVAKNQALKEAGVFVPRSFDELGEIIQSV
YEDLVANGVIVPAQEVPPPTVPMDYSWARELGLIRKPASFMTSICDERGQELIYAGMPITEVFKEEMGIGGVLGLLWFQK
RLPKYSCQFIEMCLMVTADHGPAVSGAHNTIICARAGKDLVSSLTSGLLTIGDRFGGALDAAAKMFSKAFDSGIIPMEFV
NKMKKEGKLIMGIGHRVKSINNPDMRVQILKDYVRQHFPATPLLDYALEVEKITTSKKPNLILNVAGLIGVAFVDMLRNC
GSFTREEADEYIDIGALNGIFVLGRSMGFIGHYLDQKRLKQGLYRHPWDDISYVLPEHMSM
;
_entity_poly.pdbx_strand_id   A,B,C,D
#
loop_
_chem_comp.id
_chem_comp.type
_chem_comp.name
_chem_comp.formula
ADP non-polymer ADENOSINE-5'-DIPHOSPHATE 'C10 H15 N5 O10 P2'
COA non-polymer 'COENZYME A' 'C21 H36 N7 O16 P3 S'
FLC non-polymer 'CITRATE ANION' 'C6 H5 O7 -3'
PO4 non-polymer 'PHOSPHATE ION' 'O4 P -3'
Q5B non-polymer '(3S)-citryl-Coenzyme A' 'C27 H42 N7 O22 P3 S'
#
# COMPACT_ATOMS: atom_id res chain seq x y z
N SER A 2 20.38 11.18 25.18
CA SER A 2 21.49 11.48 26.08
C SER A 2 21.03 11.50 27.53
N ALA A 3 21.99 11.54 28.46
CA ALA A 3 21.68 11.56 29.88
C ALA A 3 21.32 12.98 30.31
N LYS A 4 20.15 13.13 30.92
CA LYS A 4 19.68 14.42 31.40
C LYS A 4 19.45 14.35 32.90
N ALA A 5 19.86 15.39 33.60
CA ALA A 5 19.66 15.46 35.05
C ALA A 5 18.19 15.72 35.36
N ILE A 6 17.70 15.07 36.40
CA ILE A 6 16.35 15.30 36.90
C ILE A 6 16.44 16.03 38.23
N SER A 7 15.33 16.65 38.61
CA SER A 7 15.30 17.36 39.88
C SER A 7 15.36 16.40 41.04
N GLU A 8 15.78 16.93 42.20
CA GLU A 8 15.85 16.09 43.40
C GLU A 8 14.48 15.56 43.78
N GLN A 9 13.43 16.40 43.65
CA GLN A 9 12.09 15.97 44.01
C GLN A 9 11.64 14.78 43.16
N THR A 10 11.84 14.87 41.84
CA THR A 10 11.43 13.79 40.94
C THR A 10 12.16 12.50 41.26
N GLY A 11 13.47 12.58 41.50
CA GLY A 11 14.21 11.41 41.90
C GLY A 11 13.70 10.82 43.20
N LYS A 12 13.32 11.68 44.14
CA LYS A 12 12.77 11.19 45.39
C LYS A 12 11.45 10.46 45.17
N GLU A 13 10.56 11.00 44.32
CA GLU A 13 9.32 10.30 44.03
C GLU A 13 9.59 8.95 43.39
N LEU A 14 10.50 8.91 42.42
CA LEU A 14 10.81 7.64 41.76
C LEU A 14 11.38 6.62 42.74
N LEU A 15 12.30 7.08 43.60
CA LEU A 15 12.91 6.16 44.57
C LEU A 15 11.88 5.65 45.57
N TYR A 16 11.01 6.52 46.08
CA TYR A 16 10.02 6.09 47.05
C TYR A 16 8.98 5.17 46.42
N LYS A 17 8.65 5.40 45.15
CA LYS A 17 7.59 4.62 44.50
C LYS A 17 8.09 3.27 44.00
N PHE A 18 9.35 3.18 43.54
CA PHE A 18 9.78 2.01 42.80
C PHE A 18 10.92 1.23 43.44
N ILE A 19 11.41 1.62 44.61
CA ILE A 19 12.40 0.80 45.29
C ILE A 19 11.72 -0.40 45.94
N CYS A 20 12.45 -1.50 46.03
CA CYS A 20 11.95 -2.73 46.63
CA CYS A 20 11.95 -2.73 46.63
C CYS A 20 13.07 -3.35 47.46
N THR A 21 12.98 -3.23 48.78
CA THR A 21 14.00 -3.76 49.66
C THR A 21 13.35 -4.20 50.97
N THR A 22 14.07 -5.06 51.70
CA THR A 22 13.59 -5.54 52.98
C THR A 22 13.83 -4.54 54.11
N SER A 23 14.56 -3.45 53.85
CA SER A 23 14.81 -2.45 54.87
C SER A 23 13.58 -1.56 55.05
N ALA A 24 13.66 -0.63 55.99
CA ALA A 24 12.58 0.29 56.30
C ALA A 24 13.01 1.69 55.90
N ILE A 25 12.20 2.35 55.07
CA ILE A 25 12.46 3.71 54.60
C ILE A 25 11.33 4.58 55.10
N GLN A 26 11.67 5.62 55.86
CA GLN A 26 10.69 6.56 56.37
C GLN A 26 10.74 7.85 55.56
N ASN A 27 9.87 8.79 55.91
CA ASN A 27 9.69 10.03 55.16
C ASN A 27 9.32 9.76 53.71
N ARG A 28 8.67 8.61 53.46
CA ARG A 28 8.28 8.25 52.11
C ARG A 28 7.16 9.16 51.63
N PHE A 29 7.36 9.77 50.47
CA PHE A 29 6.44 10.76 49.91
C PHE A 29 6.22 11.94 50.85
N LYS A 30 7.17 12.21 51.74
CA LYS A 30 7.06 13.32 52.69
C LYS A 30 7.95 14.45 52.20
N TYR A 31 7.40 15.26 51.28
CA TYR A 31 8.10 16.43 50.79
C TYR A 31 7.06 17.39 50.21
N ALA A 32 7.46 18.65 50.08
CA ALA A 32 6.61 19.69 49.52
C ALA A 32 7.44 20.58 48.62
N ARG A 33 6.78 21.13 47.60
CA ARG A 33 7.42 22.04 46.65
C ARG A 33 6.81 23.42 46.80
N VAL A 34 7.64 24.42 47.04
CA VAL A 34 7.20 25.81 47.17
C VAL A 34 7.81 26.62 46.04
N THR A 35 7.02 27.54 45.50
CA THR A 35 7.35 28.34 44.35
C THR A 35 6.93 29.78 44.62
N PRO A 36 7.47 30.75 43.89
CA PRO A 36 7.06 32.15 44.10
C PRO A 36 5.57 32.38 43.87
N ASP A 37 4.92 31.52 43.09
CA ASP A 37 3.50 31.66 42.78
C ASP A 37 2.70 30.48 43.35
N THR A 38 3.03 30.06 44.56
CA THR A 38 2.39 28.92 45.20
C THR A 38 1.34 29.38 46.20
N ASP A 39 0.47 28.43 46.57
CA ASP A 39 -0.57 28.65 47.57
C ASP A 39 -0.10 28.06 48.89
N TRP A 40 0.29 28.93 49.82
CA TRP A 40 0.76 28.46 51.12
C TRP A 40 -0.33 27.72 51.87
N ALA A 41 -1.55 28.26 51.85
CA ALA A 41 -2.66 27.61 52.56
C ALA A 41 -2.95 26.23 51.99
N ARG A 42 -2.96 26.10 50.66
CA ARG A 42 -3.22 24.81 50.04
C ARG A 42 -2.10 23.81 50.34
N LEU A 43 -0.85 24.29 50.38
CA LEU A 43 0.26 23.42 50.73
C LEU A 43 0.15 22.94 52.18
N LEU A 44 -0.28 23.82 53.08
CA LEU A 44 -0.50 23.42 54.47
C LEU A 44 -1.66 22.44 54.58
N GLN A 45 -2.70 22.61 53.75
CA GLN A 45 -3.89 21.78 53.86
C GLN A 45 -3.67 20.38 53.31
N ASP A 46 -3.17 20.28 52.07
CA ASP A 46 -3.08 18.97 51.42
C ASP A 46 -2.06 18.07 52.10
N HIS A 47 -0.95 18.63 52.55
CA HIS A 47 0.09 17.87 53.25
C HIS A 47 0.32 18.56 54.59
N PRO A 48 -0.48 18.22 55.60
CA PRO A 48 -0.34 18.86 56.92
C PRO A 48 0.58 18.16 57.90
N TRP A 49 1.35 17.16 57.46
CA TRP A 49 2.23 16.43 58.37
C TRP A 49 3.48 17.21 58.77
N LEU A 50 3.71 18.38 58.17
CA LEU A 50 4.89 19.17 58.47
C LEU A 50 4.72 20.05 59.71
N LEU A 51 3.51 20.09 60.29
CA LEU A 51 3.28 20.94 61.45
C LEU A 51 4.09 20.47 62.66
N SER A 52 4.15 19.15 62.88
CA SER A 52 4.74 18.63 64.12
C SER A 52 6.26 18.66 64.07
N GLN A 53 6.85 17.94 63.14
CA GLN A 53 8.30 17.82 63.08
C GLN A 53 8.92 19.07 62.47
N ASN A 54 10.23 19.22 62.69
CA ASN A 54 10.98 20.33 62.12
C ASN A 54 11.19 20.11 60.63
N LEU A 55 11.64 21.16 59.94
CA LEU A 55 11.75 21.16 58.50
C LEU A 55 13.15 21.54 58.05
N VAL A 56 13.52 21.08 56.86
CA VAL A 56 14.75 21.49 56.18
C VAL A 56 14.37 21.89 54.76
N VAL A 57 15.03 22.93 54.25
CA VAL A 57 14.66 23.58 53.01
C VAL A 57 15.88 23.62 52.10
N LYS A 58 15.72 23.20 50.84
CA LYS A 58 16.80 23.29 49.88
C LYS A 58 16.27 23.77 48.53
N PRO A 59 17.03 24.58 47.81
CA PRO A 59 16.67 24.86 46.42
C PRO A 59 16.80 23.60 45.58
N ASP A 60 15.91 23.48 44.58
CA ASP A 60 15.82 22.27 43.77
C ASP A 60 15.94 22.63 42.29
N GLN A 61 16.96 23.40 41.95
CA GLN A 61 17.25 23.80 40.59
C GLN A 61 18.63 23.35 40.16
N LEU A 62 18.98 22.11 40.50
CA LEU A 62 20.28 21.52 40.17
C LEU A 62 21.43 22.36 40.73
N ILE A 63 21.45 22.47 42.05
CA ILE A 63 22.48 23.23 42.76
C ILE A 63 23.36 22.24 43.52
N LYS A 64 24.66 22.34 43.31
CA LYS A 64 25.63 21.47 43.97
C LYS A 64 26.34 22.23 45.08
N ARG A 65 26.72 21.49 46.12
CA ARG A 65 27.41 22.04 47.29
C ARG A 65 26.61 23.17 47.93
N ARG A 66 25.31 22.91 48.12
CA ARG A 66 24.44 23.90 48.75
C ARG A 66 24.84 24.20 50.18
N GLY A 67 25.52 23.27 50.86
CA GLY A 67 25.96 23.53 52.21
C GLY A 67 27.00 24.62 52.31
N LYS A 68 27.92 24.67 51.35
CA LYS A 68 29.00 25.63 51.35
C LYS A 68 28.63 26.95 50.67
N LEU A 69 27.39 27.09 50.19
CA LEU A 69 26.96 28.30 49.53
C LEU A 69 25.89 29.06 50.31
N GLY A 70 25.42 28.51 51.43
CA GLY A 70 24.48 29.22 52.28
C GLY A 70 23.05 29.23 51.81
N LEU A 71 22.71 28.45 50.79
CA LEU A 71 21.33 28.40 50.31
C LEU A 71 20.51 27.31 50.98
N VAL A 72 21.06 26.63 51.99
CA VAL A 72 20.33 25.62 52.74
C VAL A 72 20.05 26.14 54.14
N GLY A 73 18.91 25.72 54.68
CA GLY A 73 18.55 26.09 56.04
C GLY A 73 18.27 24.88 56.90
N VAL A 74 18.99 24.75 58.02
CA VAL A 74 18.93 23.56 58.87
C VAL A 74 18.31 23.95 60.20
N ASN A 75 17.36 23.14 60.66
CA ASN A 75 16.65 23.35 61.92
C ASN A 75 15.85 24.66 61.91
N LEU A 76 14.90 24.73 60.98
CA LEU A 76 13.98 25.86 60.87
C LEU A 76 12.54 25.38 61.06
N THR A 77 11.76 26.16 61.79
CA THR A 77 10.34 25.89 62.00
C THR A 77 9.53 26.50 60.85
N LEU A 78 8.20 26.35 60.93
CA LEU A 78 7.34 26.86 59.86
C LEU A 78 7.54 28.35 59.66
N ASP A 79 7.40 29.13 60.72
CA ASP A 79 7.61 30.58 60.62
C ASP A 79 9.04 30.90 60.25
N GLY A 80 10.00 30.15 60.81
CA GLY A 80 11.38 30.33 60.42
C GLY A 80 11.61 30.06 58.94
N VAL A 81 10.97 29.00 58.42
CA VAL A 81 11.11 28.68 56.99
C VAL A 81 10.53 29.81 56.14
N LYS A 82 9.34 30.30 56.51
CA LYS A 82 8.73 31.37 55.72
C LYS A 82 9.58 32.64 55.76
N SER A 83 10.13 32.99 56.94
CA SER A 83 10.95 34.18 57.03
C SER A 83 12.28 34.02 56.29
N TRP A 84 12.84 32.81 56.29
CA TRP A 84 14.09 32.54 55.60
C TRP A 84 13.92 32.43 54.10
N LEU A 85 12.70 32.16 53.61
CA LEU A 85 12.48 32.06 52.17
C LEU A 85 12.51 33.44 51.51
N LYS A 86 12.00 34.46 52.19
CA LYS A 86 11.85 35.78 51.57
C LYS A 86 13.16 36.39 51.06
N PRO A 87 14.26 36.45 51.83
CA PRO A 87 15.42 37.21 51.37
C PRO A 87 16.22 36.52 50.27
N ARG A 88 15.82 35.34 49.82
CA ARG A 88 16.57 34.65 48.77
C ARG A 88 15.69 34.24 47.59
N LEU A 89 14.43 33.87 47.85
CA LEU A 89 13.54 33.46 46.78
C LEU A 89 13.07 34.67 45.98
N GLY A 90 13.18 34.59 44.65
CA GLY A 90 12.61 35.56 43.75
C GLY A 90 13.61 36.44 43.03
N GLN A 91 14.86 36.50 43.49
CA GLN A 91 15.84 37.40 42.90
C GLN A 91 17.17 36.68 42.76
N GLU A 92 18.21 37.44 42.46
CA GLU A 92 19.51 36.86 42.11
C GLU A 92 20.10 36.07 43.28
N ALA A 93 20.72 34.95 42.95
CA ALA A 93 21.54 34.18 43.90
C ALA A 93 22.64 33.51 43.06
N THR A 94 23.78 34.19 42.97
CA THR A 94 24.86 33.74 42.09
C THR A 94 25.51 32.48 42.64
N VAL A 95 25.65 31.48 41.79
CA VAL A 95 26.31 30.22 42.14
C VAL A 95 27.34 29.90 41.07
N GLY A 96 28.61 29.88 41.45
CA GLY A 96 29.66 29.56 40.49
C GLY A 96 29.72 30.57 39.35
N LYS A 97 29.83 30.05 38.14
CA LYS A 97 29.99 30.91 36.96
C LYS A 97 28.69 31.56 36.54
N ALA A 98 27.56 30.87 36.69
CA ALA A 98 26.28 31.36 36.21
C ALA A 98 25.46 31.97 37.34
N THR A 99 24.51 32.82 36.95
CA THR A 99 23.57 33.44 37.88
C THR A 99 22.16 33.31 37.33
N GLY A 100 21.19 33.19 38.24
CA GLY A 100 19.82 33.02 37.83
C GLY A 100 18.86 33.23 38.98
N PHE A 101 17.58 33.20 38.64
CA PHE A 101 16.52 33.40 39.63
C PHE A 101 16.30 32.13 40.43
N LEU A 102 15.57 32.27 41.53
CA LEU A 102 15.25 31.16 42.43
C LEU A 102 13.73 30.99 42.47
N LYS A 103 13.21 30.12 41.62
CA LYS A 103 11.77 29.88 41.53
C LYS A 103 11.35 28.51 42.01
N ASN A 104 12.20 27.82 42.77
CA ASN A 104 11.85 26.46 43.20
C ASN A 104 12.58 26.12 44.49
N PHE A 105 11.82 25.72 45.51
CA PHE A 105 12.40 25.21 46.74
C PHE A 105 11.65 23.96 47.17
N LEU A 106 12.34 23.09 47.90
CA LEU A 106 11.80 21.83 48.37
C LEU A 106 11.96 21.73 49.87
N ILE A 107 10.90 21.26 50.52
CA ILE A 107 10.77 21.22 51.98
C ILE A 107 10.59 19.76 52.39
N GLU A 108 11.40 19.31 53.34
CA GLU A 108 11.21 17.95 53.84
C GLU A 108 11.45 17.91 55.35
N PRO A 109 10.83 16.96 56.04
CA PRO A 109 10.97 16.93 57.51
C PRO A 109 12.40 16.76 57.95
N PHE A 110 12.75 17.44 59.04
CA PHE A 110 14.10 17.40 59.56
C PHE A 110 14.35 16.08 60.28
N VAL A 111 15.62 15.66 60.27
CA VAL A 111 16.05 14.40 60.86
C VAL A 111 17.15 14.69 61.87
N PRO A 112 17.09 14.14 63.08
CA PRO A 112 18.21 14.31 64.02
C PRO A 112 19.28 13.26 63.81
N HIS A 113 20.51 13.69 63.56
CA HIS A 113 21.64 12.79 63.34
C HIS A 113 22.92 13.59 63.53
N SER A 114 24.05 12.91 63.34
CA SER A 114 25.36 13.53 63.49
C SER A 114 26.24 13.06 62.33
N GLN A 115 27.53 13.39 62.41
CA GLN A 115 28.47 13.07 61.35
C GLN A 115 28.86 11.59 61.32
N ALA A 116 28.53 10.83 62.37
CA ALA A 116 28.93 9.44 62.44
C ALA A 116 27.94 8.48 61.78
N GLU A 117 26.79 8.97 61.33
CA GLU A 117 25.78 8.11 60.71
C GLU A 117 25.38 8.60 59.32
N GLU A 118 26.20 9.44 58.69
CA GLU A 118 25.95 9.93 57.34
C GLU A 118 26.79 9.14 56.36
N PHE A 119 26.12 8.57 55.35
CA PHE A 119 26.76 7.69 54.39
C PHE A 119 26.63 8.25 52.98
N TYR A 120 27.61 7.95 52.14
CA TYR A 120 27.62 8.37 50.74
C TYR A 120 27.50 7.14 49.85
N VAL A 121 26.53 7.16 48.94
CA VAL A 121 26.34 6.07 47.98
C VAL A 121 26.23 6.67 46.60
N CYS A 122 26.86 6.04 45.61
CA CYS A 122 26.80 6.53 44.25
C CYS A 122 26.82 5.35 43.27
N ILE A 123 25.98 5.43 42.24
CA ILE A 123 26.00 4.48 41.14
C ILE A 123 26.06 5.28 39.85
N TYR A 124 27.10 5.05 39.05
CA TYR A 124 27.22 5.75 37.77
C TYR A 124 27.62 4.76 36.68
N ALA A 125 27.15 5.04 35.47
CA ALA A 125 27.35 4.14 34.34
C ALA A 125 28.57 4.54 33.52
N THR A 126 29.35 3.54 33.13
CA THR A 126 30.47 3.67 32.20
C THR A 126 30.35 2.54 31.19
N ARG A 127 31.24 2.57 30.18
CA ARG A 127 31.16 1.60 29.08
C ARG A 127 31.24 0.17 29.59
N GLU A 128 32.07 -0.08 30.60
CA GLU A 128 32.23 -1.44 31.11
C GLU A 128 31.15 -1.86 32.08
N GLY A 129 30.27 -0.96 32.50
CA GLY A 129 29.20 -1.33 33.40
C GLY A 129 28.97 -0.25 34.43
N ASP A 130 28.40 -0.64 35.57
CA ASP A 130 27.97 0.32 36.58
C ASP A 130 28.91 0.28 37.77
N TYR A 131 29.45 1.44 38.13
CA TYR A 131 30.33 1.59 39.28
C TYR A 131 29.51 2.02 40.48
N VAL A 132 29.68 1.31 41.60
CA VAL A 132 29.02 1.63 42.86
C VAL A 132 30.10 2.03 43.85
N LEU A 133 29.98 3.24 44.38
CA LEU A 133 30.92 3.78 45.36
C LEU A 133 30.18 3.97 46.68
N PHE A 134 30.80 3.48 47.77
CA PHE A 134 30.25 3.66 49.11
C PHE A 134 31.32 4.24 50.01
N HIS A 135 30.96 5.28 50.75
CA HIS A 135 31.85 5.88 51.74
C HIS A 135 31.10 6.02 53.06
N HIS A 136 31.75 5.62 54.15
CA HIS A 136 31.13 5.71 55.47
C HIS A 136 31.11 7.14 56.01
N GLU A 137 32.02 8.00 55.56
CA GLU A 137 32.06 9.39 56.00
C GLU A 137 31.41 10.24 54.91
N GLY A 138 30.08 10.18 54.85
CA GLY A 138 29.33 10.90 53.85
C GLY A 138 29.12 12.36 54.18
N GLY A 139 27.96 12.90 53.83
CA GLY A 139 27.66 14.28 54.13
C GLY A 139 28.35 15.25 53.18
N VAL A 140 28.56 16.47 53.68
CA VAL A 140 29.16 17.54 52.91
C VAL A 140 30.66 17.63 53.14
N ASP A 141 31.27 16.59 53.69
CA ASP A 141 32.71 16.59 53.96
C ASP A 141 33.38 15.38 53.32
N VAL A 142 33.05 15.09 52.07
CA VAL A 142 33.59 13.94 51.37
C VAL A 142 34.78 14.36 50.52
N GLY A 143 34.74 15.57 49.97
CA GLY A 143 35.83 16.04 49.12
C GLY A 143 35.95 15.18 47.88
N ASP A 144 37.18 14.72 47.62
CA ASP A 144 37.45 13.84 46.48
C ASP A 144 37.06 12.42 46.86
N VAL A 145 36.03 11.89 46.21
CA VAL A 145 35.47 10.59 46.56
C VAL A 145 35.86 9.49 45.58
N ASP A 146 36.39 9.83 44.41
CA ASP A 146 36.74 8.82 43.41
C ASP A 146 37.82 7.88 43.94
N ALA A 147 38.84 8.42 44.59
CA ALA A 147 39.95 7.64 45.10
C ALA A 147 39.86 7.37 46.60
N LYS A 148 38.71 7.66 47.22
CA LYS A 148 38.53 7.49 48.65
C LYS A 148 37.53 6.40 49.00
N ALA A 149 36.34 6.44 48.41
CA ALA A 149 35.30 5.48 48.75
C ALA A 149 35.59 4.11 48.15
N GLN A 150 34.97 3.09 48.75
CA GLN A 150 35.07 1.75 48.20
C GLN A 150 34.30 1.67 46.88
N LYS A 151 34.97 1.21 45.83
CA LYS A 151 34.41 1.17 44.49
C LYS A 151 34.29 -0.27 44.02
N LEU A 152 33.14 -0.61 43.45
CA LEU A 152 32.87 -1.95 42.94
C LEU A 152 32.23 -1.85 41.56
N LEU A 153 32.63 -2.75 40.67
CA LEU A 153 32.16 -2.75 39.29
C LEU A 153 31.15 -3.88 39.08
N VAL A 154 29.99 -3.53 38.54
CA VAL A 154 29.00 -4.51 38.11
C VAL A 154 29.01 -4.52 36.59
N GLY A 155 29.33 -5.66 36.01
CA GLY A 155 29.45 -5.79 34.58
C GLY A 155 28.11 -5.61 33.87
N VAL A 156 28.19 -5.60 32.54
CA VAL A 156 27.00 -5.41 31.73
C VAL A 156 26.16 -6.68 31.79
N ASP A 157 24.86 -6.51 32.04
CA ASP A 157 23.89 -7.61 32.05
C ASP A 157 24.27 -8.68 33.08
N GLU A 158 24.60 -8.24 34.29
CA GLU A 158 24.86 -9.13 35.40
C GLU A 158 24.29 -8.53 36.67
N LYS A 159 24.01 -9.40 37.64
CA LYS A 159 23.36 -8.99 38.88
C LYS A 159 24.39 -8.62 39.94
N LEU A 160 23.93 -7.88 40.95
CA LEU A 160 24.75 -7.46 42.08
C LEU A 160 24.30 -8.27 43.29
N ASN A 161 25.08 -9.28 43.66
CA ASN A 161 24.75 -10.12 44.80
C ASN A 161 25.07 -9.38 46.10
N PRO A 162 24.23 -9.56 47.13
CA PRO A 162 24.52 -8.90 48.42
C PRO A 162 25.85 -9.33 49.03
N GLU A 163 26.32 -10.53 48.73
CA GLU A 163 27.58 -11.02 49.29
C GLU A 163 28.75 -10.15 48.83
N ASP A 164 28.75 -9.77 47.55
CA ASP A 164 29.76 -8.85 47.03
C ASP A 164 29.70 -7.52 47.76
N ILE A 165 28.50 -7.04 48.10
CA ILE A 165 28.37 -5.84 48.90
C ILE A 165 28.97 -6.07 50.28
N LYS A 166 28.80 -7.27 50.83
CA LYS A 166 29.34 -7.57 52.15
C LYS A 166 30.86 -7.48 52.17
N LYS A 167 31.54 -8.19 51.26
CA LYS A 167 32.97 -8.35 51.43
C LYS A 167 33.80 -7.24 50.78
N HIS A 168 33.21 -6.47 49.85
CA HIS A 168 33.95 -5.40 49.20
C HIS A 168 33.38 -4.03 49.51
N LEU A 169 32.09 -3.80 49.26
CA LEU A 169 31.53 -2.46 49.37
C LEU A 169 31.30 -2.04 50.81
N LEU A 170 31.06 -2.99 51.71
CA LEU A 170 30.69 -2.71 53.09
C LEU A 170 31.74 -3.38 54.00
N VAL A 171 32.84 -2.68 54.25
CA VAL A 171 33.93 -3.25 55.03
C VAL A 171 34.35 -2.24 56.11
N HIS A 172 33.90 -1.00 55.97
CA HIS A 172 34.15 0.06 56.94
C HIS A 172 32.86 0.58 57.56
N ALA A 173 31.96 -0.33 57.93
CA ALA A 173 30.70 0.03 58.53
C ALA A 173 30.39 -0.91 59.70
N PRO A 174 29.62 -0.45 60.68
CA PRO A 174 29.22 -1.34 61.79
C PRO A 174 28.30 -2.44 61.31
N GLU A 175 28.28 -3.53 62.10
CA GLU A 175 27.71 -4.79 61.63
C GLU A 175 26.21 -4.67 61.33
N ASP A 176 25.45 -4.05 62.25
CA ASP A 176 24.02 -3.90 62.01
C ASP A 176 23.75 -2.98 60.84
N LYS A 177 24.45 -1.84 60.80
CA LYS A 177 24.32 -0.95 59.66
C LYS A 177 24.87 -1.60 58.39
N LYS A 178 25.89 -2.45 58.53
CA LYS A 178 26.33 -3.25 57.38
C LYS A 178 25.19 -4.11 56.85
N GLU A 179 24.46 -4.79 57.74
CA GLU A 179 23.39 -5.67 57.31
C GLU A 179 22.27 -4.90 56.62
N ILE A 180 21.88 -3.75 57.19
CA ILE A 180 20.76 -3.01 56.59
C ILE A 180 21.18 -2.37 55.27
N LEU A 181 22.41 -1.83 55.21
CA LEU A 181 22.89 -1.26 53.96
C LEU A 181 23.09 -2.31 52.87
N ALA A 182 23.40 -3.56 53.26
CA ALA A 182 23.55 -4.60 52.26
C ALA A 182 22.27 -4.83 51.48
N SER A 183 21.12 -4.66 52.13
CA SER A 183 19.84 -4.78 51.42
C SER A 183 19.46 -3.48 50.74
N PHE A 184 19.73 -2.34 51.40
CA PHE A 184 19.35 -1.06 50.80
C PHE A 184 20.12 -0.79 49.51
N ILE A 185 21.41 -1.11 49.48
CA ILE A 185 22.21 -0.86 48.29
C ILE A 185 21.78 -1.78 47.15
N SER A 186 21.44 -3.03 47.47
CA SER A 186 20.93 -3.93 46.44
C SER A 186 19.62 -3.42 45.86
N GLY A 187 18.71 -2.96 46.73
CA GLY A 187 17.46 -2.39 46.24
C GLY A 187 17.69 -1.14 45.41
N LEU A 188 18.63 -0.30 45.84
CA LEU A 188 18.95 0.92 45.09
C LEU A 188 19.53 0.58 43.72
N PHE A 189 20.39 -0.43 43.64
CA PHE A 189 20.94 -0.82 42.35
C PHE A 189 19.86 -1.40 41.44
N ASN A 190 18.94 -2.18 42.01
CA ASN A 190 17.82 -2.68 41.21
C ASN A 190 16.96 -1.54 40.69
N PHE A 191 16.69 -0.55 41.54
CA PHE A 191 15.92 0.62 41.11
C PHE A 191 16.67 1.41 40.04
N TYR A 192 17.99 1.53 40.19
CA TYR A 192 18.82 2.23 39.22
C TYR A 192 18.79 1.55 37.86
N GLU A 193 18.86 0.22 37.86
CA GLU A 193 18.87 -0.52 36.59
C GLU A 193 17.49 -0.55 35.95
N ASP A 194 16.44 -0.71 36.75
CA ASP A 194 15.09 -0.86 36.21
C ASP A 194 14.59 0.44 35.57
N LEU A 195 14.94 1.59 36.13
CA LEU A 195 14.47 2.87 35.63
C LEU A 195 15.47 3.54 34.71
N TYR A 196 16.51 2.82 34.27
CA TYR A 196 17.48 3.32 33.30
C TYR A 196 18.15 4.61 33.75
N PHE A 197 18.50 4.66 35.03
CA PHE A 197 19.33 5.75 35.53
C PHE A 197 20.77 5.58 35.03
N THR A 198 21.42 6.71 34.74
CA THR A 198 22.84 6.69 34.41
C THR A 198 23.71 7.21 35.54
N TYR A 199 23.16 8.02 36.44
CA TYR A 199 23.89 8.55 37.58
C TYR A 199 22.92 8.71 38.73
N LEU A 200 23.32 8.28 39.92
CA LEU A 200 22.44 8.31 41.09
C LEU A 200 23.31 8.43 42.33
N GLU A 201 23.28 9.58 42.97
CA GLU A 201 24.12 9.87 44.13
C GLU A 201 23.23 10.25 45.31
N ILE A 202 23.36 9.51 46.41
CA ILE A 202 22.68 9.82 47.67
C ILE A 202 23.77 10.20 48.67
N ASN A 203 23.80 11.47 49.04
CA ASN A 203 24.81 12.00 49.95
C ASN A 203 24.27 13.23 50.66
N PRO A 204 24.04 13.18 51.99
CA PRO A 204 24.26 12.00 52.82
C PRO A 204 23.09 11.03 52.82
N LEU A 205 23.35 9.80 53.25
CA LEU A 205 22.33 8.77 53.44
C LEU A 205 22.36 8.35 54.90
N VAL A 206 21.30 8.67 55.63
CA VAL A 206 21.28 8.46 57.08
C VAL A 206 20.76 7.06 57.38
N VAL A 207 21.50 6.31 58.18
CA VAL A 207 21.07 5.00 58.65
C VAL A 207 21.17 4.99 60.17
N THR A 208 20.06 4.70 60.83
CA THR A 208 19.99 4.67 62.28
C THR A 208 19.05 3.54 62.69
N LYS A 209 18.66 3.54 63.96
CA LYS A 209 17.75 2.51 64.47
C LYS A 209 16.38 2.58 63.80
N ASP A 210 15.93 3.78 63.44
CA ASP A 210 14.59 3.92 62.88
C ASP A 210 14.50 3.35 61.47
N GLY A 211 15.48 3.63 60.63
CA GLY A 211 15.44 3.11 59.26
C GLY A 211 16.40 3.87 58.36
N VAL A 212 16.07 3.87 57.06
CA VAL A 212 16.90 4.47 56.02
C VAL A 212 16.30 5.81 55.64
N TYR A 213 17.15 6.83 55.60
CA TYR A 213 16.74 8.21 55.34
C TYR A 213 17.53 8.75 54.16
N VAL A 214 16.82 9.22 53.14
CA VAL A 214 17.41 9.78 51.92
C VAL A 214 17.16 11.28 51.97
N LEU A 215 18.18 12.05 52.34
CA LEU A 215 18.05 13.49 52.44
C LEU A 215 18.31 14.18 51.11
N ASP A 216 19.38 13.79 50.42
CA ASP A 216 19.75 14.38 49.13
C ASP A 216 19.81 13.30 48.07
N LEU A 217 19.59 13.69 46.82
CA LEU A 217 19.62 12.75 45.71
C LEU A 217 19.88 13.53 44.43
N ALA A 218 21.02 13.28 43.80
CA ALA A 218 21.35 13.86 42.50
C ALA A 218 21.28 12.75 41.46
N ALA A 219 20.45 12.91 40.45
CA ALA A 219 20.20 11.84 39.50
C ALA A 219 20.21 12.36 38.08
N LYS A 220 20.88 11.61 37.20
CA LYS A 220 20.82 11.81 35.76
C LYS A 220 20.30 10.52 35.13
N VAL A 221 19.27 10.64 34.30
CA VAL A 221 18.60 9.48 33.74
C VAL A 221 18.74 9.54 32.21
N ASP A 222 18.63 8.37 31.59
CA ASP A 222 18.75 8.25 30.14
C ASP A 222 17.41 8.60 29.51
N ALA A 223 17.33 9.78 28.89
CA ALA A 223 16.06 10.23 28.31
C ALA A 223 15.64 9.37 27.13
N THR A 224 16.61 8.86 26.36
CA THR A 224 16.27 8.06 25.19
C THR A 224 15.54 6.78 25.55
N ALA A 225 15.61 6.36 26.81
CA ALA A 225 14.88 5.19 27.28
C ALA A 225 13.44 5.52 27.68
N ASP A 226 12.93 6.67 27.25
CA ASP A 226 11.58 7.06 27.64
CA ASP A 226 11.58 7.06 27.64
C ASP A 226 10.55 6.04 27.15
N TYR A 227 10.70 5.56 25.91
CA TYR A 227 9.77 4.58 25.36
C TYR A 227 9.78 3.29 26.17
N ILE A 228 10.79 3.06 27.00
CA ILE A 228 10.82 1.90 27.87
C ILE A 228 10.18 2.21 29.22
N CYS A 229 10.34 3.43 29.73
CA CYS A 229 10.02 3.71 31.13
C CYS A 229 8.98 4.80 31.32
N LYS A 230 8.28 5.23 30.26
CA LYS A 230 7.32 6.32 30.40
C LYS A 230 6.24 5.96 31.42
N VAL A 231 5.78 4.71 31.43
CA VAL A 231 4.77 4.29 32.39
C VAL A 231 5.29 4.47 33.81
N LYS A 232 6.55 4.13 34.05
CA LYS A 232 7.16 4.30 35.36
C LYS A 232 7.75 5.69 35.55
N TRP A 233 7.65 6.57 34.55
CA TRP A 233 8.13 7.94 34.69
C TRP A 233 7.01 8.95 34.74
N GLY A 234 5.82 8.63 34.24
CA GLY A 234 4.75 9.61 34.19
C GLY A 234 5.15 10.78 33.32
N ASP A 235 4.91 11.99 33.81
CA ASP A 235 5.33 13.21 33.13
C ASP A 235 6.59 13.72 33.84
N ILE A 236 7.71 13.14 33.45
CA ILE A 236 9.00 13.49 34.03
C ILE A 236 9.48 14.80 33.41
N GLU A 237 10.15 15.62 34.23
CA GLU A 237 10.69 16.88 33.78
C GLU A 237 12.21 16.86 33.89
N PHE A 238 12.86 17.58 32.97
CA PHE A 238 14.32 17.68 32.93
C PHE A 238 14.68 19.15 33.09
N PRO A 239 14.90 19.61 34.32
CA PRO A 239 15.19 21.03 34.54
C PRO A 239 16.48 21.43 33.85
N PRO A 240 16.53 22.65 33.30
CA PRO A 240 17.77 23.15 32.72
C PRO A 240 18.78 23.45 33.81
N PRO A 241 20.06 23.53 33.47
CA PRO A 241 21.07 23.87 34.48
C PRO A 241 20.84 25.28 35.01
N PHE A 242 21.28 25.49 36.25
CA PHE A 242 21.04 26.76 36.92
C PHE A 242 21.71 27.90 36.16
N GLY A 243 20.97 28.98 35.96
CA GLY A 243 21.44 30.11 35.18
C GLY A 243 20.28 30.88 34.58
N ARG A 244 20.35 31.14 33.28
CA ARG A 244 19.30 31.86 32.57
C ARG A 244 18.37 30.86 31.89
N GLU A 245 17.07 31.03 32.10
CA GLU A 245 16.09 30.15 31.50
C GLU A 245 16.01 30.35 30.00
N ALA A 246 15.54 29.32 29.30
CA ALA A 246 15.46 29.38 27.85
C ALA A 246 14.46 30.43 27.39
N TYR A 247 14.77 31.08 26.28
CA TYR A 247 13.88 32.07 25.70
C TYR A 247 12.63 31.38 25.14
N PRO A 248 11.52 32.12 25.01
CA PRO A 248 10.34 31.53 24.35
C PRO A 248 10.64 31.06 22.93
N GLU A 249 11.49 31.77 22.21
CA GLU A 249 11.94 31.30 20.89
C GLU A 249 12.98 30.20 21.02
N GLU A 250 13.79 30.23 22.08
CA GLU A 250 14.78 29.19 22.29
C GLU A 250 14.14 27.86 22.68
N ALA A 251 13.05 27.90 23.44
CA ALA A 251 12.37 26.68 23.85
C ALA A 251 11.50 26.08 22.75
N TYR A 252 11.29 26.79 21.64
CA TYR A 252 10.45 26.29 20.56
C TYR A 252 11.12 25.14 19.82
N ILE A 253 12.44 25.23 19.62
CA ILE A 253 13.16 24.14 18.98
C ILE A 253 13.14 22.89 19.85
N ALA A 254 12.95 23.04 21.15
CA ALA A 254 12.85 21.88 22.03
C ALA A 254 11.65 21.02 21.67
N ASP A 255 10.49 21.64 21.41
CA ASP A 255 9.33 20.86 21.00
C ASP A 255 9.36 20.53 19.52
N LEU A 256 10.06 21.31 18.68
CA LEU A 256 10.25 20.84 17.30
C LEU A 256 11.12 19.60 17.24
N ASP A 257 12.05 19.45 18.18
CA ASP A 257 12.95 18.30 18.16
C ASP A 257 12.20 16.99 18.43
N ALA A 258 11.12 17.06 19.21
CA ALA A 258 10.35 15.85 19.53
C ALA A 258 9.35 15.50 18.46
N LYS A 259 9.11 16.38 17.47
CA LYS A 259 8.13 16.07 16.43
C LYS A 259 8.62 14.94 15.53
N SER A 260 9.89 14.97 15.12
CA SER A 260 10.43 13.99 14.19
C SER A 260 11.81 13.56 14.67
N GLY A 261 12.45 12.69 13.88
CA GLY A 261 13.79 12.24 14.18
C GLY A 261 14.88 13.25 13.86
N ALA A 262 14.54 14.34 13.18
CA ALA A 262 15.52 15.37 12.88
C ALA A 262 15.97 16.06 14.17
N SER A 263 17.25 16.41 14.22
CA SER A 263 17.83 17.07 15.38
C SER A 263 17.80 18.58 15.17
N LEU A 264 17.21 19.31 16.11
CA LEU A 264 17.09 20.76 16.04
C LEU A 264 17.58 21.34 17.37
N LYS A 265 18.80 21.85 17.40
CA LYS A 265 19.38 22.42 18.60
C LYS A 265 19.66 23.90 18.39
N LEU A 266 19.41 24.70 19.42
CA LEU A 266 19.63 26.14 19.34
C LEU A 266 19.80 26.67 20.75
N THR A 267 20.91 27.36 21.01
CA THR A 267 21.21 27.91 22.32
C THR A 267 21.66 29.36 22.16
N LEU A 268 21.10 30.24 22.98
CA LEU A 268 21.37 31.67 22.94
C LEU A 268 22.34 32.06 24.03
N LEU A 269 23.34 32.87 23.67
CA LEU A 269 24.26 33.45 24.66
C LEU A 269 24.03 34.94 24.85
N ASN A 270 23.99 35.70 23.75
CA ASN A 270 23.69 37.12 23.80
C ASN A 270 22.99 37.55 22.52
N PRO A 271 21.68 37.80 22.57
CA PRO A 271 20.98 38.29 21.37
C PRO A 271 21.54 39.58 20.80
N LYS A 272 22.42 40.28 21.53
CA LYS A 272 22.99 41.54 21.06
C LYS A 272 24.15 41.35 20.10
N GLY A 273 24.59 40.11 19.87
CA GLY A 273 25.70 39.88 18.97
C GLY A 273 25.32 40.08 17.51
N ARG A 274 26.35 40.10 16.67
CA ARG A 274 26.17 40.30 15.23
C ARG A 274 26.14 39.00 14.44
N ILE A 275 27.04 38.06 14.73
CA ILE A 275 27.11 36.83 13.96
C ILE A 275 26.07 35.84 14.49
N TRP A 276 25.19 35.39 13.61
CA TRP A 276 24.18 34.39 13.91
C TRP A 276 24.39 33.20 12.99
N THR A 277 24.47 32.01 13.56
CA THR A 277 24.83 30.80 12.82
C THR A 277 23.61 29.91 12.64
N MET A 278 23.41 29.43 11.42
CA MET A 278 22.38 28.46 11.07
C MET A 278 23.02 27.26 10.38
N VAL A 279 24.09 26.74 10.99
CA VAL A 279 24.89 25.69 10.39
C VAL A 279 24.15 24.36 10.46
N ALA A 280 24.24 23.58 9.38
CA ALA A 280 23.68 22.24 9.34
C ALA A 280 24.73 21.22 9.74
N GLY A 281 24.38 20.36 10.68
CA GLY A 281 25.33 19.37 11.19
C GLY A 281 25.89 19.74 12.54
N GLY A 282 25.79 18.83 13.51
CA GLY A 282 26.32 19.10 14.84
C GLY A 282 27.82 19.32 14.83
N GLY A 283 28.55 18.42 14.17
CA GLY A 283 29.98 18.60 14.05
C GLY A 283 30.33 19.85 13.27
N ALA A 284 29.60 20.11 12.18
CA ALA A 284 29.84 21.32 11.40
C ALA A 284 29.56 22.57 12.22
N SER A 285 28.48 22.55 13.00
CA SER A 285 28.16 23.70 13.85
C SER A 285 29.25 23.93 14.89
N VAL A 286 29.76 22.85 15.49
CA VAL A 286 30.84 23.00 16.46
C VAL A 286 32.07 23.58 15.80
N VAL A 287 32.44 23.05 14.62
CA VAL A 287 33.61 23.56 13.90
C VAL A 287 33.44 25.03 13.59
N TYR A 288 32.24 25.42 13.15
CA TYR A 288 31.99 26.84 12.84
C TYR A 288 32.14 27.70 14.09
N SER A 289 31.66 27.20 15.24
CA SER A 289 31.79 27.95 16.48
C SER A 289 33.25 28.15 16.87
N ASP A 290 34.05 27.08 16.78
CA ASP A 290 35.48 27.24 17.08
C ASP A 290 36.17 28.16 16.10
N THR A 291 35.77 28.12 14.82
CA THR A 291 36.41 29.01 13.85
C THR A 291 36.05 30.48 14.10
N ILE A 292 34.79 30.76 14.45
CA ILE A 292 34.43 32.14 14.73
C ILE A 292 35.10 32.62 16.01
N CYS A 293 35.24 31.74 17.01
CA CYS A 293 35.92 32.13 18.23
C CYS A 293 37.43 32.24 18.04
N ASP A 294 37.98 31.59 17.01
CA ASP A 294 39.43 31.56 16.81
C ASP A 294 39.96 32.87 16.25
N LEU A 295 39.16 33.58 15.47
CA LEU A 295 39.60 34.78 14.76
C LEU A 295 38.71 35.98 15.09
N GLY A 296 38.38 36.17 16.37
CA GLY A 296 37.69 37.36 16.81
C GLY A 296 36.18 37.25 16.88
N GLY A 297 35.68 36.24 17.60
CA GLY A 297 34.26 36.11 17.81
C GLY A 297 33.92 35.66 19.21
N VAL A 298 34.83 35.89 20.15
CA VAL A 298 34.63 35.43 21.53
C VAL A 298 33.42 36.13 22.15
N ASN A 299 33.47 37.45 22.24
CA ASN A 299 32.37 38.24 22.79
C ASN A 299 31.38 38.67 21.72
N GLU A 300 31.56 38.26 20.47
CA GLU A 300 30.75 38.71 19.36
C GLU A 300 29.69 37.71 18.92
N LEU A 301 29.87 36.43 19.22
CA LEU A 301 28.91 35.42 18.81
C LEU A 301 27.60 35.57 19.59
N ALA A 302 26.50 35.27 18.90
CA ALA A 302 25.16 35.40 19.47
C ALA A 302 24.51 34.07 19.83
N ASN A 303 24.69 33.05 19.00
CA ASN A 303 24.01 31.78 19.23
C ASN A 303 24.86 30.63 18.71
N TYR A 304 24.52 29.42 19.14
CA TYR A 304 25.10 28.21 18.58
C TYR A 304 24.01 27.16 18.43
N GLY A 305 23.99 26.49 17.30
CA GLY A 305 22.93 25.51 17.06
C GLY A 305 23.16 24.79 15.73
N GLU A 306 22.29 23.83 15.49
CA GLU A 306 22.41 22.97 14.31
C GLU A 306 21.06 22.33 13.99
N TYR A 307 20.93 21.89 12.73
CA TYR A 307 19.81 21.09 12.30
C TYR A 307 20.34 19.93 11.47
N SER A 308 19.90 18.72 11.81
CA SER A 308 20.40 17.49 11.19
C SER A 308 19.26 16.49 11.15
N GLY A 309 19.59 15.25 10.75
CA GLY A 309 18.59 14.21 10.65
C GLY A 309 17.62 14.38 9.50
N ALA A 310 18.01 15.10 8.45
CA ALA A 310 17.20 15.38 7.28
C ALA A 310 15.90 16.08 7.69
N PRO A 311 15.96 17.34 8.13
CA PRO A 311 14.73 18.05 8.48
C PRO A 311 13.88 18.32 7.25
N SER A 312 12.58 18.39 7.47
CA SER A 312 11.63 18.59 6.38
C SER A 312 11.52 20.07 6.03
N GLU A 313 10.61 20.37 5.10
CA GLU A 313 10.39 21.76 4.69
C GLU A 313 9.86 22.60 5.85
N GLN A 314 8.80 22.14 6.50
CA GLN A 314 8.17 22.93 7.56
C GLN A 314 9.12 23.11 8.74
N GLN A 315 9.84 22.05 9.12
CA GLN A 315 10.74 22.15 10.27
C GLN A 315 11.87 23.15 10.00
N THR A 316 12.46 23.07 8.81
CA THR A 316 13.52 24.01 8.46
C THR A 316 12.98 25.44 8.39
N TYR A 317 11.77 25.61 7.84
CA TYR A 317 11.18 26.94 7.79
C TYR A 317 10.93 27.50 9.19
N ASP A 318 10.44 26.67 10.10
CA ASP A 318 10.23 27.13 11.47
C ASP A 318 11.55 27.50 12.13
N TYR A 319 12.59 26.68 11.94
CA TYR A 319 13.89 27.00 12.52
C TYR A 319 14.42 28.32 11.98
N ALA A 320 14.32 28.52 10.66
CA ALA A 320 14.82 29.75 10.05
C ALA A 320 14.03 30.97 10.51
N LYS A 321 12.70 30.86 10.58
CA LYS A 321 11.91 32.01 11.02
C LYS A 321 12.17 32.32 12.49
N THR A 322 12.38 31.30 13.31
CA THR A 322 12.70 31.52 14.72
C THR A 322 14.03 32.23 14.86
N ILE A 323 15.04 31.78 14.12
CA ILE A 323 16.36 32.39 14.26
C ILE A 323 16.35 33.81 13.70
N LEU A 324 15.61 34.06 12.63
CA LEU A 324 15.51 35.41 12.09
C LEU A 324 14.77 36.34 13.04
N SER A 325 13.69 35.86 13.65
CA SER A 325 12.95 36.67 14.62
C SER A 325 13.83 37.01 15.81
N LEU A 326 14.60 36.03 16.30
CA LEU A 326 15.54 36.32 17.39
C LEU A 326 16.63 37.28 16.94
N MET A 327 17.03 37.20 15.67
CA MET A 327 18.06 38.07 15.14
C MET A 327 17.61 39.53 15.09
N THR A 328 16.36 39.76 14.68
CA THR A 328 15.88 41.11 14.39
C THR A 328 15.50 41.92 15.63
N ARG A 329 15.52 41.33 16.82
CA ARG A 329 15.05 42.02 18.03
C ARG A 329 15.93 43.20 18.45
N GLU A 330 16.98 43.55 17.72
CA GLU A 330 17.80 44.68 18.11
C GLU A 330 18.43 45.31 16.87
N LYS A 331 18.82 46.57 17.01
CA LYS A 331 19.41 47.36 15.94
C LYS A 331 20.88 47.59 16.27
N HIS A 332 21.76 46.79 15.66
CA HIS A 332 23.19 46.92 15.89
C HIS A 332 23.76 47.99 14.96
N PRO A 333 24.44 49.01 15.50
CA PRO A 333 25.01 50.04 14.62
C PRO A 333 26.00 49.50 13.61
N ASP A 334 26.79 48.49 13.99
CA ASP A 334 27.80 47.95 13.08
C ASP A 334 27.20 47.07 11.99
N GLY A 335 26.12 46.37 12.30
CA GLY A 335 25.50 45.44 11.37
C GLY A 335 25.37 44.05 11.96
N LYS A 336 24.88 43.13 11.14
CA LYS A 336 24.68 41.75 11.56
C LYS A 336 25.12 40.79 10.46
N ILE A 337 25.54 39.61 10.87
CA ILE A 337 26.00 38.57 9.95
C ILE A 337 25.23 37.29 10.24
N LEU A 338 24.68 36.69 9.19
CA LEU A 338 24.05 35.37 9.27
C LEU A 338 24.91 34.39 8.48
N ILE A 339 25.22 33.26 9.11
CA ILE A 339 26.13 32.26 8.54
C ILE A 339 25.34 30.97 8.41
N ILE A 340 24.95 30.62 7.18
CA ILE A 340 24.33 29.33 6.91
C ILE A 340 25.45 28.44 6.39
N GLY A 341 26.13 27.78 7.32
CA GLY A 341 27.21 26.88 7.01
C GLY A 341 26.73 25.44 6.92
N GLY A 342 27.67 24.53 7.11
CA GLY A 342 27.36 23.11 7.10
C GLY A 342 28.24 22.35 6.12
N SER A 343 28.58 21.12 6.48
CA SER A 343 29.36 20.25 5.62
C SER A 343 28.48 19.64 4.54
N ILE A 344 29.07 18.78 3.72
CA ILE A 344 28.31 18.09 2.68
C ILE A 344 27.42 17.04 3.34
N ALA A 345 26.13 17.08 3.02
CA ALA A 345 25.18 16.16 3.64
C ALA A 345 25.23 14.80 2.96
N ASN A 346 24.96 13.77 3.75
CA ASN A 346 24.85 12.41 3.23
C ASN A 346 23.40 12.04 2.90
N PHE A 347 22.46 12.50 3.70
CA PHE A 347 21.06 12.09 3.57
C PHE A 347 20.14 13.30 3.56
N THR A 348 20.57 14.40 4.18
CA THR A 348 19.74 15.59 4.28
C THR A 348 19.60 16.25 2.91
N ASN A 349 18.35 16.45 2.49
CA ASN A 349 18.08 17.08 1.20
C ASN A 349 18.37 18.57 1.30
N VAL A 350 19.41 19.02 0.60
CA VAL A 350 19.80 20.43 0.67
C VAL A 350 18.71 21.31 0.06
N ALA A 351 18.11 20.87 -1.05
CA ALA A 351 17.03 21.64 -1.66
C ALA A 351 15.84 21.76 -0.73
N ALA A 352 15.48 20.66 -0.05
CA ALA A 352 14.35 20.70 0.87
C ALA A 352 14.63 21.54 2.10
N THR A 353 15.90 21.65 2.50
CA THR A 353 16.27 22.49 3.63
C THR A 353 16.66 23.89 3.22
N PHE A 354 16.63 24.21 1.93
CA PHE A 354 16.92 25.55 1.45
C PHE A 354 15.71 26.27 0.87
N LYS A 355 14.74 25.55 0.32
CA LYS A 355 13.47 26.18 -0.04
C LYS A 355 12.79 26.77 1.19
N GLY A 356 12.86 26.06 2.32
CA GLY A 356 12.36 26.63 3.56
C GLY A 356 13.11 27.88 3.97
N ILE A 357 14.43 27.89 3.77
CA ILE A 357 15.23 29.07 4.11
C ILE A 357 14.82 30.25 3.24
N VAL A 358 14.65 30.03 1.94
CA VAL A 358 14.27 31.13 1.06
C VAL A 358 12.86 31.60 1.36
N ARG A 359 11.97 30.68 1.75
CA ARG A 359 10.62 31.10 2.15
C ARG A 359 10.66 31.94 3.42
N ALA A 360 11.51 31.56 4.37
CA ALA A 360 11.61 32.30 5.63
C ALA A 360 12.32 33.63 5.49
N ILE A 361 13.18 33.78 4.48
CA ILE A 361 13.85 35.07 4.24
C ILE A 361 13.14 35.92 3.21
N ARG A 362 12.16 35.38 2.49
CA ARG A 362 11.39 36.13 1.51
C ARG A 362 10.18 36.81 2.13
N ASP A 363 9.52 36.16 3.08
CA ASP A 363 8.43 36.79 3.81
C ASP A 363 8.94 37.73 4.89
N TYR A 364 10.12 37.46 5.44
CA TYR A 364 10.67 38.24 6.55
C TYR A 364 11.60 39.33 6.02
N GLN A 365 11.05 40.17 5.14
CA GLN A 365 11.84 41.23 4.52
C GLN A 365 11.75 42.56 5.28
N GLY A 366 10.62 42.82 5.93
CA GLY A 366 10.39 44.10 6.57
C GLY A 366 11.42 44.48 7.61
N PRO A 367 11.45 43.75 8.73
CA PRO A 367 12.35 44.11 9.82
C PRO A 367 13.72 43.46 9.74
N LEU A 368 14.07 42.92 8.58
CA LEU A 368 15.37 42.28 8.38
C LEU A 368 16.28 43.09 7.46
N LYS A 369 15.82 44.22 6.95
CA LYS A 369 16.61 45.02 6.01
C LYS A 369 17.29 46.21 6.66
N GLU A 370 16.69 46.80 7.70
CA GLU A 370 17.31 47.95 8.34
C GLU A 370 18.54 47.59 9.15
N HIS A 371 18.68 46.33 9.56
CA HIS A 371 19.86 45.90 10.31
C HIS A 371 21.08 45.73 9.42
N GLU A 372 20.93 45.81 8.10
CA GLU A 372 22.02 45.62 7.15
C GLU A 372 22.72 44.28 7.38
N VAL A 373 21.92 43.22 7.33
CA VAL A 373 22.42 41.88 7.58
C VAL A 373 23.10 41.34 6.33
N THR A 374 24.24 40.69 6.53
CA THR A 374 24.99 40.06 5.45
C THR A 374 24.96 38.55 5.66
N ILE A 375 24.54 37.81 4.64
CA ILE A 375 24.34 36.38 4.73
C ILE A 375 25.42 35.68 3.92
N PHE A 376 26.08 34.70 4.53
CA PHE A 376 27.09 33.88 3.87
C PHE A 376 26.65 32.42 3.96
N VAL A 377 26.54 31.78 2.80
CA VAL A 377 25.98 30.44 2.71
C VAL A 377 26.99 29.52 2.06
N ARG A 378 27.27 28.39 2.72
CA ARG A 378 28.13 27.33 2.19
C ARG A 378 27.50 26.00 2.56
N ARG A 379 27.00 25.29 1.55
CA ARG A 379 26.32 24.02 1.79
C ARG A 379 26.57 23.08 0.63
N GLY A 380 26.67 21.79 0.96
CA GLY A 380 26.76 20.75 -0.05
C GLY A 380 25.92 19.57 0.36
N GLY A 381 25.71 18.66 -0.60
CA GLY A 381 24.95 17.46 -0.34
C GLY A 381 23.92 17.17 -1.42
N PRO A 382 22.92 16.38 -1.07
CA PRO A 382 21.88 16.03 -2.06
C PRO A 382 21.13 17.26 -2.56
N ASN A 383 21.10 17.41 -3.88
CA ASN A 383 20.43 18.53 -4.54
C ASN A 383 20.97 19.88 -4.04
N TYR A 384 22.28 19.94 -3.83
CA TYR A 384 22.87 21.16 -3.28
C TYR A 384 22.98 22.27 -4.32
N GLN A 385 23.28 21.92 -5.57
CA GLN A 385 23.47 22.95 -6.59
C GLN A 385 22.16 23.68 -6.88
N GLU A 386 21.05 22.94 -7.00
CA GLU A 386 19.77 23.59 -7.28
C GLU A 386 19.32 24.45 -6.10
N GLY A 387 19.52 23.96 -4.87
CA GLY A 387 19.16 24.77 -3.72
C GLY A 387 20.00 26.02 -3.60
N LEU A 388 21.30 25.91 -3.86
CA LEU A 388 22.17 27.08 -3.82
C LEU A 388 21.78 28.10 -4.87
N ARG A 389 21.51 27.64 -6.10
CA ARG A 389 21.12 28.58 -7.15
C ARG A 389 19.77 29.22 -6.85
N VAL A 390 18.82 28.43 -6.31
CA VAL A 390 17.51 28.97 -5.95
C VAL A 390 17.65 30.04 -4.88
N MET A 391 18.47 29.78 -3.86
CA MET A 391 18.59 30.77 -2.80
C MET A 391 19.36 31.99 -3.27
N GLY A 392 20.31 31.81 -4.20
CA GLY A 392 21.01 32.95 -4.75
C GLY A 392 20.08 33.86 -5.55
N GLU A 393 19.24 33.26 -6.40
CA GLU A 393 18.30 34.07 -7.17
C GLU A 393 17.26 34.71 -6.26
N VAL A 394 16.81 33.99 -5.22
CA VAL A 394 15.89 34.58 -4.26
C VAL A 394 16.53 35.80 -3.59
N GLY A 395 17.80 35.67 -3.18
CA GLY A 395 18.48 36.79 -2.57
C GLY A 395 18.67 37.96 -3.51
N LYS A 396 18.93 37.68 -4.79
CA LYS A 396 19.14 38.78 -5.73
C LYS A 396 17.83 39.51 -6.03
N THR A 397 16.69 38.79 -6.05
CA THR A 397 15.41 39.49 -6.19
C THR A 397 15.06 40.28 -4.92
N THR A 398 15.28 39.68 -3.74
CA THR A 398 14.97 40.40 -2.50
C THR A 398 15.91 41.58 -2.27
N GLY A 399 17.15 41.49 -2.76
CA GLY A 399 18.11 42.55 -2.59
C GLY A 399 19.00 42.42 -1.38
N ILE A 400 18.70 41.50 -0.47
CA ILE A 400 19.58 41.26 0.69
C ILE A 400 20.90 40.70 0.19
N PRO A 401 22.06 41.19 0.67
CA PRO A 401 23.33 40.69 0.16
C PRO A 401 23.67 39.30 0.69
N ILE A 402 23.57 38.29 -0.17
CA ILE A 402 23.84 36.91 0.17
C ILE A 402 24.97 36.40 -0.72
N HIS A 403 26.01 35.85 -0.08
CA HIS A 403 27.15 35.29 -0.79
C HIS A 403 27.07 33.77 -0.74
N VAL A 404 26.90 33.14 -1.90
CA VAL A 404 26.68 31.70 -2.01
C VAL A 404 27.96 31.04 -2.50
N PHE A 405 28.41 30.02 -1.78
CA PHE A 405 29.58 29.26 -2.17
C PHE A 405 29.30 27.77 -2.02
N GLY A 406 29.87 26.97 -2.92
CA GLY A 406 29.66 25.54 -2.93
C GLY A 406 30.76 24.79 -2.22
N THR A 407 30.88 23.51 -2.56
CA THR A 407 31.91 22.66 -1.96
C THR A 407 33.30 22.93 -2.51
N GLU A 408 33.42 23.73 -3.57
CA GLU A 408 34.74 24.04 -4.12
C GLU A 408 35.59 24.86 -3.17
N THR A 409 34.97 25.61 -2.27
CA THR A 409 35.69 26.41 -1.29
C THR A 409 35.72 25.69 0.06
N HIS A 410 36.61 26.16 0.93
CA HIS A 410 36.70 25.60 2.27
C HIS A 410 35.42 25.88 3.05
N MET A 411 35.03 24.90 3.88
CA MET A 411 33.78 25.03 4.62
C MET A 411 33.86 26.18 5.63
N THR A 412 35.03 26.42 6.21
CA THR A 412 35.19 27.45 7.23
C THR A 412 35.71 28.76 6.67
N ALA A 413 36.00 28.84 5.37
CA ALA A 413 36.41 30.11 4.78
C ALA A 413 35.28 31.13 4.75
N ILE A 414 34.04 30.66 4.83
CA ILE A 414 32.88 31.56 4.86
C ILE A 414 32.98 32.49 6.05
N VAL A 415 33.43 31.96 7.20
CA VAL A 415 33.59 32.78 8.41
C VAL A 415 34.65 33.85 8.18
N GLY A 416 35.78 33.47 7.57
CA GLY A 416 36.83 34.42 7.33
C GLY A 416 36.40 35.55 6.41
N MET A 417 35.67 35.22 5.34
CA MET A 417 35.14 36.28 4.48
C MET A 417 34.06 37.10 5.18
N ALA A 418 33.31 36.48 6.09
CA ALA A 418 32.30 37.22 6.84
C ALA A 418 32.92 38.27 7.75
N LEU A 419 33.98 37.91 8.46
CA LEU A 419 34.62 38.84 9.38
C LEU A 419 35.62 39.76 8.69
N GLY A 420 35.83 39.61 7.39
CA GLY A 420 36.65 40.52 6.62
C GLY A 420 38.13 40.22 6.61
N HIS A 421 38.58 39.14 7.26
CA HIS A 421 40.00 38.81 7.24
C HIS A 421 40.48 38.42 5.86
N ARG A 422 39.59 37.89 5.03
CA ARG A 422 39.94 37.49 3.67
C ARG A 422 38.91 38.03 2.69
N PRO A 423 39.31 38.33 1.45
CA PRO A 423 38.38 38.95 0.51
C PRO A 423 37.28 38.00 0.09
N ILE A 424 36.14 38.58 -0.29
CA ILE A 424 34.98 37.84 -0.76
C ILE A 424 35.01 37.83 -2.29
N PRO A 425 35.14 36.67 -2.94
CA PRO A 425 35.15 36.56 -4.40
C PRO A 425 33.86 37.04 -5.03
N GLY A 487 38.14 -11.51 18.67
CA GLY A 487 38.66 -11.87 17.36
C GLY A 487 38.18 -10.94 16.26
N LYS A 488 38.30 -9.63 16.49
CA LYS A 488 37.90 -8.66 15.49
C LYS A 488 38.89 -8.63 14.33
N SER A 489 38.35 -8.45 13.13
CA SER A 489 39.14 -8.51 11.91
C SER A 489 39.69 -7.13 11.56
N THR A 490 40.93 -7.11 11.06
CA THR A 490 41.54 -5.85 10.65
C THR A 490 40.91 -5.32 9.37
N THR A 491 40.42 -6.20 8.50
CA THR A 491 39.79 -5.82 7.25
C THR A 491 38.29 -6.10 7.36
N LEU A 492 37.48 -5.06 7.20
CA LEU A 492 36.03 -5.17 7.31
C LEU A 492 35.34 -5.34 5.97
N PHE A 493 35.84 -4.70 4.92
CA PHE A 493 35.18 -4.68 3.63
C PHE A 493 36.21 -4.90 2.52
N SER A 494 35.72 -5.40 1.39
CA SER A 494 36.54 -5.65 0.22
C SER A 494 35.67 -5.55 -1.02
N ARG A 495 36.28 -5.82 -2.18
CA ARG A 495 35.54 -5.79 -3.43
C ARG A 495 34.52 -6.92 -3.54
N HIS A 496 34.71 -8.01 -2.79
CA HIS A 496 33.80 -9.14 -2.81
C HIS A 496 32.91 -9.18 -1.58
N THR A 497 32.92 -8.14 -0.77
CA THR A 497 32.10 -8.12 0.44
C THR A 497 30.62 -8.01 0.08
N LYS A 498 29.80 -8.87 0.68
CA LYS A 498 28.37 -8.85 0.48
C LYS A 498 27.67 -8.68 1.82
N ALA A 499 26.59 -7.90 1.79
CA ALA A 499 25.89 -7.46 2.99
C ALA A 499 24.40 -7.70 2.86
N ILE A 500 23.74 -7.83 4.00
CA ILE A 500 22.29 -7.90 4.10
C ILE A 500 21.81 -6.62 4.76
N VAL A 501 20.84 -5.97 4.15
CA VAL A 501 20.27 -4.73 4.66
C VAL A 501 18.97 -5.07 5.39
N TRP A 502 18.92 -4.78 6.69
CA TRP A 502 17.73 -5.01 7.50
C TRP A 502 16.85 -3.77 7.40
N GLY A 503 15.68 -3.92 6.79
CA GLY A 503 14.74 -2.83 6.60
C GLY A 503 14.50 -2.56 5.13
N MET A 504 13.43 -1.80 4.89
CA MET A 504 13.01 -1.40 3.55
C MET A 504 13.62 -0.04 3.24
N GLN A 505 14.86 -0.05 2.74
CA GLN A 505 15.57 1.16 2.34
C GLN A 505 15.94 1.01 0.87
N THR A 506 15.00 1.36 -0.01
CA THR A 506 15.24 1.23 -1.44
C THR A 506 16.26 2.25 -1.93
N ARG A 507 16.15 3.49 -1.47
CA ARG A 507 17.08 4.53 -1.91
C ARG A 507 18.51 4.22 -1.48
N ALA A 508 18.69 3.78 -0.24
CA ALA A 508 20.04 3.47 0.24
C ALA A 508 20.64 2.30 -0.52
N VAL A 509 19.86 1.24 -0.77
CA VAL A 509 20.37 0.10 -1.49
C VAL A 509 20.71 0.48 -2.94
N GLN A 510 19.87 1.31 -3.56
CA GLN A 510 20.16 1.74 -4.92
C GLN A 510 21.42 2.60 -4.97
N GLY A 511 21.61 3.48 -3.98
CA GLY A 511 22.84 4.24 -3.92
C GLY A 511 24.06 3.35 -3.73
N MET A 512 23.92 2.31 -2.90
CA MET A 512 24.99 1.35 -2.73
C MET A 512 25.31 0.65 -4.04
N LEU A 513 24.30 0.26 -4.80
CA LEU A 513 24.52 -0.42 -6.07
C LEU A 513 25.17 0.51 -7.08
N ASP A 514 24.76 1.78 -7.11
CA ASP A 514 25.41 2.75 -7.99
C ASP A 514 26.88 2.92 -7.62
N PHE A 515 27.17 3.01 -6.31
CA PHE A 515 28.56 3.10 -5.87
C PHE A 515 29.35 1.87 -6.29
N ASP A 516 28.77 0.68 -6.13
CA ASP A 516 29.45 -0.54 -6.56
C ASP A 516 29.73 -0.53 -8.06
N TYR A 517 28.75 -0.10 -8.84
CA TYR A 517 28.92 -0.10 -10.30
C TYR A 517 30.02 0.87 -10.72
N VAL A 518 30.03 2.08 -10.15
CA VAL A 518 31.08 3.04 -10.51
C VAL A 518 32.43 2.66 -9.92
N CYS A 519 32.46 1.72 -8.99
CA CYS A 519 33.71 1.19 -8.45
C CYS A 519 34.20 -0.03 -9.23
N SER A 520 33.51 -0.39 -10.31
CA SER A 520 33.87 -1.54 -11.15
C SER A 520 33.89 -2.84 -10.35
N ARG A 521 32.94 -2.97 -9.42
CA ARG A 521 32.75 -4.22 -8.71
C ARG A 521 32.12 -5.26 -9.63
N ASP A 522 32.50 -6.52 -9.42
CA ASP A 522 31.94 -7.60 -10.24
C ASP A 522 30.47 -7.84 -9.90
N GLU A 523 30.12 -7.83 -8.63
CA GLU A 523 28.78 -8.11 -8.16
C GLU A 523 28.30 -7.05 -7.20
N PRO A 524 26.99 -6.86 -7.08
CA PRO A 524 26.47 -5.88 -6.11
C PRO A 524 26.83 -6.25 -4.68
N SER A 525 27.02 -5.23 -3.86
CA SER A 525 27.35 -5.44 -2.45
C SER A 525 26.15 -5.81 -1.59
N VAL A 526 24.94 -5.69 -2.12
CA VAL A 526 23.73 -6.08 -1.40
C VAL A 526 23.26 -7.41 -1.96
N ALA A 527 23.26 -8.44 -1.12
CA ALA A 527 22.82 -9.76 -1.52
C ALA A 527 21.36 -10.02 -1.19
N ALA A 528 20.86 -9.48 -0.07
CA ALA A 528 19.48 -9.71 0.32
C ALA A 528 19.03 -8.58 1.23
N MET A 529 17.71 -8.45 1.36
CA MET A 529 17.08 -7.50 2.26
C MET A 529 16.19 -8.26 3.22
N VAL A 530 16.04 -7.72 4.43
CA VAL A 530 15.19 -8.34 5.44
C VAL A 530 14.11 -7.34 5.83
N TYR A 531 12.85 -7.74 5.64
CA TYR A 531 11.71 -6.92 6.03
C TYR A 531 10.61 -7.83 6.56
N PRO A 532 10.34 -7.81 7.86
CA PRO A 532 9.40 -8.79 8.45
C PRO A 532 7.94 -8.51 8.15
N PHE A 533 7.60 -7.36 7.59
CA PHE A 533 6.20 -7.01 7.37
C PHE A 533 5.68 -7.38 5.98
N THR A 534 6.50 -8.04 5.17
CA THR A 534 6.05 -8.55 3.88
C THR A 534 6.62 -9.95 3.69
N GLY A 535 5.96 -10.72 2.85
CA GLY A 535 6.46 -12.04 2.51
C GLY A 535 7.69 -11.97 1.63
N ASP A 536 8.36 -13.11 1.49
CA ASP A 536 9.55 -13.18 0.66
C ASP A 536 9.20 -12.88 -0.79
N HIS A 537 9.99 -12.01 -1.42
CA HIS A 537 9.75 -11.63 -2.80
C HIS A 537 11.06 -11.13 -3.38
N LYS A 538 11.01 -10.46 -4.52
CA LYS A 538 12.20 -9.87 -5.13
C LYS A 538 11.90 -8.44 -5.53
N GLN A 539 12.83 -7.55 -5.22
CA GLN A 539 12.71 -6.14 -5.57
C GLN A 539 13.66 -5.82 -6.71
N LYS A 540 13.19 -5.04 -7.67
CA LYS A 540 13.96 -4.70 -8.86
C LYS A 540 14.80 -3.46 -8.58
N PHE A 541 16.10 -3.57 -8.82
CA PHE A 541 17.05 -2.49 -8.66
C PHE A 541 17.84 -2.31 -9.95
N TYR A 542 18.65 -1.26 -10.00
CA TYR A 542 19.48 -0.96 -11.15
C TYR A 542 20.93 -1.29 -10.87
N TRP A 543 21.52 -2.08 -11.77
CA TRP A 543 22.97 -2.31 -11.83
C TRP A 543 23.44 -1.59 -13.09
N GLY A 544 23.92 -0.37 -12.92
CA GLY A 544 24.24 0.47 -14.05
C GLY A 544 23.00 0.82 -14.84
N HIS A 545 22.89 0.28 -16.06
CA HIS A 545 21.69 0.43 -16.87
C HIS A 545 20.84 -0.83 -16.92
N LYS A 546 21.27 -1.90 -16.26
CA LYS A 546 20.57 -3.17 -16.28
C LYS A 546 19.65 -3.28 -15.06
N GLU A 547 18.56 -4.02 -15.22
CA GLU A 547 17.64 -4.29 -14.12
C GLU A 547 17.98 -5.64 -13.51
N ILE A 548 18.15 -5.67 -12.18
CA ILE A 548 18.47 -6.89 -11.45
C ILE A 548 17.46 -7.05 -10.33
N LEU A 549 17.40 -8.26 -9.78
CA LEU A 549 16.46 -8.59 -8.70
C LEU A 549 17.23 -8.93 -7.45
N ILE A 550 16.88 -8.28 -6.34
CA ILE A 550 17.45 -8.54 -5.03
C ILE A 550 16.38 -9.18 -4.16
N PRO A 551 16.63 -10.34 -3.56
CA PRO A 551 15.59 -10.98 -2.74
C PRO A 551 15.34 -10.22 -1.45
N VAL A 552 14.07 -10.28 -1.01
CA VAL A 552 13.64 -9.74 0.26
C VAL A 552 13.02 -10.89 1.05
N PHE A 553 13.52 -11.08 2.27
CA PHE A 553 13.11 -12.18 3.14
C PHE A 553 12.35 -11.63 4.33
N LYS A 554 11.24 -12.31 4.67
CA LYS A 554 10.48 -11.90 5.85
C LYS A 554 11.27 -12.17 7.13
N ASN A 555 12.02 -13.26 7.17
CA ASN A 555 12.78 -13.65 8.35
C ASN A 555 14.27 -13.60 8.05
N MET A 556 15.04 -13.27 9.08
CA MET A 556 16.50 -13.21 8.94
C MET A 556 17.11 -14.59 8.70
N ALA A 557 16.49 -15.64 9.24
CA ALA A 557 17.05 -16.98 9.12
C ALA A 557 17.11 -17.44 7.67
N ASP A 558 16.04 -17.20 6.90
CA ASP A 558 16.03 -17.62 5.50
C ASP A 558 17.09 -16.89 4.70
N ALA A 559 17.22 -15.57 4.91
CA ALA A 559 18.24 -14.80 4.22
C ALA A 559 19.63 -15.29 4.60
N MET A 560 19.83 -15.60 5.88
CA MET A 560 21.13 -16.09 6.34
C MET A 560 21.46 -17.43 5.68
N ARG A 561 20.48 -18.32 5.59
CA ARG A 561 20.70 -19.64 5.02
C ARG A 561 20.97 -19.55 3.51
N LYS A 562 20.18 -18.75 2.80
CA LYS A 562 20.30 -18.70 1.35
C LYS A 562 21.48 -17.85 0.86
N HIS A 563 22.13 -17.10 1.75
CA HIS A 563 23.28 -16.28 1.39
C HIS A 563 24.39 -16.50 2.42
N PRO A 564 25.09 -17.63 2.35
CA PRO A 564 26.19 -17.88 3.30
C PRO A 564 27.40 -17.00 3.06
N GLU A 565 27.49 -16.31 1.92
CA GLU A 565 28.62 -15.46 1.60
C GLU A 565 28.49 -14.04 2.16
N VAL A 566 27.39 -13.72 2.81
CA VAL A 566 27.19 -12.41 3.39
C VAL A 566 27.96 -12.31 4.71
N ASP A 567 28.78 -11.28 4.84
CA ASP A 567 29.56 -11.09 6.06
C ASP A 567 29.28 -9.77 6.77
N VAL A 568 28.35 -8.97 6.26
CA VAL A 568 28.05 -7.66 6.83
C VAL A 568 26.54 -7.52 6.93
N LEU A 569 26.09 -6.93 8.04
CA LEU A 569 24.69 -6.52 8.19
C LEU A 569 24.65 -5.02 8.42
N ILE A 570 23.83 -4.33 7.64
CA ILE A 570 23.56 -2.92 7.83
C ILE A 570 22.14 -2.82 8.39
N ASN A 571 22.04 -2.38 9.64
CA ASN A 571 20.77 -2.38 10.37
C ASN A 571 20.13 -1.00 10.23
N PHE A 572 19.01 -0.94 9.51
CA PHE A 572 18.23 0.28 9.38
C PHE A 572 17.00 0.27 10.28
N ALA A 573 16.97 -0.63 11.25
CA ALA A 573 15.88 -0.66 12.22
C ALA A 573 15.86 0.62 13.05
N SER A 574 14.69 0.95 13.59
CA SER A 574 14.55 2.12 14.42
C SER A 574 15.25 1.92 15.76
N LEU A 575 15.20 2.97 16.59
CA LEU A 575 15.86 2.91 17.89
C LEU A 575 15.26 1.85 18.80
N ARG A 576 13.97 1.55 18.60
CA ARG A 576 13.24 0.61 19.45
C ARG A 576 13.22 -0.80 18.87
N SER A 577 13.91 -1.03 17.76
CA SER A 577 14.02 -2.36 17.17
C SER A 577 15.44 -2.73 16.80
N ALA A 578 16.41 -1.82 16.90
CA ALA A 578 17.78 -2.12 16.52
C ALA A 578 18.43 -3.10 17.48
N TYR A 579 18.11 -3.02 18.77
CA TYR A 579 18.74 -3.90 19.75
C TYR A 579 18.41 -5.36 19.48
N ASP A 580 17.12 -5.67 19.32
CA ASP A 580 16.71 -7.06 19.11
C ASP A 580 17.23 -7.59 17.78
N SER A 581 17.19 -6.77 16.73
CA SER A 581 17.69 -7.21 15.43
C SER A 581 19.20 -7.47 15.49
N THR A 582 19.95 -6.62 16.20
CA THR A 582 21.38 -6.83 16.31
C THR A 582 21.70 -8.07 17.14
N MET A 583 20.94 -8.29 18.22
CA MET A 583 21.11 -9.51 19.01
C MET A 583 20.86 -10.74 18.15
N GLU A 584 19.79 -10.73 17.36
CA GLU A 584 19.51 -11.85 16.47
C GLU A 584 20.61 -12.03 15.42
N THR A 585 21.14 -10.92 14.91
CA THR A 585 22.20 -10.99 13.90
C THR A 585 23.46 -11.62 14.45
N MET A 586 23.85 -11.24 15.68
CA MET A 586 25.06 -11.81 16.27
C MET A 586 24.92 -13.29 16.61
N ASN A 587 23.71 -13.84 16.55
CA ASN A 587 23.54 -15.29 16.66
C ASN A 587 24.10 -16.03 15.45
N TYR A 588 24.41 -15.33 14.36
CA TYR A 588 25.00 -15.93 13.18
C TYR A 588 26.47 -15.55 13.11
N ALA A 589 27.34 -16.56 13.01
CA ALA A 589 28.78 -16.31 13.04
C ALA A 589 29.32 -15.81 11.70
N GLN A 590 28.53 -15.92 10.63
CA GLN A 590 29.01 -15.46 9.33
C GLN A 590 29.14 -13.94 9.27
N ILE A 591 28.37 -13.22 10.07
CA ILE A 591 28.43 -11.76 10.10
C ILE A 591 29.57 -11.34 11.02
N ARG A 592 30.53 -10.60 10.47
CA ARG A 592 31.65 -10.07 11.24
C ARG A 592 31.56 -8.58 11.48
N THR A 593 30.75 -7.86 10.71
CA THR A 593 30.59 -6.42 10.87
C THR A 593 29.11 -6.09 10.80
N ILE A 594 28.64 -5.31 11.76
CA ILE A 594 27.26 -4.83 11.80
C ILE A 594 27.30 -3.31 11.89
N ALA A 595 26.53 -2.63 11.04
CA ALA A 595 26.39 -1.19 11.06
C ALA A 595 25.00 -0.84 11.57
N ILE A 596 24.94 -0.15 12.72
CA ILE A 596 23.69 0.30 13.31
C ILE A 596 23.51 1.77 12.95
N ILE A 597 22.38 2.08 12.32
CA ILE A 597 22.14 3.42 11.78
C ILE A 597 21.29 4.21 12.76
N ALA A 598 20.44 3.52 13.52
CA ALA A 598 19.44 4.18 14.35
C ALA A 598 20.09 5.08 15.41
N GLU A 599 19.44 6.22 15.66
CA GLU A 599 19.83 7.15 16.71
C GLU A 599 18.74 7.17 17.77
N GLY A 600 19.15 7.15 19.04
CA GLY A 600 18.23 7.13 20.15
C GLY A 600 18.15 5.83 20.92
N ILE A 601 19.06 4.89 20.67
CA ILE A 601 19.07 3.64 21.44
C ILE A 601 19.52 3.94 22.87
N PRO A 602 18.87 3.37 23.88
CA PRO A 602 19.33 3.58 25.26
C PRO A 602 20.74 3.05 25.46
N GLU A 603 21.47 3.71 26.36
CA GLU A 603 22.88 3.38 26.57
C GLU A 603 23.07 1.97 27.13
N ALA A 604 22.16 1.51 28.00
CA ALA A 604 22.28 0.17 28.55
C ALA A 604 22.17 -0.89 27.45
N LEU A 605 21.22 -0.71 26.53
CA LEU A 605 21.09 -1.64 25.41
C LEU A 605 22.34 -1.61 24.53
N THR A 606 22.89 -0.43 24.30
CA THR A 606 24.11 -0.32 23.51
C THR A 606 25.27 -1.03 24.19
N ARG A 607 25.37 -0.92 25.51
CA ARG A 607 26.42 -1.61 26.24
C ARG A 607 26.24 -3.13 26.16
N LYS A 608 24.99 -3.61 26.24
CA LYS A 608 24.75 -5.03 26.03
C LYS A 608 25.17 -5.47 24.64
N LEU A 609 24.85 -4.66 23.62
CA LEU A 609 25.28 -4.96 22.27
C LEU A 609 26.80 -5.03 22.16
N ILE A 610 27.48 -4.08 22.80
CA ILE A 610 28.94 -4.05 22.77
C ILE A 610 29.52 -5.30 23.44
N LYS A 611 28.95 -5.69 24.58
CA LYS A 611 29.44 -6.86 25.30
C LYS A 611 29.27 -8.12 24.46
N LYS A 612 28.09 -8.29 23.85
CA LYS A 612 27.89 -9.48 23.02
C LYS A 612 28.78 -9.46 21.78
N ALA A 613 28.98 -8.29 21.18
CA ALA A 613 29.85 -8.20 20.02
C ALA A 613 31.30 -8.54 20.37
N ASP A 614 31.77 -8.06 21.52
CA ASP A 614 33.12 -8.39 21.96
C ASP A 614 33.25 -9.88 22.23
N GLN A 615 32.23 -10.49 22.84
CA GLN A 615 32.27 -11.93 23.06
C GLN A 615 32.29 -12.68 21.73
N LYS A 616 31.51 -12.23 20.76
CA LYS A 616 31.42 -12.89 19.46
C LYS A 616 32.50 -12.44 18.48
N GLY A 617 33.28 -11.41 18.81
CA GLY A 617 34.28 -10.91 17.88
C GLY A 617 33.71 -10.15 16.70
N VAL A 618 32.52 -9.56 16.84
CA VAL A 618 31.85 -8.86 15.76
C VAL A 618 32.13 -7.38 15.88
N THR A 619 32.54 -6.76 14.78
CA THR A 619 32.77 -5.32 14.77
C THR A 619 31.45 -4.58 14.58
N ILE A 620 31.18 -3.64 15.50
CA ILE A 620 29.97 -2.84 15.45
C ILE A 620 30.37 -1.41 15.12
N ILE A 621 29.87 -0.90 14.00
CA ILE A 621 29.97 0.53 13.71
C ILE A 621 28.79 1.19 14.40
N GLY A 622 29.07 1.84 15.54
CA GLY A 622 28.08 2.17 16.54
C GLY A 622 26.86 2.91 16.04
N PRO A 623 25.80 2.91 16.83
CA PRO A 623 24.54 3.53 16.41
C PRO A 623 24.70 5.02 16.19
N ALA A 624 23.64 5.62 15.64
CA ALA A 624 23.60 7.05 15.34
C ALA A 624 24.74 7.44 14.39
N THR A 625 24.96 6.64 13.37
CA THR A 625 26.01 6.90 12.38
C THR A 625 25.45 6.74 10.98
N VAL A 626 26.07 7.46 10.04
CA VAL A 626 25.78 7.22 8.63
C VAL A 626 26.47 5.96 8.14
N GLY A 627 27.49 5.49 8.85
CA GLY A 627 28.19 4.27 8.49
C GLY A 627 29.64 4.50 8.15
N GLY A 628 30.02 4.17 6.92
CA GLY A 628 31.39 4.36 6.47
C GLY A 628 31.49 4.01 5.01
N ILE A 629 32.62 4.40 4.42
CA ILE A 629 32.87 4.17 3.00
C ILE A 629 34.29 3.67 2.82
N LYS A 630 34.44 2.63 2.01
CA LYS A 630 35.76 2.16 1.55
C LYS A 630 35.79 2.32 0.04
N PRO A 631 36.39 3.39 -0.48
CA PRO A 631 36.34 3.64 -1.93
C PRO A 631 36.88 2.46 -2.73
N GLY A 632 36.11 2.07 -3.74
CA GLY A 632 36.45 0.94 -4.57
C GLY A 632 35.96 -0.40 -4.05
N CYS A 633 35.57 -0.49 -2.79
CA CYS A 633 35.21 -1.77 -2.20
C CYS A 633 33.78 -1.82 -1.69
N PHE A 634 33.37 -0.89 -0.83
CA PHE A 634 32.09 -1.02 -0.15
C PHE A 634 31.65 0.34 0.38
N LYS A 635 30.34 0.49 0.52
CA LYS A 635 29.73 1.70 1.05
C LYS A 635 28.58 1.30 1.96
N ILE A 636 28.44 2.00 3.09
CA ILE A 636 27.43 1.67 4.09
C ILE A 636 26.30 2.67 3.96
N GLY A 637 25.12 2.19 3.58
CA GLY A 637 23.93 3.01 3.60
C GLY A 637 24.04 4.23 2.70
N ASN A 638 23.79 5.41 3.29
CA ASN A 638 23.76 6.67 2.56
C ASN A 638 25.05 7.46 2.70
N THR A 639 26.15 6.81 3.10
CA THR A 639 27.41 7.51 3.25
C THR A 639 27.88 8.09 1.93
N GLY A 640 28.30 9.36 1.94
CA GLY A 640 28.81 10.00 0.76
C GLY A 640 27.78 10.61 -0.16
N GLY A 641 26.52 10.69 0.25
CA GLY A 641 25.51 11.28 -0.60
C GLY A 641 25.19 10.38 -1.79
N MET A 642 24.71 11.01 -2.87
CA MET A 642 24.40 10.25 -4.08
C MET A 642 25.66 10.14 -4.93
N LEU A 643 25.49 9.70 -6.18
CA LEU A 643 26.62 9.41 -7.05
C LEU A 643 27.38 10.67 -7.44
N ASP A 644 26.72 11.82 -7.48
CA ASP A 644 27.40 13.06 -7.86
C ASP A 644 28.49 13.41 -6.85
N ASN A 645 28.19 13.28 -5.56
CA ASN A 645 29.22 13.54 -4.54
C ASN A 645 30.31 12.48 -4.57
N ILE A 646 29.94 11.22 -4.88
CA ILE A 646 30.94 10.16 -4.98
C ILE A 646 31.93 10.46 -6.10
N LEU A 647 31.42 10.93 -7.25
CA LEU A 647 32.31 11.26 -8.35
C LEU A 647 33.10 12.53 -8.05
N ALA A 648 32.46 13.52 -7.41
CA ALA A 648 33.17 14.77 -7.09
C ALA A 648 34.29 14.52 -6.10
N SER A 649 34.07 13.66 -5.12
CA SER A 649 35.09 13.33 -4.12
C SER A 649 35.98 12.18 -4.55
N LYS A 650 35.82 11.69 -5.79
CA LYS A 650 36.65 10.61 -6.33
C LYS A 650 36.63 9.38 -5.42
N LEU A 651 35.46 9.10 -4.86
CA LEU A 651 35.32 8.00 -3.91
C LEU A 651 35.07 6.66 -4.60
N TYR A 652 35.30 6.57 -5.91
CA TYR A 652 35.16 5.32 -6.65
C TYR A 652 36.47 4.55 -6.77
N ARG A 653 37.59 5.14 -6.38
CA ARG A 653 38.87 4.46 -6.44
C ARG A 653 39.60 4.59 -5.12
N PRO A 654 40.36 3.57 -4.72
CA PRO A 654 41.07 3.63 -3.44
C PRO A 654 42.09 4.76 -3.41
N GLY A 655 42.25 5.34 -2.22
CA GLY A 655 43.30 6.32 -1.99
C GLY A 655 44.36 5.75 -1.07
N SER A 656 44.95 6.60 -0.23
CA SER A 656 45.96 6.15 0.72
C SER A 656 45.77 6.72 2.12
N VAL A 657 44.75 7.53 2.35
CA VAL A 657 44.51 8.16 3.64
C VAL A 657 43.24 7.56 4.23
N ALA A 658 43.35 7.01 5.43
CA ALA A 658 42.22 6.44 6.15
C ALA A 658 41.87 7.37 7.30
N TYR A 659 40.58 7.70 7.43
CA TYR A 659 40.14 8.61 8.47
C TYR A 659 39.07 7.97 9.33
N VAL A 660 38.97 8.47 10.56
CA VAL A 660 37.94 8.08 11.50
C VAL A 660 37.36 9.35 12.12
N SER A 661 36.05 9.34 12.34
CA SER A 661 35.33 10.51 12.81
C SER A 661 34.12 10.06 13.60
N ARG A 662 33.50 11.01 14.30
CA ARG A 662 32.24 10.78 14.99
C ARG A 662 31.04 11.21 14.16
N SER A 663 31.09 12.40 13.58
CA SER A 663 29.98 12.93 12.80
C SER A 663 30.03 12.42 11.36
N GLY A 664 28.86 12.08 10.82
CA GLY A 664 28.74 11.66 9.44
C GLY A 664 28.92 12.79 8.45
N GLY A 665 28.30 13.93 8.74
CA GLY A 665 28.50 15.10 7.90
C GLY A 665 29.94 15.57 7.91
N MET A 666 30.57 15.55 9.08
CA MET A 666 31.99 15.86 9.15
C MET A 666 32.81 14.81 8.42
N SER A 667 32.35 13.57 8.39
CA SER A 667 33.03 12.54 7.60
C SER A 667 32.94 12.84 6.11
N ASN A 668 31.79 13.32 5.64
CA ASN A 668 31.68 13.72 4.24
C ASN A 668 32.57 14.93 3.93
N GLU A 669 32.64 15.88 4.88
CA GLU A 669 33.56 17.00 4.70
C GLU A 669 35.01 16.54 4.64
N LEU A 670 35.36 15.55 5.46
CA LEU A 670 36.69 14.94 5.38
C LEU A 670 36.92 14.27 4.03
N ASN A 671 35.89 13.59 3.51
CA ASN A 671 35.97 13.03 2.17
C ASN A 671 36.34 14.09 1.15
N ASN A 672 35.62 15.22 1.20
CA ASN A 672 35.89 16.31 0.25
C ASN A 672 37.31 16.85 0.43
N ILE A 673 37.72 17.10 1.66
CA ILE A 673 39.03 17.69 1.92
C ILE A 673 40.14 16.77 1.47
N ILE A 674 40.03 15.48 1.79
CA ILE A 674 41.06 14.52 1.40
C ILE A 674 41.09 14.34 -0.11
N SER A 675 39.91 14.37 -0.76
CA SER A 675 39.88 14.28 -2.21
C SER A 675 40.61 15.46 -2.85
N ARG A 676 40.39 16.67 -2.32
CA ARG A 676 40.99 17.85 -2.93
C ARG A 676 42.48 17.97 -2.65
N THR A 677 42.89 17.69 -1.41
CA THR A 677 44.27 17.92 -0.99
C THR A 677 45.13 16.67 -0.98
N THR A 678 44.60 15.54 -1.43
CA THR A 678 45.33 14.28 -1.37
C THR A 678 44.88 13.42 -2.55
N ASP A 679 45.62 12.32 -2.77
CA ASP A 679 45.26 11.40 -3.85
C ASP A 679 43.92 10.70 -3.61
N GLY A 680 43.42 10.70 -2.37
CA GLY A 680 42.10 10.15 -2.13
C GLY A 680 41.93 9.41 -0.81
N VAL A 681 40.71 8.97 -0.55
CA VAL A 681 40.37 8.25 0.67
C VAL A 681 40.56 6.76 0.43
N TYR A 682 41.21 6.09 1.37
CA TYR A 682 41.30 4.63 1.37
C TYR A 682 40.12 4.01 2.13
N GLU A 683 39.83 4.54 3.32
CA GLU A 683 38.72 4.03 4.12
C GLU A 683 38.31 5.12 5.10
N GLY A 684 37.00 5.36 5.20
CA GLY A 684 36.48 6.30 6.16
C GLY A 684 35.37 5.71 6.98
N VAL A 685 35.42 5.88 8.30
CA VAL A 685 34.43 5.33 9.21
C VAL A 685 33.94 6.45 10.12
N ALA A 686 32.62 6.56 10.25
CA ALA A 686 32.00 7.44 11.23
C ALA A 686 31.45 6.53 12.35
N ILE A 687 32.07 6.61 13.52
CA ILE A 687 31.70 5.72 14.63
C ILE A 687 30.38 6.10 15.28
N GLY A 688 29.84 7.29 14.97
CA GLY A 688 28.57 7.72 15.51
C GLY A 688 28.74 8.63 16.71
N GLY A 689 27.64 9.31 17.05
CA GLY A 689 27.60 10.24 18.15
C GLY A 689 27.08 9.69 19.45
N ASP A 690 26.96 8.37 19.58
CA ASP A 690 26.46 7.78 20.81
C ASP A 690 27.48 7.90 21.94
N ARG A 691 26.98 7.81 23.17
CA ARG A 691 27.84 7.87 24.34
C ARG A 691 28.86 6.73 24.34
N TYR A 692 28.42 5.52 24.04
CA TYR A 692 29.29 4.35 23.93
C TYR A 692 29.21 3.81 22.52
N PRO A 693 30.11 4.19 21.63
CA PRO A 693 30.08 3.66 20.27
C PRO A 693 30.41 2.17 20.26
N GLY A 694 29.83 1.46 19.28
CA GLY A 694 30.15 0.06 19.11
C GLY A 694 31.63 -0.17 18.87
N SER A 695 32.25 0.69 18.07
CA SER A 695 33.69 0.68 17.85
C SER A 695 34.24 2.06 18.17
N THR A 696 35.38 2.10 18.84
CA THR A 696 35.98 3.35 19.26
C THR A 696 36.98 3.84 18.21
N PHE A 697 37.59 5.00 18.49
CA PHE A 697 38.61 5.52 17.59
C PHE A 697 39.82 4.60 17.52
N MET A 698 40.23 4.05 18.67
CA MET A 698 41.41 3.20 18.73
C MET A 698 41.25 1.96 17.88
N ASP A 699 40.06 1.37 17.85
CA ASP A 699 39.84 0.17 17.05
C ASP A 699 40.16 0.43 15.58
N HIS A 700 39.59 1.51 15.03
CA HIS A 700 39.79 1.80 13.62
C HIS A 700 41.20 2.30 13.35
N VAL A 701 41.80 3.02 14.29
CA VAL A 701 43.19 3.46 14.11
C VAL A 701 44.13 2.26 14.07
N LEU A 702 43.90 1.27 14.94
CA LEU A 702 44.70 0.06 14.91
C LEU A 702 44.46 -0.73 13.63
N ARG A 703 43.22 -0.78 13.16
CA ARG A 703 42.96 -1.42 11.87
C ARG A 703 43.71 -0.73 10.75
N TYR A 704 43.74 0.61 10.75
CA TYR A 704 44.45 1.35 9.73
C TYR A 704 45.95 1.10 9.81
N GLN A 705 46.50 1.06 11.02
CA GLN A 705 47.92 0.77 11.19
C GLN A 705 48.26 -0.62 10.67
N ASP A 706 47.40 -1.61 10.94
CA ASP A 706 47.61 -2.97 10.46
C ASP A 706 47.32 -3.13 8.98
N THR A 707 46.75 -2.12 8.32
CA THR A 707 46.41 -2.22 6.91
C THR A 707 47.57 -1.72 6.05
N PRO A 708 48.17 -2.57 5.21
CA PRO A 708 49.28 -2.10 4.38
C PRO A 708 48.90 -0.99 3.42
N GLY A 709 47.66 -0.98 2.92
CA GLY A 709 47.24 0.03 1.96
C GLY A 709 47.14 1.42 2.55
N VAL A 710 46.98 1.53 3.86
CA VAL A 710 46.90 2.83 4.51
C VAL A 710 48.30 3.39 4.71
N LYS A 711 48.50 4.64 4.31
CA LYS A 711 49.77 5.32 4.51
C LYS A 711 49.66 6.54 5.42
N MET A 712 48.47 7.08 5.61
CA MET A 712 48.24 8.21 6.51
C MET A 712 46.91 8.00 7.21
N ILE A 713 46.82 8.44 8.46
CA ILE A 713 45.62 8.32 9.26
C ILE A 713 45.17 9.72 9.66
N VAL A 714 43.88 9.99 9.53
CA VAL A 714 43.27 11.25 9.93
C VAL A 714 42.21 10.93 10.98
N VAL A 715 42.25 11.64 12.10
CA VAL A 715 41.30 11.47 13.20
C VAL A 715 40.61 12.80 13.44
N LEU A 716 39.28 12.79 13.43
CA LEU A 716 38.49 13.98 13.75
C LEU A 716 37.77 13.70 15.05
N GLY A 717 38.42 14.02 16.16
CA GLY A 717 37.87 13.77 17.48
C GLY A 717 36.98 14.90 17.95
N GLU A 718 36.35 14.67 19.11
CA GLU A 718 35.43 15.63 19.70
C GLU A 718 35.75 15.79 21.17
N ILE A 719 35.20 16.85 21.76
CA ILE A 719 35.39 17.10 23.17
C ILE A 719 34.76 15.97 23.98
N GLY A 720 35.33 15.70 25.16
CA GLY A 720 34.84 14.63 26.00
C GLY A 720 35.51 13.30 25.72
N GLY A 721 35.76 12.52 26.77
CA GLY A 721 36.41 11.24 26.63
C GLY A 721 37.92 11.36 26.61
N THR A 722 38.57 10.20 26.63
CA THR A 722 40.03 10.13 26.66
C THR A 722 40.56 9.20 25.57
N GLU A 723 39.81 9.06 24.47
CA GLU A 723 40.24 8.16 23.39
C GLU A 723 41.47 8.70 22.68
N GLU A 724 41.55 10.02 22.51
CA GLU A 724 42.74 10.61 21.90
C GLU A 724 43.97 10.39 22.77
N TYR A 725 43.80 10.33 24.08
CA TYR A 725 44.92 9.96 24.94
C TYR A 725 45.31 8.51 24.74
N LYS A 726 44.35 7.63 24.43
CA LYS A 726 44.69 6.27 24.07
C LYS A 726 45.50 6.24 22.77
N ILE A 727 45.15 7.11 21.82
CA ILE A 727 45.96 7.26 20.61
C ILE A 727 47.38 7.69 20.97
N CYS A 728 47.49 8.66 21.88
CA CYS A 728 48.80 9.16 22.30
C CYS A 728 49.64 8.04 22.92
N ARG A 729 49.02 7.26 23.80
CA ARG A 729 49.74 6.17 24.46
C ARG A 729 50.12 5.08 23.46
N GLY A 730 49.25 4.80 22.49
CA GLY A 730 49.62 3.85 21.45
C GLY A 730 50.78 4.32 20.62
N ILE A 731 50.87 5.63 20.39
CA ILE A 731 52.01 6.17 19.65
C ILE A 731 53.28 6.09 20.49
N LYS A 732 53.20 6.44 21.77
CA LYS A 732 54.38 6.43 22.63
C LYS A 732 54.92 5.02 22.82
N GLU A 733 54.05 4.01 22.77
CA GLU A 733 54.48 2.63 22.94
C GLU A 733 54.97 2.00 21.63
N GLY A 734 54.95 2.75 20.54
CA GLY A 734 55.44 2.26 19.27
C GLY A 734 54.46 1.43 18.47
N ARG A 735 53.22 1.30 18.94
CA ARG A 735 52.24 0.51 18.19
C ARG A 735 51.80 1.23 16.93
N LEU A 736 51.64 2.55 16.99
CA LEU A 736 51.25 3.36 15.84
C LEU A 736 52.48 4.04 15.27
N THR A 737 52.83 3.71 14.03
CA THR A 737 54.01 4.27 13.38
C THR A 737 53.69 5.12 12.16
N LYS A 738 52.53 4.93 11.54
CA LYS A 738 52.17 5.72 10.37
C LYS A 738 51.88 7.17 10.77
N PRO A 739 52.04 8.11 9.84
CA PRO A 739 51.67 9.50 10.14
C PRO A 739 50.21 9.62 10.53
N ILE A 740 49.95 10.39 11.57
CA ILE A 740 48.61 10.60 12.12
C ILE A 740 48.37 12.10 12.23
N VAL A 741 47.34 12.57 11.54
CA VAL A 741 46.87 13.95 11.63
C VAL A 741 45.55 13.92 12.37
N CYS A 742 45.51 14.48 13.57
CA CYS A 742 44.31 14.45 14.38
C CYS A 742 43.95 15.86 14.81
N TRP A 743 42.64 16.14 14.80
CA TRP A 743 42.13 17.41 15.29
C TRP A 743 40.88 17.14 16.12
N CYS A 744 40.84 17.70 17.32
CA CYS A 744 39.68 17.58 18.20
C CYS A 744 38.86 18.86 18.10
N ILE A 745 37.61 18.73 17.69
CA ILE A 745 36.72 19.87 17.60
C ILE A 745 36.09 20.13 18.97
N GLY A 746 35.64 21.36 19.17
CA GLY A 746 35.09 21.77 20.44
C GLY A 746 36.04 22.53 21.34
N THR A 747 37.15 23.06 20.80
CA THR A 747 38.07 23.85 21.60
C THR A 747 37.44 25.14 22.10
N CYS A 748 36.32 25.55 21.52
CA CYS A 748 35.64 26.78 21.90
C CYS A 748 34.72 26.59 23.10
N ALA A 749 34.52 25.37 23.57
CA ALA A 749 33.61 25.11 24.68
C ALA A 749 34.24 25.40 26.04
N THR A 750 35.52 25.75 26.09
CA THR A 750 36.19 25.99 27.36
C THR A 750 35.80 27.33 27.97
N MET A 751 35.71 28.38 27.15
CA MET A 751 35.46 29.73 27.65
C MET A 751 34.05 30.23 27.33
N PHE A 752 33.13 29.32 27.02
CA PHE A 752 31.71 29.64 26.94
C PHE A 752 31.06 29.51 28.32
N SER A 753 29.79 29.93 28.39
CA SER A 753 29.05 29.82 29.65
C SER A 753 28.82 28.35 30.01
N SER A 754 28.12 27.62 29.14
CA SER A 754 27.83 26.21 29.36
C SER A 754 27.28 25.63 28.08
N GLU A 755 27.72 24.42 27.74
CA GLU A 755 27.24 23.70 26.58
C GLU A 755 26.45 22.46 27.00
N VAL A 756 25.65 21.96 26.07
CA VAL A 756 24.91 20.71 26.25
C VAL A 756 25.23 19.68 25.19
N GLN A 757 25.90 20.06 24.10
CA GLN A 757 26.26 19.12 23.05
C GLN A 757 27.66 19.39 22.52
N ALA A 763 30.55 13.11 24.12
CA ALA A 763 30.82 14.46 24.60
C ALA A 763 30.64 14.54 26.11
N CYS A 764 30.17 15.70 26.58
CA CYS A 764 29.92 15.94 28.01
C CYS A 764 31.20 15.72 28.83
N ALA A 765 32.20 16.55 28.53
CA ALA A 765 33.47 16.48 29.25
C ALA A 765 33.30 16.91 30.69
N ASN A 766 33.95 16.19 31.60
CA ASN A 766 33.87 16.48 33.03
C ASN A 766 35.23 16.80 33.65
N GLN A 767 36.27 16.94 32.83
CA GLN A 767 37.61 17.23 33.32
C GLN A 767 38.30 18.21 32.38
N ALA A 768 39.39 18.81 32.87
CA ALA A 768 40.16 19.72 32.03
C ALA A 768 40.92 18.95 30.96
N SER A 769 41.42 17.76 31.28
CA SER A 769 42.13 16.95 30.30
C SER A 769 41.21 16.51 29.16
N GLU A 770 39.92 16.41 29.42
CA GLU A 770 38.98 15.99 28.39
C GLU A 770 38.58 17.12 27.44
N THR A 771 39.00 18.35 27.72
CA THR A 771 38.73 19.45 26.81
C THR A 771 39.49 19.28 25.51
N ALA A 772 38.91 19.80 24.43
CA ALA A 772 39.53 19.64 23.11
C ALA A 772 40.88 20.31 23.03
N VAL A 773 41.05 21.43 23.73
CA VAL A 773 42.35 22.12 23.73
C VAL A 773 43.42 21.24 24.35
N ALA A 774 43.11 20.62 25.49
CA ALA A 774 44.08 19.76 26.16
C ALA A 774 44.43 18.54 25.32
N LYS A 775 43.42 17.91 24.71
CA LYS A 775 43.68 16.75 23.87
C LYS A 775 44.51 17.13 22.65
N ASN A 776 44.19 18.26 22.03
CA ASN A 776 44.98 18.73 20.89
C ASN A 776 46.42 19.00 21.30
N GLN A 777 46.62 19.61 22.47
CA GLN A 777 47.96 19.91 22.95
C GLN A 777 48.75 18.63 23.22
N ALA A 778 48.12 17.64 23.85
CA ALA A 778 48.79 16.37 24.11
C ALA A 778 49.13 15.65 22.81
N LEU A 779 48.20 15.62 21.85
CA LEU A 779 48.48 14.99 20.57
C LEU A 779 49.61 15.71 19.86
N LYS A 780 49.66 17.04 19.94
CA LYS A 780 50.73 17.80 19.32
C LYS A 780 52.08 17.43 19.94
N GLU A 781 52.16 17.39 21.27
CA GLU A 781 53.37 16.88 21.90
C GLU A 781 53.24 15.40 22.20
N ALA A 782 52.76 14.66 21.21
CA ALA A 782 52.77 13.20 21.25
C ALA A 782 53.18 12.57 19.92
N GLY A 783 53.55 13.36 18.91
CA GLY A 783 53.89 12.84 17.62
C GLY A 783 52.80 12.93 16.57
N VAL A 784 51.70 13.62 16.86
CA VAL A 784 50.57 13.75 15.94
C VAL A 784 50.65 15.10 15.27
N PHE A 785 50.48 15.12 13.94
CA PHE A 785 50.41 16.38 13.22
C PHE A 785 49.08 17.07 13.50
N VAL A 786 49.05 17.94 14.50
CA VAL A 786 47.84 18.65 14.88
C VAL A 786 47.86 20.01 14.18
N PRO A 787 46.85 20.36 13.39
CA PRO A 787 46.82 21.68 12.77
C PRO A 787 46.56 22.77 13.80
N ARG A 788 46.83 24.01 13.38
CA ARG A 788 46.56 25.15 14.25
C ARG A 788 45.07 25.26 14.56
N SER A 789 44.23 25.04 13.56
CA SER A 789 42.78 25.03 13.72
C SER A 789 42.20 24.04 12.70
N PHE A 790 40.88 24.07 12.55
CA PHE A 790 40.27 23.25 11.50
C PHE A 790 40.57 23.80 10.12
N ASP A 791 40.81 25.11 10.01
CA ASP A 791 41.17 25.69 8.73
C ASP A 791 42.49 25.15 8.20
N GLU A 792 43.42 24.84 9.11
CA GLU A 792 44.72 24.31 8.73
C GLU A 792 44.72 22.80 8.54
N LEU A 793 43.58 22.13 8.75
CA LEU A 793 43.55 20.68 8.63
C LEU A 793 43.86 20.25 7.20
N GLY A 794 43.26 20.91 6.21
CA GLY A 794 43.57 20.58 4.84
C GLY A 794 45.02 20.84 4.49
N GLU A 795 45.57 21.96 4.97
CA GLU A 795 46.96 22.29 4.68
C GLU A 795 47.91 21.27 5.29
N ILE A 796 47.67 20.87 6.54
CA ILE A 796 48.57 19.92 7.19
C ILE A 796 48.42 18.54 6.58
N ILE A 797 47.21 18.16 6.20
CA ILE A 797 47.01 16.88 5.51
C ILE A 797 47.76 16.86 4.19
N GLN A 798 47.66 17.96 3.43
CA GLN A 798 48.38 18.05 2.17
C GLN A 798 49.89 18.03 2.38
N SER A 799 50.37 18.70 3.44
CA SER A 799 51.80 18.70 3.72
C SER A 799 52.29 17.29 4.04
N VAL A 800 51.55 16.56 4.87
CA VAL A 800 51.94 15.19 5.19
C VAL A 800 51.93 14.32 3.94
N TYR A 801 50.90 14.47 3.10
CA TYR A 801 50.81 13.67 1.89
C TYR A 801 51.97 13.99 0.94
N GLU A 802 52.30 15.26 0.77
CA GLU A 802 53.39 15.65 -0.12
C GLU A 802 54.73 15.14 0.40
N ASP A 803 54.96 15.21 1.72
CA ASP A 803 56.18 14.65 2.27
C ASP A 803 56.27 13.15 2.04
N LEU A 804 55.14 12.44 2.23
CA LEU A 804 55.14 11.00 2.00
C LEU A 804 55.42 10.67 0.54
N VAL A 805 54.88 11.48 -0.38
CA VAL A 805 55.17 11.30 -1.80
C VAL A 805 56.65 11.55 -2.07
N ALA A 806 57.20 12.59 -1.46
CA ALA A 806 58.61 12.92 -1.68
C ALA A 806 59.54 11.83 -1.16
N ASN A 807 59.13 11.12 -0.10
CA ASN A 807 59.93 10.01 0.40
C ASN A 807 59.67 8.71 -0.33
N GLY A 808 58.67 8.65 -1.21
CA GLY A 808 58.43 7.50 -2.04
C GLY A 808 57.52 6.45 -1.47
N VAL A 809 57.09 6.59 -0.21
CA VAL A 809 56.20 5.59 0.38
C VAL A 809 54.84 5.60 -0.31
N ILE A 810 54.36 6.78 -0.70
CA ILE A 810 53.09 6.93 -1.42
C ILE A 810 53.40 7.07 -2.90
N VAL A 811 52.85 6.17 -3.70
CA VAL A 811 52.96 6.26 -5.16
C VAL A 811 51.56 6.49 -5.72
N PRO A 812 51.21 7.72 -6.09
CA PRO A 812 49.83 8.01 -6.56
C PRO A 812 49.56 7.31 -7.89
N ALA A 813 48.51 6.49 -7.91
CA ALA A 813 48.14 5.79 -9.11
C ALA A 813 47.49 6.74 -10.13
N GLN A 814 47.58 6.36 -11.40
CA GLN A 814 46.98 7.16 -12.46
C GLN A 814 45.46 7.06 -12.43
N GLU A 815 44.81 8.17 -12.75
CA GLU A 815 43.35 8.22 -12.71
C GLU A 815 42.76 7.42 -13.87
N VAL A 816 41.79 6.57 -13.56
CA VAL A 816 41.05 5.80 -14.54
C VAL A 816 39.59 6.23 -14.45
N PRO A 817 38.98 6.70 -15.53
CA PRO A 817 37.58 7.15 -15.47
C PRO A 817 36.66 6.02 -15.03
N PRO A 818 35.68 6.31 -14.18
CA PRO A 818 34.77 5.28 -13.72
C PRO A 818 33.70 4.98 -14.76
N PRO A 819 33.06 3.82 -14.68
CA PRO A 819 31.89 3.57 -15.54
C PRO A 819 30.80 4.59 -15.28
N THR A 820 30.09 4.98 -16.33
CA THR A 820 29.02 5.95 -16.23
C THR A 820 27.71 5.27 -15.91
N VAL A 821 26.88 5.94 -15.12
CA VAL A 821 25.55 5.45 -14.73
C VAL A 821 24.52 6.34 -15.41
N PRO A 822 23.51 5.77 -16.06
CA PRO A 822 22.48 6.60 -16.68
C PRO A 822 21.74 7.45 -15.64
N MET A 823 21.37 8.65 -16.08
CA MET A 823 20.62 9.56 -15.22
C MET A 823 19.25 9.00 -14.91
N ASP A 824 18.71 9.35 -13.75
CA ASP A 824 17.40 8.89 -13.35
C ASP A 824 16.31 9.66 -14.09
N TYR A 825 15.25 8.95 -14.46
CA TYR A 825 14.16 9.58 -15.21
C TYR A 825 13.49 10.68 -14.38
N SER A 826 13.22 10.41 -13.10
CA SER A 826 12.57 11.41 -12.26
C SER A 826 13.44 12.65 -12.10
N TRP A 827 14.74 12.45 -11.92
CA TRP A 827 15.65 13.59 -11.79
C TRP A 827 15.71 14.41 -13.08
N ALA A 828 15.66 13.73 -14.23
CA ALA A 828 15.69 14.44 -15.51
C ALA A 828 14.38 15.19 -15.74
N ARG A 829 13.25 14.64 -15.29
CA ARG A 829 11.98 15.36 -15.36
C ARG A 829 11.98 16.57 -14.45
N GLU A 830 12.58 16.44 -13.26
CA GLU A 830 12.64 17.57 -12.34
C GLU A 830 13.41 18.74 -12.93
N LEU A 831 14.52 18.45 -13.61
CA LEU A 831 15.29 19.48 -14.29
C LEU A 831 14.72 19.86 -15.65
N GLY A 832 13.68 19.17 -16.11
CA GLY A 832 13.12 19.44 -17.41
C GLY A 832 14.05 19.16 -18.56
N LEU A 833 14.92 18.15 -18.43
CA LEU A 833 15.83 17.82 -19.51
C LEU A 833 15.18 16.93 -20.56
N ILE A 834 14.17 16.14 -20.18
CA ILE A 834 13.49 15.24 -21.09
C ILE A 834 11.99 15.51 -20.99
N ARG A 835 11.27 15.07 -22.01
CA ARG A 835 9.82 15.17 -22.06
C ARG A 835 9.24 13.81 -22.44
N LYS A 836 8.31 13.31 -21.64
CA LYS A 836 7.61 12.08 -21.92
C LYS A 836 6.11 12.35 -22.01
N PRO A 837 5.45 11.95 -23.10
CA PRO A 837 4.01 12.21 -23.22
C PRO A 837 3.24 11.49 -22.13
N ALA A 838 2.19 12.16 -21.62
CA ALA A 838 1.31 11.56 -20.63
C ALA A 838 0.28 10.70 -21.34
N SER A 839 0.25 9.42 -20.99
CA SER A 839 -0.65 8.49 -21.65
C SER A 839 -2.10 8.62 -21.18
N PHE A 840 -2.32 9.29 -20.05
CA PHE A 840 -3.66 9.40 -19.48
C PHE A 840 -4.00 10.85 -19.22
N MET A 841 -5.28 11.16 -19.26
CA MET A 841 -5.78 12.52 -19.10
C MET A 841 -7.07 12.46 -18.30
N THR A 842 -7.07 13.07 -17.11
CA THR A 842 -8.20 13.00 -16.19
C THR A 842 -8.68 14.41 -15.85
N SER A 843 -9.95 14.50 -15.46
CA SER A 843 -10.56 15.79 -15.22
C SER A 843 -11.46 15.85 -13.99
N ILE A 844 -11.65 14.76 -13.26
CA ILE A 844 -12.68 14.71 -12.24
C ILE A 844 -12.13 14.75 -10.82
N CYS A 845 -10.90 14.29 -10.59
CA CYS A 845 -10.37 14.21 -9.24
C CYS A 845 -8.88 14.52 -9.26
N ASP A 846 -8.39 15.03 -8.13
CA ASP A 846 -6.98 15.35 -7.97
C ASP A 846 -6.59 14.98 -6.54
N GLU A 847 -5.75 13.96 -6.40
CA GLU A 847 -5.30 13.49 -5.10
C GLU A 847 -3.82 13.77 -4.85
N ARG A 848 -3.13 14.41 -5.80
CA ARG A 848 -1.70 14.68 -5.64
C ARG A 848 -1.44 15.70 -4.54
N GLY A 849 -2.32 16.71 -4.42
CA GLY A 849 -2.08 17.81 -3.51
C GLY A 849 -2.34 17.47 -2.06
N GLN A 850 -2.23 18.50 -1.21
CA GLN A 850 -2.42 18.32 0.22
C GLN A 850 -3.88 18.01 0.57
N GLU A 851 -4.82 18.34 -0.29
CA GLU A 851 -6.23 18.07 -0.04
C GLU A 851 -6.86 17.42 -1.26
N LEU A 852 -7.79 16.51 -1.01
CA LEU A 852 -8.54 15.88 -2.09
C LEU A 852 -9.42 16.90 -2.78
N ILE A 853 -9.43 16.86 -4.12
CA ILE A 853 -10.15 17.83 -4.93
C ILE A 853 -11.13 17.07 -5.83
N TYR A 854 -12.39 17.50 -5.80
CA TYR A 854 -13.44 16.93 -6.65
C TYR A 854 -13.80 17.97 -7.71
N ALA A 855 -13.28 17.78 -8.92
CA ALA A 855 -13.57 18.65 -10.06
C ALA A 855 -13.28 20.11 -9.75
N GLY A 856 -12.09 20.36 -9.21
CA GLY A 856 -11.67 21.71 -8.90
C GLY A 856 -12.18 22.26 -7.59
N MET A 857 -12.87 21.46 -6.78
CA MET A 857 -13.43 21.93 -5.53
C MET A 857 -12.92 21.07 -4.38
N PRO A 858 -12.28 21.66 -3.37
CA PRO A 858 -11.73 20.85 -2.28
C PRO A 858 -12.81 20.14 -1.48
N ILE A 859 -12.42 19.01 -0.87
CA ILE A 859 -13.37 18.19 -0.12
C ILE A 859 -13.91 18.94 1.10
N THR A 860 -13.08 19.77 1.73
CA THR A 860 -13.55 20.56 2.86
C THR A 860 -14.62 21.55 2.41
N GLU A 861 -14.45 22.16 1.23
CA GLU A 861 -15.50 23.02 0.70
C GLU A 861 -16.71 22.21 0.26
N VAL A 862 -16.49 20.96 -0.17
CA VAL A 862 -17.61 20.09 -0.53
C VAL A 862 -18.50 19.85 0.69
N PHE A 863 -17.90 19.59 1.85
CA PHE A 863 -18.69 19.39 3.05
C PHE A 863 -19.21 20.69 3.64
N LYS A 864 -18.46 21.79 3.47
CA LYS A 864 -18.91 23.08 4.01
C LYS A 864 -20.15 23.59 3.27
N GLU A 865 -20.19 23.40 1.95
CA GLU A 865 -21.34 23.85 1.17
C GLU A 865 -22.56 22.96 1.35
N GLU A 866 -22.42 21.85 2.09
CA GLU A 866 -23.54 20.97 2.43
C GLU A 866 -24.19 20.36 1.20
N MET A 867 -23.42 20.13 0.14
CA MET A 867 -23.89 19.34 -0.97
C MET A 867 -23.64 17.87 -0.64
N GLY A 868 -24.71 17.08 -0.65
CA GLY A 868 -24.60 15.69 -0.23
C GLY A 868 -24.05 14.79 -1.32
N ILE A 869 -24.64 13.60 -1.44
CA ILE A 869 -24.24 12.69 -2.51
C ILE A 869 -24.59 13.26 -3.86
N GLY A 870 -25.70 14.00 -3.97
CA GLY A 870 -26.07 14.61 -5.23
C GLY A 870 -25.04 15.61 -5.73
N GLY A 871 -24.55 16.47 -4.84
CA GLY A 871 -23.53 17.44 -5.23
C GLY A 871 -22.21 16.79 -5.60
N VAL A 872 -21.80 15.78 -4.84
CA VAL A 872 -20.57 15.06 -5.15
C VAL A 872 -20.70 14.37 -6.51
N LEU A 873 -21.86 13.78 -6.77
CA LEU A 873 -22.11 13.17 -8.08
C LEU A 873 -22.07 14.22 -9.19
N GLY A 874 -22.65 15.38 -8.96
CA GLY A 874 -22.59 16.44 -9.96
C GLY A 874 -21.16 16.82 -10.27
N LEU A 875 -20.34 16.98 -9.22
CA LEU A 875 -18.93 17.31 -9.42
C LEU A 875 -18.21 16.21 -10.18
N LEU A 876 -18.39 14.96 -9.78
CA LEU A 876 -17.60 13.87 -10.32
C LEU A 876 -18.04 13.44 -11.71
N TRP A 877 -19.31 13.65 -12.07
CA TRP A 877 -19.84 13.21 -13.35
C TRP A 877 -19.90 14.33 -14.37
N PHE A 878 -20.27 15.54 -13.95
CA PHE A 878 -20.46 16.66 -14.87
C PHE A 878 -19.47 17.79 -14.67
N GLN A 879 -18.64 17.74 -13.62
CA GLN A 879 -17.68 18.80 -13.32
C GLN A 879 -18.37 20.14 -13.15
N LYS A 880 -19.56 20.13 -12.56
CA LYS A 880 -20.36 21.32 -12.34
C LYS A 880 -20.82 21.35 -10.89
N ARG A 881 -21.00 22.56 -10.38
CA ARG A 881 -21.61 22.76 -9.06
C ARG A 881 -23.11 23.00 -9.30
N LEU A 882 -23.87 21.92 -9.23
CA LEU A 882 -25.30 21.99 -9.51
C LEU A 882 -26.03 22.73 -8.39
N PRO A 883 -27.16 23.35 -8.70
CA PRO A 883 -27.98 23.95 -7.65
C PRO A 883 -28.53 22.89 -6.71
N LYS A 884 -28.97 23.34 -5.53
CA LYS A 884 -29.36 22.41 -4.47
C LYS A 884 -30.53 21.52 -4.90
N TYR A 885 -31.50 22.10 -5.61
CA TYR A 885 -32.65 21.31 -6.03
C TYR A 885 -32.24 20.20 -7.00
N SER A 886 -31.28 20.47 -7.88
CA SER A 886 -30.79 19.44 -8.79
C SER A 886 -30.10 18.32 -8.03
N CYS A 887 -29.29 18.66 -7.02
CA CYS A 887 -28.62 17.63 -6.23
C CYS A 887 -29.64 16.78 -5.47
N GLN A 888 -30.66 17.41 -4.89
CA GLN A 888 -31.70 16.66 -4.19
C GLN A 888 -32.48 15.78 -5.16
N PHE A 889 -32.72 16.28 -6.37
CA PHE A 889 -33.41 15.46 -7.38
C PHE A 889 -32.57 14.26 -7.78
N ILE A 890 -31.24 14.44 -7.90
CA ILE A 890 -30.37 13.32 -8.22
C ILE A 890 -30.41 12.29 -7.11
N GLU A 891 -30.35 12.74 -5.85
CA GLU A 891 -30.47 11.81 -4.73
C GLU A 891 -31.81 11.09 -4.74
N MET A 892 -32.88 11.81 -5.08
CA MET A 892 -34.21 11.20 -5.16
C MET A 892 -34.26 10.12 -6.23
N CYS A 893 -33.65 10.39 -7.39
CA CYS A 893 -33.59 9.38 -8.45
C CYS A 893 -32.80 8.16 -8.01
N LEU A 894 -31.69 8.39 -7.31
CA LEU A 894 -30.93 7.27 -6.75
C LEU A 894 -31.77 6.46 -5.78
N MET A 895 -32.63 7.15 -5.02
CA MET A 895 -33.42 6.47 -4.00
C MET A 895 -34.56 5.65 -4.60
N VAL A 896 -35.25 6.20 -5.61
CA VAL A 896 -36.39 5.48 -6.17
C VAL A 896 -35.96 4.30 -7.02
N THR A 897 -34.72 4.27 -7.50
CA THR A 897 -34.20 3.15 -8.26
C THR A 897 -33.29 2.25 -7.43
N ALA A 898 -33.36 2.37 -6.11
CA ALA A 898 -32.46 1.61 -5.24
C ALA A 898 -32.68 0.12 -5.38
N ASP A 899 -33.93 -0.33 -5.34
CA ASP A 899 -34.24 -1.73 -5.52
C ASP A 899 -35.69 -1.88 -5.98
N HIS A 900 -35.96 -2.96 -6.69
CA HIS A 900 -37.31 -3.28 -7.13
C HIS A 900 -37.57 -4.78 -6.98
N GLY A 901 -37.19 -5.34 -5.84
CA GLY A 901 -37.45 -6.73 -5.54
C GLY A 901 -36.38 -7.66 -6.05
N PRO A 902 -36.46 -8.93 -5.67
CA PRO A 902 -35.47 -9.93 -6.08
C PRO A 902 -35.76 -10.63 -7.40
N ALA A 903 -36.91 -10.36 -8.03
CA ALA A 903 -37.31 -11.11 -9.22
C ALA A 903 -36.69 -10.60 -10.50
N VAL A 904 -36.14 -9.39 -10.51
CA VAL A 904 -35.55 -8.87 -11.74
C VAL A 904 -34.22 -9.56 -12.02
N SER A 905 -33.75 -9.41 -13.26
CA SER A 905 -32.60 -10.19 -13.73
C SER A 905 -31.35 -9.89 -12.93
N GLY A 906 -31.07 -8.62 -12.68
CA GLY A 906 -29.85 -8.28 -11.95
C GLY A 906 -29.90 -8.75 -10.51
N ALA A 907 -31.02 -8.54 -9.83
CA ALA A 907 -31.16 -9.03 -8.46
C ALA A 907 -31.08 -10.54 -8.43
N HIS A 908 -31.69 -11.21 -9.41
CA HIS A 908 -31.63 -12.66 -9.49
C HIS A 908 -30.18 -13.14 -9.60
N ASN A 909 -29.41 -12.54 -10.52
CA ASN A 909 -28.03 -12.96 -10.70
C ASN A 909 -27.18 -12.67 -9.46
N THR A 910 -27.40 -11.50 -8.84
CA THR A 910 -26.67 -11.19 -7.61
C THR A 910 -26.97 -12.20 -6.51
N ILE A 911 -28.24 -12.57 -6.36
CA ILE A 911 -28.62 -13.54 -5.35
C ILE A 911 -28.01 -14.91 -5.65
N ILE A 912 -27.99 -15.31 -6.93
CA ILE A 912 -27.39 -16.58 -7.30
C ILE A 912 -25.91 -16.59 -6.95
N CYS A 913 -25.21 -15.50 -7.29
CA CYS A 913 -23.78 -15.43 -7.00
C CYS A 913 -23.53 -15.41 -5.50
N ALA A 914 -24.37 -14.71 -4.73
CA ALA A 914 -24.22 -14.70 -3.28
C ALA A 914 -24.43 -16.08 -2.69
N ARG A 915 -25.42 -16.81 -3.18
CA ARG A 915 -25.68 -18.17 -2.71
C ARG A 915 -24.62 -19.16 -3.19
N ALA A 916 -23.75 -18.76 -4.11
CA ALA A 916 -22.64 -19.57 -4.55
C ALA A 916 -21.39 -19.35 -3.71
N GLY A 917 -21.48 -18.54 -2.65
CA GLY A 917 -20.36 -18.31 -1.77
C GLY A 917 -19.40 -17.24 -2.21
N LYS A 918 -19.71 -16.51 -3.27
CA LYS A 918 -18.81 -15.48 -3.78
C LYS A 918 -18.86 -14.23 -2.92
N ASP A 919 -17.85 -13.39 -3.06
CA ASP A 919 -17.74 -12.17 -2.29
C ASP A 919 -18.73 -11.12 -2.79
N LEU A 920 -18.75 -9.98 -2.11
CA LEU A 920 -19.70 -8.92 -2.45
C LEU A 920 -19.44 -8.37 -3.86
N VAL A 921 -18.16 -8.17 -4.21
CA VAL A 921 -17.84 -7.56 -5.49
C VAL A 921 -18.27 -8.46 -6.64
N SER A 922 -17.99 -9.76 -6.54
CA SER A 922 -18.34 -10.68 -7.62
C SER A 922 -19.85 -10.77 -7.80
N SER A 923 -20.60 -10.89 -6.69
CA SER A 923 -22.05 -10.97 -6.79
C SER A 923 -22.64 -9.68 -7.34
N LEU A 924 -22.15 -8.54 -6.88
CA LEU A 924 -22.64 -7.26 -7.38
C LEU A 924 -22.38 -7.11 -8.86
N THR A 925 -21.17 -7.45 -9.31
CA THR A 925 -20.86 -7.33 -10.74
C THR A 925 -21.66 -8.31 -11.58
N SER A 926 -21.88 -9.52 -11.06
CA SER A 926 -22.72 -10.48 -11.77
C SER A 926 -24.13 -9.95 -11.96
N GLY A 927 -24.69 -9.32 -10.92
CA GLY A 927 -25.99 -8.69 -11.08
C GLY A 927 -25.96 -7.49 -12.02
N LEU A 928 -24.91 -6.67 -11.93
CA LEU A 928 -24.83 -5.44 -12.71
C LEU A 928 -24.67 -5.71 -14.20
N LEU A 929 -24.01 -6.81 -14.56
CA LEU A 929 -23.74 -7.09 -15.97
C LEU A 929 -25.01 -7.37 -16.77
N THR A 930 -26.12 -7.68 -16.10
CA THR A 930 -27.39 -7.84 -16.81
C THR A 930 -28.02 -6.51 -17.18
N ILE A 931 -27.51 -5.39 -16.65
CA ILE A 931 -28.10 -4.09 -16.94
C ILE A 931 -27.72 -3.67 -18.36
N GLY A 932 -28.74 -3.35 -19.16
CA GLY A 932 -28.54 -3.03 -20.55
C GLY A 932 -29.83 -2.70 -21.26
N ASP A 933 -30.01 -3.26 -22.46
CA ASP A 933 -31.15 -2.89 -23.29
C ASP A 933 -32.46 -3.33 -22.66
N ARG A 934 -32.56 -4.59 -22.26
CA ARG A 934 -33.84 -5.12 -21.80
C ARG A 934 -34.09 -4.87 -20.32
N PHE A 935 -33.03 -4.82 -19.51
CA PHE A 935 -33.16 -4.58 -18.08
C PHE A 935 -32.29 -3.39 -17.71
N GLY A 936 -32.91 -2.35 -17.14
CA GLY A 936 -32.20 -1.21 -16.62
C GLY A 936 -31.95 -0.08 -17.59
N GLY A 937 -32.09 -0.32 -18.89
CA GLY A 937 -31.85 0.70 -19.89
C GLY A 937 -33.07 1.52 -20.27
N ALA A 938 -34.18 1.36 -19.57
CA ALA A 938 -35.39 2.10 -19.91
C ALA A 938 -35.23 3.60 -19.67
N LEU A 939 -34.46 3.97 -18.64
CA LEU A 939 -34.23 5.39 -18.36
C LEU A 939 -33.59 6.08 -19.57
N ASP A 940 -32.47 5.54 -20.04
CA ASP A 940 -31.74 6.14 -21.15
C ASP A 940 -32.54 6.09 -22.43
N ALA A 941 -33.21 4.97 -22.70
CA ALA A 941 -34.01 4.85 -23.91
C ALA A 941 -35.16 5.84 -23.92
N ALA A 942 -35.86 6.00 -22.79
CA ALA A 942 -36.95 6.95 -22.72
C ALA A 942 -36.45 8.38 -22.89
N ALA A 943 -35.34 8.72 -22.24
CA ALA A 943 -34.79 10.06 -22.40
C ALA A 943 -34.42 10.33 -23.85
N LYS A 944 -33.76 9.37 -24.49
CA LYS A 944 -33.34 9.55 -25.88
C LYS A 944 -34.56 9.73 -26.79
N MET A 945 -35.56 8.86 -26.65
CA MET A 945 -36.73 8.94 -27.52
C MET A 945 -37.50 10.24 -27.32
N PHE A 946 -37.72 10.63 -26.06
CA PHE A 946 -38.49 11.85 -25.82
C PHE A 946 -37.72 13.09 -26.26
N SER A 947 -36.40 13.10 -26.05
CA SER A 947 -35.59 14.23 -26.53
C SER A 947 -35.61 14.31 -28.05
N LYS A 948 -35.52 13.16 -28.72
CA LYS A 948 -35.58 13.15 -30.18
C LYS A 948 -36.92 13.67 -30.68
N ALA A 949 -38.01 13.26 -30.04
CA ALA A 949 -39.33 13.75 -30.43
C ALA A 949 -39.48 15.24 -30.17
N PHE A 950 -38.96 15.73 -29.05
CA PHE A 950 -39.15 17.13 -28.68
C PHE A 950 -38.28 18.05 -29.53
N ASP A 951 -37.06 17.62 -29.85
CA ASP A 951 -36.17 18.46 -30.65
C ASP A 951 -36.74 18.72 -32.02
N SER A 952 -37.33 17.69 -32.64
CA SER A 952 -38.15 17.92 -33.82
C SER A 952 -39.46 18.59 -33.41
N GLY A 953 -40.07 19.28 -34.37
CA GLY A 953 -41.25 20.06 -34.06
C GLY A 953 -42.54 19.27 -33.97
N ILE A 954 -42.48 17.95 -34.01
CA ILE A 954 -43.68 17.13 -34.03
C ILE A 954 -44.42 17.25 -32.70
N ILE A 955 -45.74 17.21 -32.77
CA ILE A 955 -46.61 17.30 -31.60
C ILE A 955 -46.66 15.95 -30.91
N PRO A 956 -47.09 15.88 -29.64
CA PRO A 956 -47.18 14.57 -28.98
C PRO A 956 -48.05 13.56 -29.72
N MET A 957 -49.14 14.01 -30.34
CA MET A 957 -49.96 13.09 -31.13
C MET A 957 -49.18 12.56 -32.31
N GLU A 958 -48.42 13.42 -32.99
CA GLU A 958 -47.59 12.97 -34.10
C GLU A 958 -46.51 12.00 -33.61
N PHE A 959 -45.95 12.25 -32.43
CA PHE A 959 -44.97 11.33 -31.85
C PHE A 959 -45.58 9.97 -31.59
N VAL A 960 -46.79 9.95 -31.02
CA VAL A 960 -47.46 8.68 -30.73
C VAL A 960 -47.74 7.92 -32.01
N ASN A 961 -48.26 8.62 -33.02
CA ASN A 961 -48.55 7.97 -34.30
C ASN A 961 -47.29 7.46 -34.96
N LYS A 962 -46.21 8.24 -34.91
CA LYS A 962 -44.95 7.84 -35.52
C LYS A 962 -44.39 6.59 -34.85
N MET A 963 -44.47 6.52 -33.52
CA MET A 963 -44.00 5.32 -32.84
C MET A 963 -44.90 4.13 -33.13
N LYS A 964 -46.21 4.38 -33.28
CA LYS A 964 -47.12 3.28 -33.60
C LYS A 964 -46.82 2.70 -34.98
N LYS A 965 -46.60 3.56 -35.98
CA LYS A 965 -46.35 3.06 -37.32
C LYS A 965 -44.95 2.48 -37.50
N GLU A 966 -44.02 2.80 -36.61
CA GLU A 966 -42.69 2.21 -36.66
C GLU A 966 -42.58 0.91 -35.89
N GLY A 967 -43.68 0.45 -35.29
CA GLY A 967 -43.64 -0.78 -34.51
C GLY A 967 -42.76 -0.69 -33.28
N LYS A 968 -42.75 0.47 -32.62
CA LYS A 968 -41.96 0.69 -31.42
C LYS A 968 -42.86 1.17 -30.30
N LEU A 969 -42.76 0.53 -29.14
CA LEU A 969 -43.44 1.02 -27.96
C LEU A 969 -42.70 2.24 -27.40
N ILE A 970 -43.47 3.18 -26.87
CA ILE A 970 -42.88 4.38 -26.28
C ILE A 970 -42.23 4.00 -24.95
N MET A 971 -40.91 4.17 -24.87
CA MET A 971 -40.20 3.88 -23.63
C MET A 971 -40.60 4.88 -22.55
N GLY A 972 -40.77 4.38 -21.34
CA GLY A 972 -41.28 5.20 -20.25
C GLY A 972 -42.78 5.32 -20.19
N ILE A 973 -43.51 4.53 -20.96
CA ILE A 973 -44.98 4.54 -20.95
C ILE A 973 -45.46 3.12 -20.68
N GLY A 974 -46.37 2.99 -19.72
CA GLY A 974 -46.98 1.71 -19.44
C GLY A 974 -46.64 1.15 -18.08
N HIS A 975 -47.67 0.81 -17.29
CA HIS A 975 -47.49 0.21 -15.99
C HIS A 975 -48.35 -1.05 -15.90
N ARG A 976 -47.99 -1.95 -14.99
CA ARG A 976 -48.68 -3.22 -14.88
C ARG A 976 -50.03 -3.07 -14.19
N VAL A 977 -50.05 -2.48 -12.99
CA VAL A 977 -51.27 -2.47 -12.19
C VAL A 977 -51.77 -1.05 -11.93
N LYS A 978 -50.87 -0.07 -11.97
CA LYS A 978 -51.23 1.31 -11.63
C LYS A 978 -51.65 2.02 -12.92
N SER A 979 -52.94 2.32 -13.04
CA SER A 979 -53.50 2.87 -14.27
C SER A 979 -54.04 4.28 -14.10
N ILE A 980 -55.03 4.48 -13.23
CA ILE A 980 -55.61 5.79 -13.02
C ILE A 980 -56.43 5.75 -11.74
N ASN A 981 -56.43 6.87 -11.00
CA ASN A 981 -56.92 6.99 -9.64
C ASN A 981 -56.05 6.20 -8.66
N ASN A 982 -55.08 5.43 -9.14
CA ASN A 982 -54.04 4.82 -8.31
C ASN A 982 -52.71 5.02 -9.02
N PRO A 983 -52.18 6.24 -9.02
CA PRO A 983 -50.94 6.50 -9.76
C PRO A 983 -49.74 5.87 -9.08
N ASP A 984 -48.66 5.74 -9.84
CA ASP A 984 -47.41 5.27 -9.28
C ASP A 984 -46.89 6.27 -8.26
N MET A 985 -46.55 5.77 -7.08
CA MET A 985 -46.19 6.67 -5.98
C MET A 985 -44.81 7.28 -6.19
N ARG A 986 -43.85 6.50 -6.69
CA ARG A 986 -42.54 7.05 -7.01
C ARG A 986 -42.64 8.11 -8.10
N VAL A 987 -43.44 7.84 -9.13
CA VAL A 987 -43.66 8.82 -10.18
C VAL A 987 -44.29 10.08 -9.61
N GLN A 988 -45.29 9.92 -8.73
CA GLN A 988 -45.94 11.09 -8.15
C GLN A 988 -44.98 11.92 -7.32
N ILE A 989 -44.16 11.27 -6.51
CA ILE A 989 -43.22 11.99 -5.64
C ILE A 989 -42.21 12.76 -6.49
N LEU A 990 -41.61 12.08 -7.47
CA LEU A 990 -40.62 12.73 -8.32
C LEU A 990 -41.23 13.87 -9.13
N LYS A 991 -42.44 13.65 -9.67
CA LYS A 991 -43.10 14.69 -10.45
C LYS A 991 -43.45 15.90 -9.59
N ASP A 992 -43.92 15.67 -8.36
CA ASP A 992 -44.22 16.78 -7.47
C ASP A 992 -42.96 17.59 -7.15
N TYR A 993 -41.86 16.89 -6.86
CA TYR A 993 -40.63 17.62 -6.57
C TYR A 993 -40.17 18.42 -7.78
N VAL A 994 -40.23 17.81 -8.97
CA VAL A 994 -39.77 18.50 -10.17
C VAL A 994 -40.65 19.71 -10.46
N ARG A 995 -41.97 19.58 -10.28
CA ARG A 995 -42.87 20.71 -10.46
C ARG A 995 -42.53 21.84 -9.52
N GLN A 996 -42.32 21.52 -8.23
CA GLN A 996 -42.10 22.60 -7.26
C GLN A 996 -40.72 23.23 -7.39
N HIS A 997 -39.71 22.48 -7.83
CA HIS A 997 -38.34 22.97 -7.74
C HIS A 997 -37.68 23.29 -9.08
N PHE A 998 -38.05 22.60 -10.16
CA PHE A 998 -37.39 22.88 -11.43
C PHE A 998 -37.89 24.20 -12.01
N PRO A 999 -37.00 25.00 -12.60
CA PRO A 999 -37.44 26.28 -13.18
C PRO A 999 -38.32 26.11 -14.39
N ALA A 1000 -37.93 25.22 -15.31
CA ALA A 1000 -38.71 24.95 -16.51
C ALA A 1000 -38.54 23.49 -16.89
N THR A 1001 -39.63 22.86 -17.31
CA THR A 1001 -39.64 21.45 -17.68
C THR A 1001 -40.41 21.26 -18.98
N PRO A 1002 -39.84 21.69 -20.11
CA PRO A 1002 -40.54 21.49 -21.39
C PRO A 1002 -40.68 20.03 -21.77
N LEU A 1003 -39.62 19.24 -21.62
CA LEU A 1003 -39.71 17.82 -21.96
C LEU A 1003 -40.67 17.09 -21.03
N LEU A 1004 -40.74 17.48 -19.77
CA LEU A 1004 -41.72 16.87 -18.87
C LEU A 1004 -43.15 17.16 -19.35
N ASP A 1005 -43.41 18.39 -19.79
CA ASP A 1005 -44.75 18.71 -20.30
C ASP A 1005 -45.05 17.93 -21.57
N TYR A 1006 -44.05 17.77 -22.44
CA TYR A 1006 -44.24 16.96 -23.64
C TYR A 1006 -44.58 15.51 -23.27
N ALA A 1007 -43.86 14.95 -22.31
CA ALA A 1007 -44.12 13.59 -21.87
C ALA A 1007 -45.48 13.47 -21.20
N LEU A 1008 -45.92 14.53 -20.49
CA LEU A 1008 -47.24 14.51 -19.87
C LEU A 1008 -48.35 14.53 -20.91
N GLU A 1009 -48.18 15.30 -21.99
CA GLU A 1009 -49.14 15.26 -23.08
C GLU A 1009 -49.17 13.89 -23.74
N VAL A 1010 -47.99 13.29 -23.96
CA VAL A 1010 -47.93 11.94 -24.51
C VAL A 1010 -48.64 10.96 -23.58
N GLU A 1011 -48.46 11.13 -22.27
CA GLU A 1011 -49.12 10.27 -21.29
C GLU A 1011 -50.63 10.45 -21.34
N LYS A 1012 -51.11 11.67 -21.51
CA LYS A 1012 -52.54 11.90 -21.66
C LYS A 1012 -53.07 11.12 -22.85
N ILE A 1013 -52.36 11.19 -23.98
CA ILE A 1013 -52.79 10.47 -25.18
C ILE A 1013 -52.79 8.97 -24.92
N THR A 1014 -51.73 8.44 -24.31
CA THR A 1014 -51.62 7.00 -24.13
C THR A 1014 -52.64 6.48 -23.12
N THR A 1015 -52.92 7.25 -22.06
CA THR A 1015 -53.95 6.85 -21.12
C THR A 1015 -55.34 6.95 -21.73
N SER A 1016 -55.54 7.89 -22.66
CA SER A 1016 -56.75 7.86 -23.47
C SER A 1016 -56.79 6.62 -24.34
N LYS A 1017 -55.63 6.06 -24.70
CA LYS A 1017 -55.61 4.77 -25.38
C LYS A 1017 -55.85 3.62 -24.42
N LYS A 1018 -55.16 3.63 -23.27
CA LYS A 1018 -55.35 2.59 -22.28
C LYS A 1018 -54.98 3.12 -20.90
N PRO A 1019 -55.84 2.93 -19.89
CA PRO A 1019 -55.57 3.49 -18.56
C PRO A 1019 -54.16 3.28 -18.02
N ASN A 1020 -53.59 2.08 -18.16
CA ASN A 1020 -52.31 1.77 -17.54
C ASN A 1020 -51.12 2.27 -18.35
N LEU A 1021 -51.36 2.94 -19.48
CA LEU A 1021 -50.27 3.47 -20.30
C LEU A 1021 -49.80 4.81 -19.75
N ILE A 1022 -49.41 4.79 -18.48
CA ILE A 1022 -48.99 5.98 -17.76
C ILE A 1022 -47.48 6.18 -17.93
N LEU A 1023 -47.03 7.40 -17.62
CA LEU A 1023 -45.61 7.69 -17.64
C LEU A 1023 -44.90 6.88 -16.56
N ASN A 1024 -43.95 6.05 -16.99
CA ASN A 1024 -43.22 5.18 -16.09
C ASN A 1024 -42.33 5.99 -15.15
N VAL A 1025 -41.79 5.30 -14.14
CA VAL A 1025 -40.71 5.89 -13.36
C VAL A 1025 -39.48 6.09 -14.23
N ALA A 1026 -39.23 5.15 -15.15
CA ALA A 1026 -38.10 5.27 -16.06
C ALA A 1026 -38.27 6.47 -16.98
N GLY A 1027 -39.44 6.61 -17.60
CA GLY A 1027 -39.67 7.73 -18.49
C GLY A 1027 -39.67 9.06 -17.77
N LEU A 1028 -40.31 9.11 -16.60
CA LEU A 1028 -40.31 10.34 -15.81
C LEU A 1028 -38.90 10.73 -15.42
N ILE A 1029 -38.09 9.77 -14.94
CA ILE A 1029 -36.72 10.07 -14.56
C ILE A 1029 -35.93 10.55 -15.78
N GLY A 1030 -36.09 9.89 -16.92
CA GLY A 1030 -35.35 10.30 -18.11
C GLY A 1030 -35.67 11.71 -18.56
N VAL A 1031 -36.98 12.01 -18.67
CA VAL A 1031 -37.37 13.34 -19.15
C VAL A 1031 -37.00 14.41 -18.12
N ALA A 1032 -37.16 14.10 -16.83
CA ALA A 1032 -36.83 15.08 -15.80
C ALA A 1032 -35.32 15.30 -15.72
N PHE A 1033 -34.52 14.26 -15.94
CA PHE A 1033 -33.08 14.42 -15.96
C PHE A 1033 -32.63 15.25 -17.16
N VAL A 1034 -33.24 15.02 -18.32
CA VAL A 1034 -32.92 15.85 -19.48
C VAL A 1034 -33.32 17.29 -19.23
N ASP A 1035 -34.49 17.52 -18.62
CA ASP A 1035 -34.92 18.88 -18.29
C ASP A 1035 -33.97 19.53 -17.29
N MET A 1036 -33.52 18.77 -16.29
CA MET A 1036 -32.58 19.30 -15.31
C MET A 1036 -31.27 19.69 -15.97
N LEU A 1037 -30.76 18.82 -16.86
CA LEU A 1037 -29.52 19.14 -17.57
C LEU A 1037 -29.68 20.38 -18.44
N ARG A 1038 -30.82 20.51 -19.12
CA ARG A 1038 -31.03 21.60 -20.06
C ARG A 1038 -31.46 22.91 -19.42
N ASN A 1039 -31.90 22.89 -18.17
CA ASN A 1039 -32.51 24.08 -17.58
C ASN A 1039 -31.90 24.52 -16.24
N CYS A 1040 -30.99 23.75 -15.66
CA CYS A 1040 -30.37 24.18 -14.41
C CYS A 1040 -29.38 25.32 -14.59
N GLY A 1041 -28.99 25.62 -15.82
CA GLY A 1041 -28.07 26.70 -16.10
C GLY A 1041 -26.60 26.33 -16.04
N SER A 1042 -26.28 25.11 -15.61
CA SER A 1042 -24.90 24.67 -15.51
C SER A 1042 -24.40 23.99 -16.79
N PHE A 1043 -25.27 23.78 -17.78
CA PHE A 1043 -24.91 23.07 -19.00
C PHE A 1043 -25.39 23.85 -20.20
N THR A 1044 -24.61 23.76 -21.29
CA THR A 1044 -25.10 24.17 -22.59
C THR A 1044 -25.91 23.04 -23.21
N ARG A 1045 -26.59 23.35 -24.32
CA ARG A 1045 -27.38 22.33 -25.00
C ARG A 1045 -26.50 21.18 -25.47
N GLU A 1046 -25.35 21.49 -26.06
CA GLU A 1046 -24.45 20.45 -26.53
C GLU A 1046 -23.91 19.62 -25.38
N GLU A 1047 -23.59 20.25 -24.25
CA GLU A 1047 -23.11 19.51 -23.09
C GLU A 1047 -24.16 18.54 -22.57
N ALA A 1048 -25.40 19.00 -22.44
CA ALA A 1048 -26.48 18.14 -21.97
C ALA A 1048 -26.72 16.99 -22.93
N ASP A 1049 -26.73 17.28 -24.24
CA ASP A 1049 -26.92 16.22 -25.23
C ASP A 1049 -25.79 15.20 -25.18
N GLU A 1050 -24.55 15.67 -25.01
CA GLU A 1050 -23.42 14.75 -24.92
C GLU A 1050 -23.50 13.89 -23.68
N TYR A 1051 -23.90 14.47 -22.55
CA TYR A 1051 -24.01 13.69 -21.31
C TYR A 1051 -25.11 12.65 -21.41
N ILE A 1052 -26.22 12.99 -22.06
CA ILE A 1052 -27.27 12.00 -22.30
C ILE A 1052 -26.76 10.92 -23.24
N ASP A 1053 -26.02 11.30 -24.28
CA ASP A 1053 -25.55 10.33 -25.26
C ASP A 1053 -24.55 9.35 -24.66
N ILE A 1054 -23.63 9.81 -23.82
CA ILE A 1054 -22.60 8.93 -23.30
C ILE A 1054 -23.08 8.03 -22.16
N GLY A 1055 -24.31 8.24 -21.68
CA GLY A 1055 -24.89 7.31 -20.73
C GLY A 1055 -24.88 7.77 -19.28
N ALA A 1056 -25.19 9.05 -19.04
CA ALA A 1056 -25.31 9.54 -17.67
C ALA A 1056 -26.46 8.87 -16.94
N LEU A 1057 -27.59 8.66 -17.63
CA LEU A 1057 -28.73 8.02 -16.98
C LEU A 1057 -28.50 6.53 -16.75
N ASN A 1058 -27.73 5.89 -17.62
CA ASN A 1058 -27.30 4.52 -17.34
C ASN A 1058 -26.51 4.47 -16.04
N GLY A 1059 -25.59 5.42 -15.85
CA GLY A 1059 -24.86 5.50 -14.60
C GLY A 1059 -25.76 5.77 -13.41
N ILE A 1060 -26.77 6.63 -13.60
CA ILE A 1060 -27.71 6.92 -12.51
C ILE A 1060 -28.42 5.65 -12.08
N PHE A 1061 -28.96 4.90 -13.04
CA PHE A 1061 -29.65 3.66 -12.71
C PHE A 1061 -28.70 2.65 -12.07
N VAL A 1062 -27.49 2.52 -12.62
CA VAL A 1062 -26.55 1.53 -12.10
C VAL A 1062 -26.17 1.86 -10.66
N LEU A 1063 -25.86 3.12 -10.39
CA LEU A 1063 -25.50 3.52 -9.03
C LEU A 1063 -26.67 3.35 -8.08
N GLY A 1064 -27.88 3.66 -8.52
CA GLY A 1064 -29.05 3.47 -7.67
C GLY A 1064 -29.28 2.00 -7.33
N ARG A 1065 -29.22 1.14 -8.36
CA ARG A 1065 -29.53 -0.27 -8.17
C ARG A 1065 -28.38 -1.06 -7.54
N SER A 1066 -27.17 -0.48 -7.52
CA SER A 1066 -26.08 -1.13 -6.81
C SER A 1066 -26.37 -1.23 -5.32
N MET A 1067 -27.05 -0.23 -4.76
CA MET A 1067 -27.46 -0.28 -3.37
C MET A 1067 -28.37 -1.48 -3.12
N GLY A 1068 -29.37 -1.66 -3.98
CA GLY A 1068 -30.27 -2.80 -3.83
C GLY A 1068 -29.57 -4.13 -4.03
N PHE A 1069 -28.63 -4.19 -4.98
CA PHE A 1069 -27.91 -5.44 -5.21
C PHE A 1069 -27.02 -5.79 -4.02
N ILE A 1070 -26.35 -4.80 -3.44
CA ILE A 1070 -25.56 -5.05 -2.24
C ILE A 1070 -26.46 -5.47 -1.08
N GLY A 1071 -27.64 -4.84 -0.98
CA GLY A 1071 -28.59 -5.26 0.03
C GLY A 1071 -29.03 -6.70 -0.14
N HIS A 1072 -29.25 -7.12 -1.39
CA HIS A 1072 -29.61 -8.51 -1.66
C HIS A 1072 -28.47 -9.45 -1.31
N TYR A 1073 -27.24 -9.07 -1.63
CA TYR A 1073 -26.09 -9.90 -1.27
C TYR A 1073 -25.99 -10.06 0.24
N LEU A 1074 -26.11 -8.96 0.98
CA LEU A 1074 -26.03 -9.03 2.43
C LEU A 1074 -27.18 -9.84 3.01
N ASP A 1075 -28.38 -9.70 2.45
CA ASP A 1075 -29.52 -10.47 2.90
C ASP A 1075 -29.31 -11.96 2.67
N GLN A 1076 -28.77 -12.33 1.51
CA GLN A 1076 -28.49 -13.74 1.24
C GLN A 1076 -27.45 -14.30 2.19
N LYS A 1077 -26.42 -13.49 2.49
CA LYS A 1077 -25.41 -13.93 3.46
C LYS A 1077 -26.03 -14.10 4.84
N ARG A 1078 -26.90 -13.17 5.24
CA ARG A 1078 -27.54 -13.25 6.55
C ARG A 1078 -28.45 -14.46 6.67
N LEU A 1079 -29.24 -14.73 5.63
CA LEU A 1079 -30.11 -15.90 5.64
C LEU A 1079 -29.33 -17.20 5.46
N LYS A 1080 -28.04 -17.13 5.14
CA LYS A 1080 -27.18 -18.30 5.00
C LYS A 1080 -27.75 -19.27 3.97
N GLN A 1081 -28.25 -18.74 2.87
CA GLN A 1081 -28.82 -19.57 1.81
C GLN A 1081 -27.72 -20.37 1.12
N GLY A 1082 -28.03 -21.63 0.82
CA GLY A 1082 -27.07 -22.53 0.20
C GLY A 1082 -27.00 -22.35 -1.30
N LEU A 1083 -26.19 -23.20 -1.92
CA LEU A 1083 -26.02 -23.17 -3.37
C LEU A 1083 -27.35 -23.44 -4.07
N TYR A 1084 -27.66 -22.63 -5.06
CA TYR A 1084 -28.88 -22.75 -5.83
C TYR A 1084 -28.63 -23.56 -7.10
N ARG A 1085 -29.55 -24.48 -7.39
CA ARG A 1085 -29.55 -25.20 -8.66
C ARG A 1085 -30.96 -25.12 -9.23
N HIS A 1086 -31.07 -24.68 -10.47
CA HIS A 1086 -32.39 -24.52 -11.06
C HIS A 1086 -33.05 -25.87 -11.27
N PRO A 1087 -34.34 -26.00 -10.98
CA PRO A 1087 -35.01 -27.29 -11.13
C PRO A 1087 -34.99 -27.76 -12.58
N TRP A 1088 -34.84 -29.07 -12.76
CA TRP A 1088 -34.85 -29.65 -14.09
C TRP A 1088 -36.22 -29.59 -14.75
N ASP A 1089 -37.30 -29.55 -13.96
CA ASP A 1089 -38.64 -29.51 -14.53
C ASP A 1089 -38.98 -28.14 -15.10
N ASP A 1090 -38.25 -27.11 -14.72
CA ASP A 1090 -38.45 -25.77 -15.27
C ASP A 1090 -37.62 -25.52 -16.52
N ILE A 1091 -36.88 -26.51 -16.99
CA ILE A 1091 -36.02 -26.37 -18.17
C ILE A 1091 -36.53 -27.33 -19.24
N SER A 1092 -36.72 -26.81 -20.44
CA SER A 1092 -37.15 -27.61 -21.59
C SER A 1092 -35.90 -28.00 -22.38
N TYR A 1093 -35.54 -29.28 -22.32
CA TYR A 1093 -34.37 -29.80 -23.02
C TYR A 1093 -34.79 -30.21 -24.42
N VAL A 1094 -34.35 -29.47 -25.43
CA VAL A 1094 -34.61 -29.78 -26.83
C VAL A 1094 -33.26 -29.86 -27.52
N LEU A 1095 -32.69 -31.05 -27.53
CA LEU A 1095 -31.37 -31.30 -28.07
C LEU A 1095 -31.47 -31.97 -29.43
N PRO A 1096 -30.44 -31.83 -30.27
CA PRO A 1096 -30.43 -32.54 -31.55
C PRO A 1096 -30.48 -34.05 -31.35
N GLU A 1097 -31.16 -34.73 -32.27
CA GLU A 1097 -31.27 -36.18 -32.18
C GLU A 1097 -29.90 -36.84 -32.30
N HIS A 1098 -29.10 -36.41 -33.28
CA HIS A 1098 -27.76 -36.94 -33.48
C HIS A 1098 -26.69 -35.88 -33.73
N MET A 1099 -27.06 -34.70 -34.21
CA MET A 1099 -26.10 -33.66 -34.53
C MET A 1099 -25.45 -33.09 -33.27
N VAL B 821 15.19 23.09 -26.46
CA VAL B 821 14.41 21.97 -26.94
C VAL B 821 14.67 20.74 -26.09
N PRO B 822 13.71 20.40 -25.22
CA PRO B 822 13.90 19.22 -24.37
C PRO B 822 14.05 17.95 -25.19
N MET B 823 14.91 17.05 -24.70
CA MET B 823 15.15 15.79 -25.38
C MET B 823 13.95 14.87 -25.25
N ASP B 824 13.68 14.12 -26.31
CA ASP B 824 12.62 13.13 -26.26
C ASP B 824 13.00 11.99 -25.31
N TYR B 825 12.01 11.49 -24.57
CA TYR B 825 12.28 10.37 -23.67
C TYR B 825 12.72 9.13 -24.45
N SER B 826 12.07 8.85 -25.58
CA SER B 826 12.45 7.71 -26.39
C SER B 826 13.87 7.86 -26.92
N TRP B 827 14.22 9.06 -27.39
CA TRP B 827 15.57 9.30 -27.89
C TRP B 827 16.61 9.17 -26.78
N ALA B 828 16.30 9.70 -25.60
CA ALA B 828 17.24 9.59 -24.48
C ALA B 828 17.41 8.14 -24.05
N ARG B 829 16.33 7.36 -24.07
CA ARG B 829 16.44 5.94 -23.78
C ARG B 829 17.27 5.21 -24.84
N GLU B 830 17.10 5.60 -26.11
CA GLU B 830 17.88 4.96 -27.18
C GLU B 830 19.37 5.20 -26.99
N LEU B 831 19.76 6.41 -26.63
CA LEU B 831 21.16 6.72 -26.34
C LEU B 831 21.60 6.23 -24.98
N GLY B 832 20.67 5.73 -24.16
CA GLY B 832 21.01 5.28 -22.82
C GLY B 832 21.44 6.39 -21.89
N LEU B 833 20.90 7.59 -22.07
CA LEU B 833 21.21 8.71 -21.19
C LEU B 833 20.37 8.73 -19.93
N ILE B 834 19.28 7.97 -19.90
CA ILE B 834 18.40 7.92 -18.74
C ILE B 834 18.04 6.47 -18.46
N ARG B 835 17.56 6.21 -17.24
CA ARG B 835 17.07 4.90 -16.85
C ARG B 835 15.75 5.08 -16.13
N LYS B 836 14.72 4.37 -16.60
CA LYS B 836 13.39 4.41 -16.00
C LYS B 836 13.00 2.98 -15.65
N PRO B 837 12.71 2.67 -14.38
CA PRO B 837 12.34 1.30 -14.03
C PRO B 837 11.06 0.86 -14.72
N ALA B 838 11.03 -0.40 -15.13
CA ALA B 838 9.85 -0.97 -15.75
C ALA B 838 8.86 -1.40 -14.67
N SER B 839 7.61 -0.94 -14.81
CA SER B 839 6.60 -1.22 -13.80
C SER B 839 5.96 -2.59 -13.93
N PHE B 840 6.24 -3.32 -15.01
CA PHE B 840 5.60 -4.61 -15.26
C PHE B 840 6.64 -5.64 -15.64
N MET B 841 6.39 -6.88 -15.25
CA MET B 841 7.21 -8.03 -15.60
C MET B 841 6.31 -9.12 -16.17
N THR B 842 6.73 -9.73 -17.28
CA THR B 842 5.96 -10.78 -17.91
C THR B 842 6.90 -11.90 -18.33
N SER B 843 6.36 -13.11 -18.43
CA SER B 843 7.17 -14.28 -18.75
C SER B 843 6.53 -15.24 -19.73
N ILE B 844 5.31 -14.98 -20.21
CA ILE B 844 4.57 -15.98 -20.96
C ILE B 844 4.52 -15.70 -22.45
N CYS B 845 4.60 -14.44 -22.88
CA CYS B 845 4.41 -14.11 -24.28
C CYS B 845 5.26 -12.91 -24.65
N ASP B 846 5.87 -12.96 -25.83
CA ASP B 846 6.64 -11.85 -26.37
C ASP B 846 6.11 -11.55 -27.77
N GLU B 847 5.59 -10.34 -27.96
CA GLU B 847 5.01 -9.93 -29.23
C GLU B 847 5.81 -8.83 -29.91
N ARG B 848 6.88 -8.33 -29.28
CA ARG B 848 7.66 -7.24 -29.86
C ARG B 848 8.45 -7.69 -31.07
N GLY B 849 8.93 -8.93 -31.07
CA GLY B 849 9.83 -9.39 -32.10
C GLY B 849 9.14 -9.66 -33.42
N GLN B 850 9.92 -10.18 -34.36
CA GLN B 850 9.42 -10.45 -35.70
C GLN B 850 8.37 -11.56 -35.71
N GLU B 851 8.36 -12.42 -34.70
CA GLU B 851 7.39 -13.51 -34.61
C GLU B 851 6.84 -13.59 -33.21
N LEU B 852 5.60 -14.08 -33.10
CA LEU B 852 4.99 -14.29 -31.80
C LEU B 852 5.69 -15.43 -31.07
N ILE B 853 5.93 -15.24 -29.78
CA ILE B 853 6.68 -16.19 -28.97
C ILE B 853 5.84 -16.58 -27.75
N TYR B 854 5.69 -17.88 -27.55
CA TYR B 854 4.97 -18.42 -26.40
C TYR B 854 5.99 -19.06 -25.46
N ALA B 855 6.39 -18.30 -24.43
CA ALA B 855 7.32 -18.78 -23.41
C ALA B 855 8.61 -19.33 -24.03
N GLY B 856 9.20 -18.55 -24.93
CA GLY B 856 10.42 -18.93 -25.59
C GLY B 856 10.24 -19.77 -26.84
N MET B 857 9.02 -20.18 -27.15
CA MET B 857 8.75 -21.04 -28.30
C MET B 857 8.06 -20.23 -29.40
N PRO B 858 8.65 -20.12 -30.58
CA PRO B 858 7.97 -19.42 -31.67
C PRO B 858 6.66 -20.13 -32.04
N ILE B 859 5.68 -19.33 -32.47
CA ILE B 859 4.39 -19.89 -32.85
C ILE B 859 4.53 -20.85 -34.03
N THR B 860 5.47 -20.58 -34.93
CA THR B 860 5.75 -21.54 -36.01
C THR B 860 6.27 -22.85 -35.45
N GLU B 861 7.15 -22.79 -34.46
CA GLU B 861 7.61 -24.01 -33.80
C GLU B 861 6.48 -24.67 -33.02
N VAL B 862 5.56 -23.87 -32.46
CA VAL B 862 4.44 -24.43 -31.72
C VAL B 862 3.56 -25.26 -32.65
N PHE B 863 3.27 -24.74 -33.84
CA PHE B 863 2.45 -25.48 -34.78
C PHE B 863 3.22 -26.61 -35.47
N LYS B 864 4.54 -26.44 -35.65
CA LYS B 864 5.34 -27.48 -36.27
C LYS B 864 5.42 -28.72 -35.39
N GLU B 865 5.54 -28.51 -34.08
CA GLU B 865 5.61 -29.62 -33.13
C GLU B 865 4.25 -30.23 -32.82
N GLU B 866 3.18 -29.67 -33.37
CA GLU B 866 1.82 -30.13 -33.11
C GLU B 866 1.52 -30.11 -31.62
N MET B 867 1.91 -29.03 -30.95
CA MET B 867 1.76 -28.94 -29.51
C MET B 867 0.28 -28.93 -29.11
N GLY B 868 -0.58 -28.39 -29.96
CA GLY B 868 -2.01 -28.40 -29.71
C GLY B 868 -2.42 -27.38 -28.66
N ILE B 869 -3.71 -27.41 -28.34
CA ILE B 869 -4.24 -26.50 -27.34
C ILE B 869 -3.65 -26.82 -25.97
N GLY B 870 -3.50 -28.11 -25.65
CA GLY B 870 -2.86 -28.48 -24.40
C GLY B 870 -1.43 -28.00 -24.31
N GLY B 871 -0.68 -28.10 -25.42
CA GLY B 871 0.68 -27.61 -25.43
C GLY B 871 0.76 -26.11 -25.28
N VAL B 872 -0.11 -25.38 -25.96
CA VAL B 872 -0.15 -23.93 -25.82
C VAL B 872 -0.51 -23.54 -24.38
N LEU B 873 -1.45 -24.28 -23.78
CA LEU B 873 -1.80 -24.04 -22.39
C LEU B 873 -0.62 -24.28 -21.47
N GLY B 874 0.12 -25.37 -21.71
CA GLY B 874 1.31 -25.62 -20.91
C GLY B 874 2.32 -24.50 -21.02
N LEU B 875 2.57 -24.04 -22.26
CA LEU B 875 3.52 -22.95 -22.47
C LEU B 875 3.06 -21.67 -21.78
N LEU B 876 1.78 -21.35 -21.85
CA LEU B 876 1.29 -20.07 -21.37
C LEU B 876 1.03 -20.04 -19.88
N TRP B 877 0.76 -21.19 -19.26
CA TRP B 877 0.44 -21.24 -17.84
C TRP B 877 1.62 -21.70 -17.00
N PHE B 878 2.44 -22.62 -17.49
CA PHE B 878 3.56 -23.15 -16.73
C PHE B 878 4.92 -22.81 -17.32
N GLN B 879 4.97 -22.23 -18.52
CA GLN B 879 6.22 -21.91 -19.20
C GLN B 879 7.09 -23.15 -19.37
N LYS B 880 6.44 -24.29 -19.63
CA LYS B 880 7.12 -25.55 -19.81
C LYS B 880 6.62 -26.23 -21.07
N ARG B 881 7.50 -26.99 -21.72
CA ARG B 881 7.14 -27.82 -22.86
C ARG B 881 6.75 -29.19 -22.34
N LEU B 882 5.46 -29.36 -22.06
CA LEU B 882 4.97 -30.60 -21.49
C LEU B 882 5.04 -31.73 -22.52
N PRO B 883 5.15 -32.98 -22.07
CA PRO B 883 5.08 -34.11 -23.00
C PRO B 883 3.69 -34.22 -23.62
N LYS B 884 3.62 -35.04 -24.67
CA LYS B 884 2.39 -35.14 -25.45
C LYS B 884 1.23 -35.67 -24.62
N TYR B 885 1.50 -36.65 -23.75
CA TYR B 885 0.43 -37.23 -22.96
C TYR B 885 -0.14 -36.22 -21.96
N SER B 886 0.71 -35.39 -21.37
CA SER B 886 0.23 -34.36 -20.46
C SER B 886 -0.64 -33.33 -21.18
N CYS B 887 -0.22 -32.92 -22.39
CA CYS B 887 -1.00 -31.97 -23.16
C CYS B 887 -2.35 -32.55 -23.55
N GLN B 888 -2.36 -33.81 -23.98
CA GLN B 888 -3.62 -34.47 -24.32
C GLN B 888 -4.50 -34.61 -23.10
N PHE B 889 -3.91 -34.93 -21.94
CA PHE B 889 -4.69 -35.01 -20.70
C PHE B 889 -5.32 -33.68 -20.34
N ILE B 890 -4.57 -32.59 -20.51
CA ILE B 890 -5.13 -31.25 -20.27
C ILE B 890 -6.29 -30.99 -21.22
N GLU B 891 -6.15 -31.40 -22.49
CA GLU B 891 -7.23 -31.20 -23.45
C GLU B 891 -8.47 -31.99 -23.05
N MET B 892 -8.31 -33.25 -22.62
CA MET B 892 -9.47 -34.03 -22.17
C MET B 892 -10.07 -33.45 -20.90
N CYS B 893 -9.24 -32.90 -20.01
CA CYS B 893 -9.77 -32.24 -18.82
C CYS B 893 -10.63 -31.05 -19.19
N LEU B 894 -10.18 -30.26 -20.16
CA LEU B 894 -11.02 -29.16 -20.66
C LEU B 894 -12.28 -29.69 -21.32
N MET B 895 -12.20 -30.85 -21.97
CA MET B 895 -13.35 -31.40 -22.67
C MET B 895 -14.41 -31.91 -21.72
N VAL B 896 -14.02 -32.57 -20.62
CA VAL B 896 -15.00 -33.16 -19.71
C VAL B 896 -15.67 -32.08 -18.87
N THR B 897 -15.01 -30.95 -18.67
CA THR B 897 -15.57 -29.84 -17.91
C THR B 897 -16.18 -28.77 -18.81
N ALA B 898 -16.42 -29.10 -20.09
CA ALA B 898 -16.93 -28.11 -21.03
C ALA B 898 -18.29 -27.58 -20.60
N ASP B 899 -19.22 -28.47 -20.28
CA ASP B 899 -20.53 -28.05 -19.83
C ASP B 899 -21.17 -29.18 -19.05
N HIS B 900 -22.03 -28.82 -18.10
CA HIS B 900 -22.78 -29.79 -17.31
C HIS B 900 -24.22 -29.34 -17.15
N GLY B 901 -24.83 -28.85 -18.23
CA GLY B 901 -26.22 -28.47 -18.22
C GLY B 901 -26.45 -27.02 -17.87
N PRO B 902 -27.68 -26.55 -18.08
CA PRO B 902 -28.02 -25.15 -17.79
C PRO B 902 -28.48 -24.88 -16.35
N ALA B 903 -28.65 -25.91 -15.53
CA ALA B 903 -29.19 -25.75 -14.19
C ALA B 903 -28.17 -25.27 -13.17
N VAL B 904 -26.87 -25.35 -13.48
CA VAL B 904 -25.86 -24.89 -12.52
C VAL B 904 -25.85 -23.37 -12.45
N SER B 905 -25.20 -22.86 -11.40
CA SER B 905 -25.28 -21.44 -11.09
C SER B 905 -24.69 -20.58 -12.22
N GLY B 906 -23.51 -20.96 -12.71
CA GLY B 906 -22.88 -20.17 -13.75
C GLY B 906 -23.64 -20.18 -15.06
N ALA B 907 -24.09 -21.36 -15.48
CA ALA B 907 -24.88 -21.45 -16.70
C ALA B 907 -26.20 -20.71 -16.54
N HIS B 908 -26.82 -20.81 -15.36
CA HIS B 908 -28.04 -20.07 -15.10
C HIS B 908 -27.83 -18.58 -15.25
N ASN B 909 -26.75 -18.05 -14.63
CA ASN B 909 -26.48 -16.62 -14.72
C ASN B 909 -26.18 -16.19 -16.16
N THR B 910 -25.41 -17.00 -16.89
CA THR B 910 -25.10 -16.67 -18.28
C THR B 910 -26.38 -16.63 -19.12
N ILE B 911 -27.27 -17.59 -18.91
CA ILE B 911 -28.54 -17.61 -19.63
C ILE B 911 -29.38 -16.39 -19.28
N ILE B 912 -29.42 -16.03 -18.00
CA ILE B 912 -30.19 -14.84 -17.59
C ILE B 912 -29.65 -13.60 -18.29
N CYS B 913 -28.32 -13.44 -18.29
CA CYS B 913 -27.72 -12.28 -18.93
C CYS B 913 -27.96 -12.28 -20.44
N ALA B 914 -27.89 -13.45 -21.07
CA ALA B 914 -28.17 -13.53 -22.50
C ALA B 914 -29.60 -13.14 -22.81
N ARG B 915 -30.55 -13.62 -22.00
CA ARG B 915 -31.95 -13.26 -22.19
C ARG B 915 -32.22 -11.80 -21.83
N ALA B 916 -31.28 -11.12 -21.18
CA ALA B 916 -31.40 -9.70 -20.91
C ALA B 916 -30.88 -8.83 -22.04
N GLY B 917 -30.47 -9.45 -23.15
CA GLY B 917 -30.01 -8.70 -24.31
C GLY B 917 -28.57 -8.26 -24.26
N LYS B 918 -27.78 -8.76 -23.31
CA LYS B 918 -26.39 -8.36 -23.21
C LYS B 918 -25.53 -9.13 -24.21
N ASP B 919 -24.30 -8.65 -24.40
CA ASP B 919 -23.38 -9.23 -25.36
C ASP B 919 -22.77 -10.51 -24.79
N LEU B 920 -21.95 -11.17 -25.62
CA LEU B 920 -21.33 -12.44 -25.24
C LEU B 920 -20.43 -12.27 -24.04
N VAL B 921 -19.59 -11.22 -24.04
CA VAL B 921 -18.63 -11.03 -22.96
C VAL B 921 -19.33 -10.81 -21.64
N SER B 922 -20.38 -9.98 -21.63
CA SER B 922 -21.08 -9.67 -20.39
C SER B 922 -21.75 -10.92 -19.82
N SER B 923 -22.44 -11.69 -20.66
CA SER B 923 -23.12 -12.88 -20.17
C SER B 923 -22.12 -13.93 -19.69
N LEU B 924 -21.04 -14.13 -20.44
CA LEU B 924 -20.02 -15.09 -20.03
C LEU B 924 -19.39 -14.68 -18.70
N THR B 925 -19.10 -13.40 -18.52
CA THR B 925 -18.50 -12.93 -17.28
C THR B 925 -19.47 -13.07 -16.11
N SER B 926 -20.76 -12.79 -16.35
CA SER B 926 -21.76 -12.98 -15.32
C SER B 926 -21.83 -14.44 -14.88
N GLY B 927 -21.76 -15.36 -15.83
CA GLY B 927 -21.72 -16.77 -15.48
C GLY B 927 -20.43 -17.17 -14.76
N LEU B 928 -19.31 -16.62 -15.19
CA LEU B 928 -18.02 -17.00 -14.61
C LEU B 928 -17.86 -16.48 -13.19
N LEU B 929 -18.48 -15.33 -12.88
CA LEU B 929 -18.30 -14.75 -11.55
C LEU B 929 -18.92 -15.59 -10.44
N THR B 930 -19.79 -16.54 -10.77
CA THR B 930 -20.31 -17.46 -9.76
C THR B 930 -19.32 -18.58 -9.45
N ILE B 931 -18.28 -18.75 -10.27
CA ILE B 931 -17.32 -19.82 -10.04
C ILE B 931 -16.45 -19.48 -8.84
N GLY B 932 -16.38 -20.40 -7.89
CA GLY B 932 -15.68 -20.16 -6.64
C GLY B 932 -15.75 -21.37 -5.74
N ASP B 933 -16.05 -21.15 -4.46
CA ASP B 933 -16.03 -22.24 -3.49
C ASP B 933 -17.13 -23.25 -3.78
N ARG B 934 -18.39 -22.81 -3.76
CA ARG B 934 -19.50 -23.74 -3.85
C ARG B 934 -19.70 -24.29 -5.26
N PHE B 935 -19.41 -23.50 -6.30
CA PHE B 935 -19.58 -23.94 -7.67
C PHE B 935 -18.24 -23.79 -8.40
N GLY B 936 -17.73 -24.90 -8.92
CA GLY B 936 -16.56 -24.89 -9.76
C GLY B 936 -15.23 -25.00 -9.04
N GLY B 937 -15.22 -24.92 -7.71
CA GLY B 937 -14.00 -25.04 -6.95
C GLY B 937 -13.71 -26.41 -6.42
N ALA B 938 -14.46 -27.42 -6.84
CA ALA B 938 -14.25 -28.78 -6.33
C ALA B 938 -12.93 -29.37 -6.83
N LEU B 939 -12.50 -29.00 -8.04
CA LEU B 939 -11.23 -29.50 -8.55
C LEU B 939 -10.07 -29.08 -7.67
N ASP B 940 -9.97 -27.77 -7.40
CA ASP B 940 -8.87 -27.24 -6.61
C ASP B 940 -8.96 -27.72 -5.16
N ALA B 941 -10.17 -27.73 -4.60
CA ALA B 941 -10.33 -28.18 -3.22
C ALA B 941 -9.95 -29.65 -3.06
N ALA B 942 -10.39 -30.49 -4.00
CA ALA B 942 -10.04 -31.91 -3.95
C ALA B 942 -8.54 -32.11 -4.10
N ALA B 943 -7.92 -31.39 -5.03
CA ALA B 943 -6.48 -31.50 -5.21
C ALA B 943 -5.74 -31.10 -3.94
N LYS B 944 -6.12 -29.98 -3.33
CA LYS B 944 -5.46 -29.53 -2.12
C LYS B 944 -5.66 -30.52 -0.98
N MET B 945 -6.89 -31.02 -0.80
CA MET B 945 -7.17 -31.93 0.29
C MET B 945 -6.37 -33.23 0.14
N PHE B 946 -6.40 -33.82 -1.05
CA PHE B 946 -5.69 -35.08 -1.25
C PHE B 946 -4.18 -34.88 -1.18
N SER B 947 -3.67 -33.76 -1.69
CA SER B 947 -2.24 -33.50 -1.59
C SER B 947 -1.82 -33.33 -0.13
N LYS B 948 -2.60 -32.61 0.66
CA LYS B 948 -2.28 -32.44 2.07
C LYS B 948 -2.32 -33.78 2.80
N ALA B 949 -3.31 -34.61 2.49
CA ALA B 949 -3.40 -35.92 3.13
C ALA B 949 -2.22 -36.81 2.75
N PHE B 950 -1.87 -36.84 1.47
CA PHE B 950 -0.83 -37.73 0.99
C PHE B 950 0.55 -37.27 1.43
N ASP B 951 0.77 -35.96 1.50
CA ASP B 951 2.07 -35.43 1.88
C ASP B 951 2.30 -35.49 3.38
N SER B 952 1.25 -35.68 4.18
CA SER B 952 1.38 -35.79 5.62
C SER B 952 1.71 -37.21 6.08
N GLY B 953 1.66 -38.19 5.17
CA GLY B 953 2.02 -39.55 5.49
C GLY B 953 0.90 -40.41 6.02
N ILE B 954 -0.26 -39.83 6.34
CA ILE B 954 -1.35 -40.62 6.89
C ILE B 954 -1.91 -41.55 5.83
N ILE B 955 -2.34 -42.73 6.27
CA ILE B 955 -2.90 -43.76 5.38
C ILE B 955 -4.31 -43.35 4.98
N PRO B 956 -4.86 -43.91 3.89
CA PRO B 956 -6.21 -43.51 3.47
C PRO B 956 -7.28 -43.66 4.54
N MET B 957 -7.22 -44.74 5.33
CA MET B 957 -8.18 -44.90 6.43
C MET B 957 -8.02 -43.78 7.44
N GLU B 958 -6.78 -43.41 7.77
CA GLU B 958 -6.54 -42.30 8.68
C GLU B 958 -7.08 -41.00 8.12
N PHE B 959 -6.90 -40.79 6.81
CA PHE B 959 -7.42 -39.58 6.17
C PHE B 959 -8.95 -39.52 6.24
N VAL B 960 -9.60 -40.65 5.97
CA VAL B 960 -11.07 -40.69 6.03
C VAL B 960 -11.54 -40.42 7.45
N ASN B 961 -10.91 -41.06 8.44
CA ASN B 961 -11.29 -40.85 9.83
C ASN B 961 -11.06 -39.40 10.25
N LYS B 962 -9.94 -38.81 9.84
CA LYS B 962 -9.66 -37.43 10.21
C LYS B 962 -10.66 -36.47 9.58
N MET B 963 -11.00 -36.68 8.30
CA MET B 963 -12.03 -35.86 7.68
C MET B 963 -13.36 -36.00 8.39
N LYS B 964 -13.70 -37.22 8.83
CA LYS B 964 -14.93 -37.42 9.58
C LYS B 964 -14.89 -36.67 10.91
N LYS B 965 -13.75 -36.71 11.61
CA LYS B 965 -13.64 -36.03 12.90
C LYS B 965 -13.74 -34.52 12.75
N GLU B 966 -13.10 -33.96 11.72
CA GLU B 966 -13.20 -32.52 11.51
C GLU B 966 -14.53 -32.10 10.90
N GLY B 967 -15.39 -33.05 10.55
CA GLY B 967 -16.68 -32.72 9.98
C GLY B 967 -16.64 -32.24 8.56
N LYS B 968 -15.58 -32.57 7.82
CA LYS B 968 -15.42 -32.15 6.44
C LYS B 968 -15.67 -33.32 5.51
N LEU B 969 -16.58 -33.12 4.55
CA LEU B 969 -16.74 -34.10 3.48
C LEU B 969 -15.51 -34.11 2.60
N ILE B 970 -15.11 -35.30 2.17
CA ILE B 970 -13.93 -35.42 1.31
C ILE B 970 -14.26 -34.86 -0.06
N MET B 971 -13.57 -33.80 -0.45
CA MET B 971 -13.79 -33.19 -1.75
C MET B 971 -13.35 -34.13 -2.86
N GLY B 972 -14.16 -34.21 -3.90
CA GLY B 972 -13.94 -35.15 -4.98
C GLY B 972 -14.49 -36.54 -4.77
N ILE B 973 -15.32 -36.74 -3.75
CA ILE B 973 -15.91 -38.04 -3.46
C ILE B 973 -17.42 -37.87 -3.37
N GLY B 974 -18.15 -38.71 -4.09
CA GLY B 974 -19.59 -38.75 -3.98
C GLY B 974 -20.36 -38.29 -5.19
N HIS B 975 -21.14 -39.19 -5.78
CA HIS B 975 -21.94 -38.89 -6.96
C HIS B 975 -23.43 -39.04 -6.63
N ARG B 976 -24.24 -38.23 -7.30
CA ARG B 976 -25.69 -38.23 -7.00
C ARG B 976 -26.34 -39.55 -7.39
N VAL B 977 -25.97 -40.12 -8.53
CA VAL B 977 -26.60 -41.32 -9.05
C VAL B 977 -25.58 -42.44 -9.26
N LYS B 978 -24.43 -42.12 -9.85
CA LYS B 978 -23.45 -43.13 -10.19
C LYS B 978 -22.83 -43.73 -8.94
N SER B 979 -22.49 -45.01 -9.02
CA SER B 979 -22.00 -45.77 -7.88
C SER B 979 -21.10 -46.89 -8.40
N ILE B 980 -20.80 -47.85 -7.52
CA ILE B 980 -20.10 -49.04 -7.96
C ILE B 980 -20.99 -49.84 -8.89
N ASN B 981 -20.39 -50.43 -9.92
CA ASN B 981 -21.04 -51.14 -11.01
C ASN B 981 -21.84 -50.22 -11.92
N ASN B 982 -21.94 -48.94 -11.59
CA ASN B 982 -22.52 -47.92 -12.47
C ASN B 982 -21.58 -46.73 -12.49
N PRO B 983 -20.38 -46.89 -13.05
CA PRO B 983 -19.36 -45.86 -12.92
C PRO B 983 -19.65 -44.63 -13.77
N ASP B 984 -19.08 -43.51 -13.34
CA ASP B 984 -19.13 -42.28 -14.12
C ASP B 984 -18.27 -42.46 -15.38
N MET B 985 -18.88 -42.18 -16.54
CA MET B 985 -18.18 -42.42 -17.80
C MET B 985 -17.00 -41.47 -17.97
N ARG B 986 -17.18 -40.19 -17.61
CA ARG B 986 -16.07 -39.24 -17.68
C ARG B 986 -14.92 -39.66 -16.79
N VAL B 987 -15.23 -40.09 -15.56
CA VAL B 987 -14.20 -40.55 -14.64
C VAL B 987 -13.48 -41.75 -15.22
N GLN B 988 -14.22 -42.69 -15.81
CA GLN B 988 -13.60 -43.87 -16.39
C GLN B 988 -12.67 -43.49 -17.54
N ILE B 989 -13.10 -42.57 -18.40
CA ILE B 989 -12.29 -42.16 -19.53
C ILE B 989 -10.99 -41.53 -19.06
N LEU B 990 -11.09 -40.55 -18.14
CA LEU B 990 -9.88 -39.87 -17.67
C LEU B 990 -8.97 -40.82 -16.91
N LYS B 991 -9.53 -41.69 -16.08
CA LYS B 991 -8.72 -42.63 -15.31
C LYS B 991 -8.02 -43.63 -16.23
N ASP B 992 -8.72 -44.12 -17.26
CA ASP B 992 -8.10 -45.02 -18.22
C ASP B 992 -6.93 -44.33 -18.93
N TYR B 993 -7.15 -43.09 -19.39
CA TYR B 993 -6.07 -42.39 -20.06
C TYR B 993 -4.88 -42.19 -19.13
N VAL B 994 -5.14 -41.79 -17.89
CA VAL B 994 -4.06 -41.55 -16.94
C VAL B 994 -3.30 -42.85 -16.67
N ARG B 995 -4.01 -43.96 -16.50
CA ARG B 995 -3.36 -45.23 -16.24
C ARG B 995 -2.47 -45.66 -17.40
N GLN B 996 -2.97 -45.55 -18.63
CA GLN B 996 -2.15 -46.00 -19.75
C GLN B 996 -1.05 -45.02 -20.14
N HIS B 997 -1.13 -43.75 -19.73
CA HIS B 997 -0.16 -42.77 -20.23
C HIS B 997 0.69 -42.12 -19.15
N PHE B 998 0.20 -41.94 -17.93
CA PHE B 998 1.01 -41.31 -16.91
C PHE B 998 2.11 -42.26 -16.44
N PRO B 999 3.31 -41.77 -16.18
CA PRO B 999 4.37 -42.68 -15.70
C PRO B 999 4.16 -43.15 -14.28
N ALA B 1000 3.72 -42.28 -13.39
CA ALA B 1000 3.46 -42.66 -12.00
C ALA B 1000 2.29 -41.82 -11.48
N THR B 1001 1.39 -42.47 -10.76
CA THR B 1001 0.19 -41.84 -10.21
C THR B 1001 0.06 -42.18 -8.73
N PRO B 1002 0.93 -41.63 -7.88
CA PRO B 1002 0.84 -41.94 -6.44
C PRO B 1002 -0.43 -41.38 -5.81
N LEU B 1003 -0.70 -40.10 -6.07
CA LEU B 1003 -1.89 -39.47 -5.52
C LEU B 1003 -3.17 -40.11 -6.05
N LEU B 1004 -3.17 -40.53 -7.32
CA LEU B 1004 -4.33 -41.21 -7.87
C LEU B 1004 -4.57 -42.54 -7.16
N ASP B 1005 -3.51 -43.29 -6.87
CA ASP B 1005 -3.66 -44.55 -6.13
C ASP B 1005 -4.15 -44.29 -4.72
N TYR B 1006 -3.64 -43.24 -4.07
CA TYR B 1006 -4.12 -42.88 -2.74
C TYR B 1006 -5.60 -42.52 -2.77
N ALA B 1007 -6.03 -41.74 -3.77
CA ALA B 1007 -7.43 -41.38 -3.91
C ALA B 1007 -8.29 -42.60 -4.23
N LEU B 1008 -7.76 -43.56 -4.99
CA LEU B 1008 -8.51 -44.77 -5.27
C LEU B 1008 -8.69 -45.62 -4.02
N GLU B 1009 -7.67 -45.66 -3.15
CA GLU B 1009 -7.84 -46.33 -1.86
C GLU B 1009 -8.88 -45.63 -1.01
N VAL B 1010 -8.85 -44.29 -1.00
CA VAL B 1010 -9.87 -43.53 -0.26
C VAL B 1010 -11.26 -43.84 -0.80
N GLU B 1011 -11.39 -43.93 -2.13
CA GLU B 1011 -12.67 -44.25 -2.73
C GLU B 1011 -13.10 -45.68 -2.44
N LYS B 1012 -12.14 -46.60 -2.32
CA LYS B 1012 -12.45 -47.96 -1.90
C LYS B 1012 -13.00 -47.97 -0.49
N ILE B 1013 -12.45 -47.13 0.39
CA ILE B 1013 -13.00 -47.04 1.75
C ILE B 1013 -14.39 -46.43 1.73
N THR B 1014 -14.59 -45.36 0.94
CA THR B 1014 -15.88 -44.69 0.92
C THR B 1014 -16.96 -45.46 0.17
N THR B 1015 -16.58 -46.43 -0.65
CA THR B 1015 -17.57 -47.28 -1.30
C THR B 1015 -17.94 -48.49 -0.45
N SER B 1016 -17.09 -48.85 0.53
CA SER B 1016 -17.53 -49.72 1.60
C SER B 1016 -18.51 -49.01 2.53
N LYS B 1017 -18.65 -47.71 2.24
CA LYS B 1017 -19.64 -46.92 2.93
C LYS B 1017 -20.72 -46.90 1.87
N LYS B 1018 -21.36 -45.78 1.57
CA LYS B 1018 -22.38 -45.85 0.53
C LYS B 1018 -21.74 -46.07 -0.83
N PRO B 1019 -22.44 -46.74 -1.75
CA PRO B 1019 -21.92 -47.02 -3.09
C PRO B 1019 -21.75 -45.80 -3.97
N ASN B 1020 -22.46 -44.73 -3.67
CA ASN B 1020 -22.42 -43.53 -4.47
C ASN B 1020 -21.20 -42.70 -4.19
N LEU B 1021 -20.53 -42.95 -3.08
CA LEU B 1021 -19.34 -42.20 -2.70
C LEU B 1021 -18.16 -42.65 -3.55
N ILE B 1022 -18.26 -42.38 -4.85
CA ILE B 1022 -17.22 -42.70 -5.80
C ILE B 1022 -16.37 -41.46 -6.03
N LEU B 1023 -15.20 -41.66 -6.64
CA LEU B 1023 -14.36 -40.55 -7.02
C LEU B 1023 -15.02 -39.77 -8.15
N ASN B 1024 -15.26 -38.48 -7.92
CA ASN B 1024 -15.91 -37.63 -8.91
C ASN B 1024 -14.95 -37.26 -10.03
N VAL B 1025 -15.49 -36.57 -11.04
CA VAL B 1025 -14.64 -35.95 -12.04
C VAL B 1025 -13.77 -34.88 -11.39
N ALA B 1026 -14.30 -34.19 -10.39
CA ALA B 1026 -13.52 -33.15 -9.73
C ALA B 1026 -12.32 -33.74 -8.98
N GLY B 1027 -12.55 -34.75 -8.15
CA GLY B 1027 -11.46 -35.36 -7.41
C GLY B 1027 -10.46 -36.06 -8.32
N LEU B 1028 -10.97 -36.79 -9.31
CA LEU B 1028 -10.08 -37.47 -10.25
C LEU B 1028 -9.23 -36.47 -11.02
N ILE B 1029 -9.83 -35.39 -11.51
CA ILE B 1029 -9.08 -34.38 -12.24
C ILE B 1029 -8.05 -33.72 -11.32
N GLY B 1030 -8.43 -33.41 -10.09
CA GLY B 1030 -7.48 -32.79 -9.17
C GLY B 1030 -6.28 -33.67 -8.89
N VAL B 1031 -6.54 -34.94 -8.56
CA VAL B 1031 -5.43 -35.83 -8.21
C VAL B 1031 -4.58 -36.14 -9.44
N ALA B 1032 -5.22 -36.29 -10.61
CA ALA B 1032 -4.46 -36.58 -11.82
C ALA B 1032 -3.64 -35.37 -12.27
N PHE B 1033 -4.16 -34.16 -12.06
CA PHE B 1033 -3.41 -32.96 -12.39
C PHE B 1033 -2.21 -32.79 -11.46
N VAL B 1034 -2.40 -33.07 -10.17
CA VAL B 1034 -1.26 -33.03 -9.25
C VAL B 1034 -0.24 -34.08 -9.64
N ASP B 1035 -0.69 -35.28 -10.01
CA ASP B 1035 0.22 -36.34 -10.43
C ASP B 1035 0.99 -35.95 -11.68
N MET B 1036 0.32 -35.34 -12.65
CA MET B 1036 0.99 -34.91 -13.87
C MET B 1036 2.01 -33.82 -13.58
N LEU B 1037 1.66 -32.86 -12.70
CA LEU B 1037 2.59 -31.81 -12.34
C LEU B 1037 3.82 -32.38 -11.64
N ARG B 1038 3.62 -33.37 -10.77
CA ARG B 1038 4.71 -33.91 -9.97
C ARG B 1038 5.48 -35.03 -10.66
N ASN B 1039 5.00 -35.55 -11.78
CA ASN B 1039 5.60 -36.74 -12.38
C ASN B 1039 5.93 -36.62 -13.86
N CYS B 1040 5.51 -35.55 -14.54
CA CYS B 1040 5.85 -35.41 -15.95
C CYS B 1040 7.32 -35.08 -16.19
N GLY B 1041 8.05 -34.67 -15.14
CA GLY B 1041 9.44 -34.33 -15.27
C GLY B 1041 9.72 -32.88 -15.60
N SER B 1042 8.70 -32.08 -15.90
CA SER B 1042 8.89 -30.69 -16.24
C SER B 1042 8.83 -29.76 -15.03
N PHE B 1043 8.47 -30.28 -13.86
CA PHE B 1043 8.34 -29.46 -12.66
C PHE B 1043 9.07 -30.10 -11.49
N THR B 1044 9.63 -29.25 -10.64
CA THR B 1044 10.07 -29.69 -9.34
C THR B 1044 8.87 -29.71 -8.38
N ARG B 1045 9.10 -30.26 -7.18
CA ARG B 1045 8.02 -30.32 -6.20
C ARG B 1045 7.55 -28.92 -5.82
N GLU B 1046 8.49 -27.99 -5.65
CA GLU B 1046 8.14 -26.63 -5.28
C GLU B 1046 7.30 -25.96 -6.37
N GLU B 1047 7.68 -26.15 -7.64
CA GLU B 1047 6.92 -25.53 -8.73
C GLU B 1047 5.51 -26.09 -8.81
N ALA B 1048 5.37 -27.41 -8.70
CA ALA B 1048 4.03 -28.02 -8.74
C ALA B 1048 3.18 -27.55 -7.58
N ASP B 1049 3.77 -27.48 -6.38
CA ASP B 1049 3.03 -27.00 -5.22
C ASP B 1049 2.60 -25.55 -5.41
N GLU B 1050 3.49 -24.70 -5.94
CA GLU B 1050 3.14 -23.31 -6.18
C GLU B 1050 2.02 -23.19 -7.21
N TYR B 1051 2.08 -23.98 -8.28
CA TYR B 1051 1.06 -23.89 -9.31
C TYR B 1051 -0.29 -24.37 -8.79
N ILE B 1052 -0.31 -25.40 -7.95
CA ILE B 1052 -1.55 -25.83 -7.32
C ILE B 1052 -2.06 -24.75 -6.38
N ASP B 1053 -1.17 -24.12 -5.61
CA ASP B 1053 -1.58 -23.12 -4.63
C ASP B 1053 -2.18 -21.90 -5.31
N ILE B 1054 -1.57 -21.42 -6.40
CA ILE B 1054 -2.04 -20.19 -7.03
C ILE B 1054 -3.29 -20.39 -7.86
N GLY B 1055 -3.72 -21.63 -8.08
CA GLY B 1055 -5.01 -21.87 -8.71
C GLY B 1055 -4.96 -22.26 -10.18
N ALA B 1056 -4.03 -23.15 -10.54
CA ALA B 1056 -4.00 -23.64 -11.91
C ALA B 1056 -5.25 -24.44 -12.24
N LEU B 1057 -5.74 -25.25 -11.29
CA LEU B 1057 -6.93 -26.05 -11.54
C LEU B 1057 -8.18 -25.18 -11.60
N ASN B 1058 -8.21 -24.08 -10.83
CA ASN B 1058 -9.28 -23.11 -11.00
C ASN B 1058 -9.33 -22.59 -12.43
N GLY B 1059 -8.16 -22.26 -12.99
CA GLY B 1059 -8.09 -21.85 -14.38
C GLY B 1059 -8.52 -22.94 -15.34
N ILE B 1060 -8.16 -24.19 -15.03
CA ILE B 1060 -8.57 -25.31 -15.88
C ILE B 1060 -10.08 -25.40 -15.95
N PHE B 1061 -10.75 -25.39 -14.78
CA PHE B 1061 -12.20 -25.47 -14.77
C PHE B 1061 -12.82 -24.24 -15.43
N VAL B 1062 -12.27 -23.05 -15.19
CA VAL B 1062 -12.85 -21.84 -15.75
C VAL B 1062 -12.77 -21.87 -17.27
N LEU B 1063 -11.60 -22.23 -17.80
CA LEU B 1063 -11.43 -22.30 -19.25
C LEU B 1063 -12.32 -23.38 -19.86
N GLY B 1064 -12.44 -24.53 -19.20
CA GLY B 1064 -13.31 -25.58 -19.72
C GLY B 1064 -14.77 -25.15 -19.76
N ARG B 1065 -15.25 -24.58 -18.65
CA ARG B 1065 -16.66 -24.18 -18.56
C ARG B 1065 -16.96 -22.92 -19.35
N SER B 1066 -15.95 -22.16 -19.75
CA SER B 1066 -16.18 -21.00 -20.60
C SER B 1066 -16.77 -21.40 -21.95
N MET B 1067 -16.31 -22.52 -22.50
CA MET B 1067 -16.88 -23.02 -23.75
C MET B 1067 -18.36 -23.32 -23.59
N GLY B 1068 -18.73 -23.99 -22.50
CA GLY B 1068 -20.13 -24.28 -22.28
C GLY B 1068 -20.97 -23.04 -22.04
N PHE B 1069 -20.41 -22.04 -21.34
CA PHE B 1069 -21.15 -20.81 -21.10
C PHE B 1069 -21.35 -20.03 -22.38
N ILE B 1070 -20.34 -19.98 -23.25
CA ILE B 1070 -20.49 -19.32 -24.55
C ILE B 1070 -21.51 -20.08 -25.39
N GLY B 1071 -21.49 -21.41 -25.32
CA GLY B 1071 -22.50 -22.19 -26.02
C GLY B 1071 -23.90 -21.91 -25.53
N HIS B 1072 -24.05 -21.74 -24.21
CA HIS B 1072 -25.37 -21.41 -23.65
C HIS B 1072 -25.82 -20.04 -24.11
N TYR B 1073 -24.91 -19.06 -24.14
CA TYR B 1073 -25.25 -17.73 -24.63
C TYR B 1073 -25.70 -17.79 -26.08
N LEU B 1074 -24.96 -18.52 -26.91
CA LEU B 1074 -25.31 -18.64 -28.33
C LEU B 1074 -26.65 -19.35 -28.50
N ASP B 1075 -26.90 -20.38 -27.68
CA ASP B 1075 -28.17 -21.09 -27.75
C ASP B 1075 -29.33 -20.18 -27.37
N GLN B 1076 -29.17 -19.38 -26.31
CA GLN B 1076 -30.23 -18.46 -25.91
C GLN B 1076 -30.47 -17.41 -26.98
N LYS B 1077 -29.40 -16.93 -27.63
CA LYS B 1077 -29.58 -15.96 -28.70
C LYS B 1077 -30.23 -16.58 -29.93
N ARG B 1078 -29.93 -17.85 -30.22
CA ARG B 1078 -30.54 -18.52 -31.35
C ARG B 1078 -32.02 -18.83 -31.11
N LEU B 1079 -32.38 -19.18 -29.87
CA LEU B 1079 -33.79 -19.37 -29.53
C LEU B 1079 -34.52 -18.06 -29.34
N LYS B 1080 -33.81 -16.93 -29.33
CA LYS B 1080 -34.41 -15.60 -29.20
C LYS B 1080 -35.30 -15.51 -27.96
N GLN B 1081 -34.79 -16.04 -26.86
CA GLN B 1081 -35.53 -16.00 -25.61
C GLN B 1081 -35.63 -14.57 -25.08
N GLY B 1082 -36.79 -14.22 -24.53
CA GLY B 1082 -37.02 -12.89 -24.02
C GLY B 1082 -36.48 -12.70 -22.62
N LEU B 1083 -36.70 -11.49 -22.10
CA LEU B 1083 -36.22 -11.15 -20.76
C LEU B 1083 -36.87 -12.06 -19.72
N TYR B 1084 -36.06 -12.56 -18.81
CA TYR B 1084 -36.52 -13.46 -17.75
C TYR B 1084 -36.78 -12.69 -16.48
N ARG B 1085 -37.90 -12.98 -15.84
CA ARG B 1085 -38.20 -12.47 -14.51
C ARG B 1085 -38.66 -13.63 -13.65
N HIS B 1086 -38.06 -13.76 -12.47
CA HIS B 1086 -38.34 -14.92 -11.62
C HIS B 1086 -39.76 -14.84 -11.09
N PRO B 1087 -40.47 -15.97 -11.03
CA PRO B 1087 -41.86 -15.95 -10.53
C PRO B 1087 -41.92 -15.54 -9.06
N TRP B 1088 -43.00 -14.85 -8.71
CA TRP B 1088 -43.19 -14.44 -7.33
C TRP B 1088 -43.52 -15.61 -6.42
N ASP B 1089 -44.16 -16.66 -6.96
CA ASP B 1089 -44.51 -17.81 -6.14
C ASP B 1089 -43.30 -18.61 -5.69
N ASP B 1090 -42.18 -18.51 -6.40
CA ASP B 1090 -40.95 -19.17 -6.01
C ASP B 1090 -40.11 -18.35 -5.04
N ILE B 1091 -40.55 -17.15 -4.70
CA ILE B 1091 -39.85 -16.27 -3.78
C ILE B 1091 -40.67 -16.14 -2.51
N SER B 1092 -40.03 -16.36 -1.36
CA SER B 1092 -40.67 -16.20 -0.06
C SER B 1092 -40.23 -14.86 0.52
N TYR B 1093 -41.18 -13.94 0.64
CA TYR B 1093 -40.92 -12.60 1.15
C TYR B 1093 -41.08 -12.59 2.66
N VAL B 1094 -39.99 -12.34 3.37
CA VAL B 1094 -40.01 -12.20 4.83
C VAL B 1094 -39.39 -10.84 5.16
N LEU B 1095 -40.23 -9.82 5.22
CA LEU B 1095 -39.78 -8.46 5.45
C LEU B 1095 -40.15 -8.01 6.87
N PRO B 1096 -39.41 -7.04 7.42
CA PRO B 1096 -39.79 -6.52 8.74
C PRO B 1096 -41.14 -5.81 8.68
N GLU B 1097 -41.82 -5.79 9.83
CA GLU B 1097 -43.13 -5.17 9.89
C GLU B 1097 -43.05 -3.66 9.66
N HIS B 1098 -42.17 -2.98 10.40
CA HIS B 1098 -42.00 -1.55 10.21
C HIS B 1098 -40.55 -1.08 10.21
N MET B 1099 -39.58 -1.93 10.54
CA MET B 1099 -38.18 -1.52 10.60
C MET B 1099 -37.58 -1.37 9.21
N VAL C 821 -58.43 -32.52 -19.27
CA VAL C 821 -57.21 -31.73 -19.39
C VAL C 821 -56.52 -31.63 -18.03
N PRO C 822 -55.20 -31.49 -18.04
CA PRO C 822 -54.46 -31.39 -16.77
C PRO C 822 -54.76 -30.10 -16.03
N MET C 823 -54.52 -30.14 -14.72
CA MET C 823 -54.80 -29.02 -13.84
C MET C 823 -53.79 -27.90 -14.09
N ASP C 824 -54.22 -26.66 -13.90
CA ASP C 824 -53.37 -25.50 -14.11
C ASP C 824 -52.63 -25.18 -12.82
N TYR C 825 -51.30 -25.07 -12.90
CA TYR C 825 -50.49 -24.92 -11.70
C TYR C 825 -50.85 -23.65 -10.94
N SER C 826 -50.89 -22.51 -11.64
CA SER C 826 -51.16 -21.24 -10.96
C SER C 826 -52.56 -21.24 -10.38
N TRP C 827 -53.54 -21.74 -11.12
CA TRP C 827 -54.91 -21.72 -10.64
C TRP C 827 -55.14 -22.79 -9.56
N ALA C 828 -54.36 -23.88 -9.61
CA ALA C 828 -54.37 -24.83 -8.50
C ALA C 828 -53.79 -24.22 -7.23
N ARG C 829 -52.71 -23.44 -7.37
CA ARG C 829 -52.14 -22.74 -6.22
C ARG C 829 -53.12 -21.73 -5.67
N GLU C 830 -53.85 -21.04 -6.55
CA GLU C 830 -54.91 -20.14 -6.10
C GLU C 830 -55.97 -20.92 -5.34
N LEU C 831 -56.36 -22.10 -5.85
CA LEU C 831 -57.26 -22.97 -5.12
C LEU C 831 -56.60 -23.55 -3.87
N GLY C 832 -55.27 -23.58 -3.82
CA GLY C 832 -54.57 -24.13 -2.68
C GLY C 832 -54.52 -25.63 -2.60
N LEU C 833 -54.79 -26.33 -3.71
CA LEU C 833 -54.76 -27.79 -3.71
C LEU C 833 -53.33 -28.34 -3.72
N ILE C 834 -52.35 -27.55 -4.14
CA ILE C 834 -50.98 -28.03 -4.25
C ILE C 834 -50.04 -27.04 -3.54
N ARG C 835 -48.87 -27.54 -3.19
CA ARG C 835 -47.80 -26.74 -2.61
C ARG C 835 -46.50 -27.00 -3.34
N LYS C 836 -45.80 -25.94 -3.70
CA LYS C 836 -44.47 -26.03 -4.31
C LYS C 836 -43.50 -25.23 -3.47
N PRO C 837 -42.40 -25.82 -3.01
CA PRO C 837 -41.47 -25.08 -2.16
C PRO C 837 -40.86 -23.89 -2.88
N ALA C 838 -40.69 -22.80 -2.15
CA ALA C 838 -40.06 -21.61 -2.70
C ALA C 838 -38.55 -21.72 -2.58
N SER C 839 -37.85 -21.53 -3.69
CA SER C 839 -36.40 -21.69 -3.72
C SER C 839 -35.65 -20.43 -3.33
N PHE C 840 -36.35 -19.32 -3.11
CA PHE C 840 -35.69 -18.05 -2.79
C PHE C 840 -36.36 -17.40 -1.58
N MET C 841 -35.53 -16.74 -0.78
CA MET C 841 -35.97 -15.99 0.39
C MET C 841 -35.39 -14.59 0.31
N THR C 842 -36.21 -13.58 0.54
CA THR C 842 -35.78 -12.19 0.47
C THR C 842 -36.38 -11.43 1.66
N SER C 843 -35.68 -10.37 2.07
CA SER C 843 -36.09 -9.63 3.26
C SER C 843 -36.01 -8.12 3.10
N ILE C 844 -35.57 -7.59 1.97
CA ILE C 844 -35.22 -6.18 1.88
C ILE C 844 -36.23 -5.37 1.07
N CYS C 845 -36.93 -5.97 0.12
CA CYS C 845 -37.80 -5.20 -0.75
C CYS C 845 -38.98 -6.04 -1.19
N ASP C 846 -40.14 -5.40 -1.29
CA ASP C 846 -41.37 -6.04 -1.76
C ASP C 846 -41.99 -5.14 -2.82
N GLU C 847 -42.04 -5.64 -4.06
CA GLU C 847 -42.61 -4.89 -5.18
C GLU C 847 -43.94 -5.46 -5.66
N ARG C 848 -44.44 -6.52 -5.02
CA ARG C 848 -45.69 -7.14 -5.47
C ARG C 848 -46.90 -6.28 -5.16
N GLY C 849 -46.86 -5.51 -4.07
CA GLY C 849 -48.01 -4.77 -3.62
C GLY C 849 -48.27 -3.51 -4.41
N GLN C 850 -49.27 -2.75 -3.93
CA GLN C 850 -49.65 -1.51 -4.59
C GLN C 850 -48.55 -0.47 -4.51
N GLU C 851 -47.68 -0.57 -3.51
CA GLU C 851 -46.58 0.38 -3.33
C GLU C 851 -45.28 -0.37 -3.10
N LEU C 852 -44.19 0.24 -3.56
CA LEU C 852 -42.87 -0.30 -3.31
C LEU C 852 -42.54 -0.20 -1.83
N ILE C 853 -41.96 -1.26 -1.28
CA ILE C 853 -41.67 -1.36 0.15
C ILE C 853 -40.18 -1.61 0.33
N TYR C 854 -39.54 -0.80 1.17
CA TYR C 854 -38.12 -0.97 1.52
C TYR C 854 -38.06 -1.46 2.96
N ALA C 855 -37.92 -2.78 3.13
CA ALA C 855 -37.73 -3.41 4.43
C ALA C 855 -38.85 -3.04 5.40
N GLY C 856 -40.08 -3.03 4.90
CA GLY C 856 -41.23 -2.75 5.73
C GLY C 856 -41.80 -1.35 5.54
N MET C 857 -40.94 -0.39 5.25
CA MET C 857 -41.35 1.00 5.08
C MET C 857 -41.78 1.26 3.64
N PRO C 858 -42.98 1.78 3.43
CA PRO C 858 -43.37 2.18 2.06
C PRO C 858 -42.50 3.33 1.57
N ILE C 859 -42.37 3.41 0.24
CA ILE C 859 -41.51 4.42 -0.36
C ILE C 859 -42.02 5.83 -0.06
N THR C 860 -43.35 6.01 -0.01
CA THR C 860 -43.91 7.29 0.40
C THR C 860 -43.51 7.63 1.83
N GLU C 861 -43.53 6.64 2.72
CA GLU C 861 -43.05 6.86 4.08
C GLU C 861 -41.56 7.15 4.10
N VAL C 862 -40.80 6.53 3.20
CA VAL C 862 -39.37 6.80 3.12
C VAL C 862 -39.12 8.25 2.77
N PHE C 863 -39.86 8.77 1.79
CA PHE C 863 -39.67 10.16 1.38
C PHE C 863 -40.30 11.14 2.35
N LYS C 864 -41.34 10.72 3.08
CA LYS C 864 -42.02 11.61 4.01
C LYS C 864 -41.17 11.84 5.26
N GLU C 865 -40.48 10.81 5.74
CA GLU C 865 -39.61 10.91 6.91
C GLU C 865 -38.31 11.63 6.62
N GLU C 866 -38.19 12.19 5.42
CA GLU C 866 -37.01 12.96 5.00
C GLU C 866 -35.73 12.14 5.06
N MET C 867 -35.85 10.81 5.05
CA MET C 867 -34.66 9.97 4.98
C MET C 867 -34.03 10.09 3.60
N GLY C 868 -32.71 10.17 3.56
CA GLY C 868 -31.98 10.32 2.33
C GLY C 868 -31.45 9.01 1.82
N ILE C 869 -30.31 9.08 1.13
CA ILE C 869 -29.64 7.86 0.67
C ILE C 869 -29.17 7.04 1.84
N GLY C 870 -28.77 7.69 2.94
CA GLY C 870 -28.35 6.95 4.12
C GLY C 870 -29.46 6.12 4.73
N GLY C 871 -30.66 6.69 4.83
CA GLY C 871 -31.78 5.93 5.36
C GLY C 871 -32.20 4.78 4.47
N VAL C 872 -32.20 5.01 3.15
CA VAL C 872 -32.51 3.93 2.20
C VAL C 872 -31.46 2.84 2.31
N LEU C 873 -30.19 3.21 2.44
CA LEU C 873 -29.12 2.23 2.61
C LEU C 873 -29.32 1.44 3.89
N GLY C 874 -29.69 2.12 4.98
CA GLY C 874 -29.96 1.41 6.22
C GLY C 874 -31.09 0.40 6.07
N LEU C 875 -32.19 0.82 5.43
CA LEU C 875 -33.30 -0.08 5.21
C LEU C 875 -32.90 -1.27 4.35
N LEU C 876 -32.16 -1.03 3.27
CA LEU C 876 -31.87 -2.09 2.31
C LEU C 876 -30.79 -3.04 2.79
N TRP C 877 -29.79 -2.55 3.52
CA TRP C 877 -28.66 -3.35 3.93
C TRP C 877 -28.80 -3.93 5.32
N PHE C 878 -29.49 -3.25 6.23
CA PHE C 878 -29.62 -3.72 7.60
C PHE C 878 -31.06 -3.94 8.04
N GLN C 879 -32.05 -3.58 7.22
CA GLN C 879 -33.46 -3.71 7.57
C GLN C 879 -33.79 -2.97 8.86
N LYS C 880 -33.12 -1.84 9.08
CA LYS C 880 -33.30 -1.03 10.26
C LYS C 880 -33.58 0.41 9.85
N ARG C 881 -34.43 1.07 10.60
CA ARG C 881 -34.62 2.52 10.45
C ARG C 881 -33.58 3.17 11.35
N LEU C 882 -32.48 3.61 10.76
CA LEU C 882 -31.39 4.20 11.52
C LEU C 882 -31.72 5.62 11.95
N PRO C 883 -31.09 6.10 13.01
CA PRO C 883 -31.25 7.51 13.39
C PRO C 883 -30.65 8.42 12.33
N LYS C 884 -31.06 9.69 12.40
CA LYS C 884 -30.67 10.66 11.36
C LYS C 884 -29.17 10.83 11.29
N TYR C 885 -28.49 10.88 12.44
CA TYR C 885 -27.04 11.07 12.44
C TYR C 885 -26.33 9.87 11.82
N SER C 886 -26.86 8.66 12.02
CA SER C 886 -26.27 7.48 11.40
C SER C 886 -26.39 7.53 9.88
N CYS C 887 -27.56 7.92 9.37
CA CYS C 887 -27.74 8.02 7.92
C CYS C 887 -26.86 9.10 7.33
N GLN C 888 -26.76 10.25 8.02
CA GLN C 888 -25.88 11.30 7.53
C GLN C 888 -24.42 10.85 7.54
N PHE C 889 -24.02 10.12 8.57
CA PHE C 889 -22.67 9.59 8.64
C PHE C 889 -22.40 8.62 7.50
N ILE C 890 -23.38 7.79 7.16
CA ILE C 890 -23.24 6.88 6.02
C ILE C 890 -23.07 7.68 4.73
N GLU C 891 -23.84 8.75 4.58
CA GLU C 891 -23.70 9.59 3.39
C GLU C 891 -22.32 10.23 3.30
N MET C 892 -21.79 10.73 4.42
CA MET C 892 -20.44 11.29 4.41
C MET C 892 -19.40 10.22 4.11
N CYS C 893 -19.59 9.01 4.61
CA CYS C 893 -18.66 7.92 4.31
C CYS C 893 -18.66 7.61 2.82
N LEU C 894 -19.83 7.60 2.20
CA LEU C 894 -19.91 7.43 0.75
C LEU C 894 -19.25 8.60 0.02
N MET C 895 -19.38 9.80 0.58
CA MET C 895 -18.82 11.00 -0.04
C MET C 895 -17.30 10.97 -0.04
N VAL C 896 -16.69 10.62 1.09
CA VAL C 896 -15.23 10.70 1.19
C VAL C 896 -14.57 9.59 0.39
N THR C 897 -15.27 8.49 0.16
CA THR C 897 -14.75 7.37 -0.63
C THR C 897 -15.20 7.44 -2.08
N ALA C 898 -15.78 8.56 -2.50
CA ALA C 898 -16.33 8.65 -3.85
C ALA C 898 -15.25 8.45 -4.91
N ASP C 899 -14.11 9.13 -4.76
CA ASP C 899 -13.01 8.95 -5.71
C ASP C 899 -11.72 9.36 -5.05
N HIS C 900 -10.62 8.74 -5.47
CA HIS C 900 -9.29 9.09 -5.02
C HIS C 900 -8.32 9.10 -6.19
N GLY C 901 -8.73 9.67 -7.31
CA GLY C 901 -7.85 9.86 -8.44
C GLY C 901 -7.89 8.70 -9.42
N PRO C 902 -7.29 8.91 -10.59
CA PRO C 902 -7.28 7.87 -11.63
C PRO C 902 -6.12 6.88 -11.54
N ALA C 903 -5.15 7.11 -10.66
CA ALA C 903 -3.96 6.27 -10.61
C ALA C 903 -4.19 4.95 -9.88
N VAL C 904 -5.23 4.85 -9.05
CA VAL C 904 -5.46 3.60 -8.33
C VAL C 904 -5.92 2.51 -9.28
N SER C 905 -5.85 1.27 -8.81
CA SER C 905 -6.03 0.10 -9.68
C SER C 905 -7.42 0.08 -10.30
N GLY C 906 -8.45 0.30 -9.48
CA GLY C 906 -9.81 0.23 -10.00
C GLY C 906 -10.12 1.32 -10.99
N ALA C 907 -9.73 2.56 -10.67
CA ALA C 907 -9.92 3.66 -11.60
C ALA C 907 -9.11 3.45 -12.87
N HIS C 908 -7.91 2.89 -12.74
CA HIS C 908 -7.08 2.59 -13.90
C HIS C 908 -7.78 1.60 -14.82
N ASN C 909 -8.31 0.51 -14.25
CA ASN C 909 -9.00 -0.49 -15.07
C ASN C 909 -10.26 0.08 -15.70
N THR C 910 -11.01 0.90 -14.95
CA THR C 910 -12.20 1.54 -15.52
C THR C 910 -11.83 2.43 -16.70
N ILE C 911 -10.74 3.20 -16.57
CA ILE C 911 -10.32 4.08 -17.64
C ILE C 911 -9.87 3.28 -18.85
N ILE C 912 -9.14 2.18 -18.63
CA ILE C 912 -8.71 1.32 -19.74
C ILE C 912 -9.92 0.77 -20.48
N CYS C 913 -10.91 0.28 -19.72
CA CYS C 913 -12.09 -0.29 -20.34
C CYS C 913 -12.90 0.77 -21.10
N ALA C 914 -13.01 1.97 -20.54
CA ALA C 914 -13.70 3.05 -21.23
C ALA C 914 -12.98 3.44 -22.52
N ARG C 915 -11.66 3.52 -22.49
CA ARG C 915 -10.89 3.83 -23.68
C ARG C 915 -10.88 2.69 -24.68
N ALA C 916 -11.32 1.50 -24.28
CA ALA C 916 -11.50 0.39 -25.19
C ALA C 916 -12.87 0.42 -25.87
N GLY C 917 -13.67 1.46 -25.63
CA GLY C 917 -14.96 1.60 -26.27
C GLY C 917 -16.10 0.89 -25.60
N LYS C 918 -15.90 0.33 -24.41
CA LYS C 918 -16.94 -0.44 -23.75
C LYS C 918 -17.97 0.48 -23.12
N ASP C 919 -19.11 -0.11 -22.75
CA ASP C 919 -20.21 0.63 -22.15
C ASP C 919 -19.91 0.92 -20.67
N LEU C 920 -20.82 1.66 -20.05
CA LEU C 920 -20.62 2.09 -18.66
C LEU C 920 -20.54 0.90 -17.72
N VAL C 921 -21.42 -0.09 -17.90
CA VAL C 921 -21.46 -1.23 -16.98
C VAL C 921 -20.19 -2.05 -17.07
N SER C 922 -19.70 -2.30 -18.29
CA SER C 922 -18.50 -3.10 -18.45
C SER C 922 -17.29 -2.43 -17.81
N SER C 923 -17.10 -1.13 -18.07
CA SER C 923 -15.97 -0.42 -17.50
C SER C 923 -16.06 -0.34 -15.99
N LEU C 924 -17.26 -0.06 -15.46
CA LEU C 924 -17.43 0.02 -14.02
C LEU C 924 -17.13 -1.32 -13.36
N THR C 925 -17.64 -2.42 -13.93
CA THR C 925 -17.39 -3.72 -13.34
C THR C 925 -15.92 -4.12 -13.45
N SER C 926 -15.27 -3.77 -14.56
CA SER C 926 -13.84 -4.04 -14.70
C SER C 926 -13.05 -3.31 -13.62
N GLY C 927 -13.42 -2.06 -13.34
CA GLY C 927 -12.76 -1.36 -12.25
C GLY C 927 -13.08 -1.96 -10.88
N LEU C 928 -14.34 -2.35 -10.67
CA LEU C 928 -14.77 -2.85 -9.37
C LEU C 928 -14.15 -4.20 -9.04
N LEU C 929 -13.85 -5.00 -10.06
CA LEU C 929 -13.32 -6.34 -9.82
C LEU C 929 -11.93 -6.32 -9.18
N THR C 930 -11.22 -5.19 -9.24
CA THR C 930 -9.95 -5.07 -8.55
C THR C 930 -10.11 -4.79 -7.06
N ILE C 931 -11.32 -4.45 -6.61
CA ILE C 931 -11.52 -4.14 -5.20
C ILE C 931 -11.49 -5.43 -4.39
N GLY C 932 -10.62 -5.46 -3.38
CA GLY C 932 -10.40 -6.66 -2.60
C GLY C 932 -9.38 -6.45 -1.50
N ASP C 933 -8.45 -7.40 -1.37
CA ASP C 933 -7.49 -7.34 -0.25
C ASP C 933 -6.56 -6.14 -0.37
N ARG C 934 -5.83 -6.04 -1.47
CA ARG C 934 -4.81 -5.00 -1.59
C ARG C 934 -5.41 -3.63 -1.89
N PHE C 935 -6.50 -3.57 -2.63
CA PHE C 935 -7.12 -2.31 -3.01
C PHE C 935 -8.57 -2.30 -2.55
N GLY C 936 -8.92 -1.33 -1.71
CA GLY C 936 -10.29 -1.11 -1.31
C GLY C 936 -10.73 -1.87 -0.07
N GLY C 937 -9.98 -2.86 0.36
CA GLY C 937 -10.34 -3.65 1.53
C GLY C 937 -9.80 -3.15 2.84
N ALA C 938 -9.16 -1.98 2.87
CA ALA C 938 -8.58 -1.47 4.11
C ALA C 938 -9.66 -1.09 5.11
N LEU C 939 -10.84 -0.69 4.65
CA LEU C 939 -11.93 -0.39 5.56
C LEU C 939 -12.31 -1.61 6.38
N ASP C 940 -12.60 -2.72 5.70
CA ASP C 940 -12.99 -3.94 6.38
C ASP C 940 -11.86 -4.50 7.23
N ALA C 941 -10.62 -4.47 6.71
CA ALA C 941 -9.49 -5.00 7.47
C ALA C 941 -9.26 -4.19 8.74
N ALA C 942 -9.33 -2.85 8.64
CA ALA C 942 -9.15 -2.01 9.81
C ALA C 942 -10.25 -2.24 10.83
N ALA C 943 -11.50 -2.32 10.38
CA ALA C 943 -12.59 -2.56 11.31
C ALA C 943 -12.42 -3.91 12.02
N LYS C 944 -12.08 -4.95 11.26
CA LYS C 944 -11.90 -6.27 11.86
C LYS C 944 -10.76 -6.28 12.86
N MET C 945 -9.62 -5.70 12.48
CA MET C 945 -8.45 -5.71 13.36
C MET C 945 -8.74 -4.95 14.65
N PHE C 946 -9.32 -3.75 14.53
CA PHE C 946 -9.55 -2.94 15.72
C PHE C 946 -10.63 -3.55 16.61
N SER C 947 -11.68 -4.13 16.00
CA SER C 947 -12.70 -4.80 16.80
C SER C 947 -12.13 -6.01 17.53
N LYS C 948 -11.28 -6.79 16.85
CA LYS C 948 -10.66 -7.94 17.50
C LYS C 948 -9.76 -7.51 18.65
N ALA C 949 -9.00 -6.43 18.46
CA ALA C 949 -8.14 -5.93 19.53
C ALA C 949 -8.97 -5.41 20.70
N PHE C 950 -10.05 -4.69 20.41
CA PHE C 950 -10.85 -4.08 21.47
C PHE C 950 -11.66 -5.11 22.24
N ASP C 951 -12.16 -6.14 21.56
CA ASP C 951 -12.95 -7.16 22.23
C ASP C 951 -12.13 -7.92 23.25
N SER C 952 -10.89 -8.25 22.91
CA SER C 952 -9.96 -8.74 23.91
C SER C 952 -9.56 -7.60 24.84
N GLY C 953 -9.13 -7.97 26.04
CA GLY C 953 -8.82 -6.96 27.04
C GLY C 953 -7.51 -6.24 26.86
N ILE C 954 -6.79 -6.49 25.77
CA ILE C 954 -5.46 -5.91 25.58
C ILE C 954 -5.57 -4.41 25.41
N ILE C 955 -4.60 -3.70 25.96
CA ILE C 955 -4.53 -2.24 25.91
C ILE C 955 -3.98 -1.83 24.55
N PRO C 956 -4.13 -0.56 24.13
CA PRO C 956 -3.59 -0.15 22.82
C PRO C 956 -2.10 -0.42 22.67
N MET C 957 -1.31 -0.23 23.74
CA MET C 957 0.11 -0.55 23.66
C MET C 957 0.32 -2.04 23.42
N GLU C 958 -0.47 -2.88 24.08
CA GLU C 958 -0.38 -4.32 23.85
C GLU C 958 -0.78 -4.66 22.42
N PHE C 959 -1.79 -3.98 21.87
CA PHE C 959 -2.19 -4.21 20.49
C PHE C 959 -1.08 -3.83 19.52
N VAL C 960 -0.44 -2.68 19.74
CA VAL C 960 0.65 -2.26 18.87
C VAL C 960 1.81 -3.25 18.95
N ASN C 961 2.15 -3.68 20.15
CA ASN C 961 3.25 -4.63 20.31
C ASN C 961 2.92 -5.98 19.67
N LYS C 962 1.67 -6.43 19.79
CA LYS C 962 1.28 -7.70 19.20
C LYS C 962 1.31 -7.63 17.68
N MET C 963 0.85 -6.52 17.10
CA MET C 963 0.94 -6.36 15.65
C MET C 963 2.39 -6.31 15.19
N LYS C 964 3.25 -5.61 15.94
CA LYS C 964 4.66 -5.56 15.58
C LYS C 964 5.30 -6.93 15.65
N LYS C 965 4.97 -7.72 16.68
CA LYS C 965 5.57 -9.04 16.83
C LYS C 965 5.10 -10.00 15.76
N GLU C 966 3.87 -9.85 15.28
CA GLU C 966 3.32 -10.75 14.28
C GLU C 966 3.70 -10.37 12.85
N GLY C 967 4.47 -9.31 12.67
CA GLY C 967 4.85 -8.89 11.33
C GLY C 967 3.70 -8.30 10.53
N LYS C 968 2.71 -7.73 11.19
CA LYS C 968 1.53 -7.17 10.54
C LYS C 968 1.47 -5.68 10.80
N LEU C 969 1.34 -4.90 9.73
CA LEU C 969 1.09 -3.48 9.89
C LEU C 969 -0.35 -3.26 10.30
N ILE C 970 -0.58 -2.27 11.16
CA ILE C 970 -1.92 -1.97 11.63
C ILE C 970 -2.72 -1.37 10.48
N MET C 971 -3.83 -2.03 10.13
CA MET C 971 -4.69 -1.53 9.07
C MET C 971 -5.42 -0.28 9.54
N GLY C 972 -5.36 0.78 8.73
CA GLY C 972 -5.93 2.05 9.09
C GLY C 972 -4.97 3.03 9.73
N ILE C 973 -3.68 2.72 9.75
CA ILE C 973 -2.66 3.60 10.31
C ILE C 973 -1.64 3.91 9.24
N GLY C 974 -1.35 5.19 9.04
CA GLY C 974 -0.28 5.55 8.11
C GLY C 974 -0.77 6.35 6.92
N HIS C 975 -0.08 7.45 6.65
CA HIS C 975 -0.37 8.30 5.51
C HIS C 975 0.91 8.56 4.74
N ARG C 976 0.79 8.76 3.43
CA ARG C 976 1.97 8.97 2.60
C ARG C 976 2.64 10.31 2.90
N VAL C 977 1.86 11.35 3.16
CA VAL C 977 2.39 12.67 3.48
C VAL C 977 1.85 13.20 4.80
N LYS C 978 0.55 13.07 5.05
CA LYS C 978 -0.07 13.71 6.20
C LYS C 978 0.42 13.12 7.51
N SER C 979 0.45 13.95 8.54
CA SER C 979 1.02 13.59 9.83
C SER C 979 0.42 14.51 10.89
N ILE C 980 1.04 14.55 12.07
CA ILE C 980 0.66 15.54 13.07
C ILE C 980 0.94 16.94 12.52
N ASN C 981 0.20 17.92 13.06
CA ASN C 981 0.15 19.31 12.59
C ASN C 981 0.07 19.38 11.08
N ASN C 982 -0.55 18.37 10.47
CA ASN C 982 -0.89 18.30 9.06
C ASN C 982 -1.95 17.24 8.88
N PRO C 983 -3.12 17.39 9.49
CA PRO C 983 -4.08 16.28 9.54
C PRO C 983 -4.79 16.04 8.21
N ASP C 984 -5.24 14.80 8.04
CA ASP C 984 -6.07 14.46 6.90
C ASP C 984 -7.42 15.16 7.02
N MET C 985 -7.82 15.87 5.95
CA MET C 985 -9.02 16.68 6.03
C MET C 985 -10.28 15.82 6.09
N ARG C 986 -10.34 14.76 5.30
CA ARG C 986 -11.49 13.85 5.36
C ARG C 986 -11.58 13.19 6.73
N VAL C 987 -10.45 12.76 7.27
CA VAL C 987 -10.44 12.17 8.61
C VAL C 987 -10.91 13.18 9.64
N GLN C 988 -10.44 14.43 9.52
CA GLN C 988 -10.85 15.47 10.46
C GLN C 988 -12.34 15.70 10.41
N ILE C 989 -12.91 15.79 9.20
CA ILE C 989 -14.34 16.06 9.07
C ILE C 989 -15.15 14.90 9.64
N LEU C 990 -14.79 13.68 9.28
CA LEU C 990 -15.53 12.52 9.75
C LEU C 990 -15.43 12.37 11.27
N LYS C 991 -14.23 12.59 11.82
CA LYS C 991 -14.03 12.48 13.26
C LYS C 991 -14.81 13.57 14.00
N ASP C 992 -14.83 14.79 13.46
CA ASP C 992 -15.60 15.85 14.09
C ASP C 992 -17.09 15.53 14.11
N TYR C 993 -17.60 15.04 12.98
CA TYR C 993 -19.02 14.68 12.94
C TYR C 993 -19.33 13.55 13.92
N VAL C 994 -18.49 12.52 13.94
CA VAL C 994 -18.73 11.38 14.81
C VAL C 994 -18.69 11.82 16.27
N ARG C 995 -17.72 12.66 16.64
CA ARG C 995 -17.65 13.16 18.00
C ARG C 995 -18.90 13.97 18.36
N GLN C 996 -19.35 14.83 17.44
CA GLN C 996 -20.47 15.70 17.75
C GLN C 996 -21.82 14.99 17.74
N HIS C 997 -21.92 13.81 17.12
CA HIS C 997 -23.22 13.18 16.95
C HIS C 997 -23.33 11.77 17.52
N PHE C 998 -22.25 11.00 17.55
CA PHE C 998 -22.35 9.63 18.05
C PHE C 998 -22.44 9.63 19.57
N PRO C 999 -23.42 8.92 20.16
CA PRO C 999 -23.50 8.88 21.62
C PRO C 999 -22.28 8.28 22.30
N ALA C 1000 -21.65 7.29 21.69
CA ALA C 1000 -20.50 6.63 22.29
C ALA C 1000 -19.62 6.06 21.19
N THR C 1001 -18.31 6.26 21.31
CA THR C 1001 -17.33 5.79 20.34
C THR C 1001 -16.18 5.10 21.07
N PRO C 1002 -16.41 3.92 21.66
CA PRO C 1002 -15.33 3.23 22.37
C PRO C 1002 -14.21 2.76 21.45
N LEU C 1003 -14.58 2.16 20.32
CA LEU C 1003 -13.58 1.69 19.37
C LEU C 1003 -12.81 2.86 18.77
N LEU C 1004 -13.49 3.99 18.54
CA LEU C 1004 -12.80 5.17 18.05
C LEU C 1004 -11.78 5.68 19.07
N ASP C 1005 -12.13 5.67 20.35
CA ASP C 1005 -11.18 6.08 21.38
C ASP C 1005 -9.98 5.13 21.43
N TYR C 1006 -10.24 3.83 21.31
CA TYR C 1006 -9.15 2.86 21.26
C TYR C 1006 -8.23 3.12 20.06
N ALA C 1007 -8.83 3.38 18.90
CA ALA C 1007 -8.04 3.68 17.70
C ALA C 1007 -7.26 4.98 17.86
N LEU C 1008 -7.82 5.95 18.58
CA LEU C 1008 -7.10 7.20 18.80
C LEU C 1008 -5.90 7.00 19.73
N GLU C 1009 -6.05 6.16 20.76
CA GLU C 1009 -4.89 5.81 21.58
C GLU C 1009 -3.82 5.12 20.74
N VAL C 1010 -4.23 4.18 19.90
CA VAL C 1010 -3.28 3.50 19.02
C VAL C 1010 -2.60 4.50 18.09
N GLU C 1011 -3.36 5.47 17.59
CA GLU C 1011 -2.81 6.48 16.70
C GLU C 1011 -1.78 7.35 17.43
N LYS C 1012 -2.05 7.71 18.68
CA LYS C 1012 -1.07 8.48 19.44
C LYS C 1012 0.21 7.68 19.62
N ILE C 1013 0.09 6.38 19.92
CA ILE C 1013 1.28 5.54 20.06
C ILE C 1013 2.06 5.50 18.75
N THR C 1014 1.36 5.28 17.64
CA THR C 1014 2.04 5.13 16.36
C THR C 1014 2.64 6.43 15.87
N THR C 1015 2.01 7.58 16.18
CA THR C 1015 2.58 8.86 15.81
C THR C 1015 3.75 9.23 16.70
N SER C 1016 3.77 8.75 17.94
CA SER C 1016 4.99 8.83 18.74
C SER C 1016 6.10 8.01 18.10
N LYS C 1017 5.75 6.85 17.54
CA LYS C 1017 6.73 6.07 16.78
C LYS C 1017 7.20 6.82 15.55
N LYS C 1018 6.26 7.31 14.73
CA LYS C 1018 6.57 7.97 13.47
C LYS C 1018 5.47 8.96 13.15
N PRO C 1019 5.80 10.21 12.80
CA PRO C 1019 4.76 11.25 12.69
C PRO C 1019 3.68 10.94 11.67
N ASN C 1020 4.02 10.28 10.56
CA ASN C 1020 3.06 10.06 9.49
C ASN C 1020 2.16 8.85 9.74
N LEU C 1021 2.32 8.17 10.88
CA LEU C 1021 1.49 7.02 11.19
C LEU C 1021 0.18 7.45 11.85
N ILE C 1022 -0.56 8.34 11.19
CA ILE C 1022 -1.83 8.83 11.70
C ILE C 1022 -2.93 7.86 11.33
N LEU C 1023 -4.11 8.03 11.93
CA LEU C 1023 -5.25 7.18 11.61
C LEU C 1023 -5.73 7.47 10.20
N ASN C 1024 -5.84 6.41 9.40
CA ASN C 1024 -6.23 6.55 8.00
C ASN C 1024 -7.70 6.92 7.88
N VAL C 1025 -8.11 7.30 6.67
CA VAL C 1025 -9.53 7.41 6.39
C VAL C 1025 -10.17 6.03 6.44
N ALA C 1026 -9.45 4.99 6.01
CA ALA C 1026 -9.96 3.63 6.11
C ALA C 1026 -10.15 3.20 7.55
N GLY C 1027 -9.14 3.45 8.40
CA GLY C 1027 -9.26 3.09 9.80
C GLY C 1027 -10.33 3.88 10.51
N LEU C 1028 -10.39 5.19 10.25
CA LEU C 1028 -11.43 6.03 10.84
C LEU C 1028 -12.81 5.53 10.45
N ILE C 1029 -13.02 5.27 9.16
CA ILE C 1029 -14.32 4.82 8.70
C ILE C 1029 -14.66 3.46 9.31
N GLY C 1030 -13.69 2.54 9.37
CA GLY C 1030 -13.97 1.23 9.94
C GLY C 1030 -14.37 1.29 11.39
N VAL C 1031 -13.58 2.01 12.20
CA VAL C 1031 -13.89 2.07 13.63
C VAL C 1031 -15.18 2.84 13.87
N ALA C 1032 -15.42 3.91 13.10
CA ALA C 1032 -16.63 4.70 13.28
C ALA C 1032 -17.86 3.92 12.85
N PHE C 1033 -17.74 3.10 11.80
CA PHE C 1033 -18.86 2.26 11.38
C PHE C 1033 -19.16 1.18 12.40
N VAL C 1034 -18.12 0.57 12.97
CA VAL C 1034 -18.35 -0.42 14.03
C VAL C 1034 -19.02 0.23 15.23
N ASP C 1035 -18.56 1.43 15.61
CA ASP C 1035 -19.18 2.15 16.72
C ASP C 1035 -20.62 2.51 16.41
N MET C 1036 -20.90 2.94 15.17
CA MET C 1036 -22.26 3.28 14.78
C MET C 1036 -23.17 2.05 14.85
N LEU C 1037 -22.68 0.90 14.38
CA LEU C 1037 -23.47 -0.32 14.46
C LEU C 1037 -23.71 -0.73 15.91
N ARG C 1038 -22.70 -0.60 16.77
CA ARG C 1038 -22.80 -1.08 18.14
C ARG C 1038 -23.49 -0.11 19.08
N ASN C 1039 -23.67 1.16 18.70
CA ASN C 1039 -24.14 2.16 19.64
C ASN C 1039 -25.36 2.96 19.17
N CYS C 1040 -25.79 2.81 17.92
CA CYS C 1040 -26.97 3.54 17.47
C CYS C 1040 -28.26 3.02 18.09
N GLY C 1041 -28.24 1.84 18.72
CA GLY C 1041 -29.41 1.27 19.34
C GLY C 1041 -30.26 0.41 18.43
N SER C 1042 -29.98 0.39 17.13
CA SER C 1042 -30.75 -0.42 16.20
C SER C 1042 -30.26 -1.86 16.08
N PHE C 1043 -29.06 -2.14 16.57
CA PHE C 1043 -28.45 -3.45 16.42
C PHE C 1043 -28.05 -4.01 17.78
N THR C 1044 -28.13 -5.33 17.91
CA THR C 1044 -27.48 -6.02 19.01
C THR C 1044 -26.01 -6.25 18.66
N ARG C 1045 -25.25 -6.74 19.65
CA ARG C 1045 -23.84 -7.01 19.42
C ARG C 1045 -23.66 -8.09 18.36
N GLU C 1046 -24.47 -9.14 18.42
CA GLU C 1046 -24.37 -10.22 17.44
C GLU C 1046 -24.70 -9.74 16.04
N GLU C 1047 -25.75 -8.90 15.92
CA GLU C 1047 -26.13 -8.38 14.60
C GLU C 1047 -25.04 -7.51 14.01
N ALA C 1048 -24.46 -6.62 14.82
CA ALA C 1048 -23.38 -5.77 14.34
C ALA C 1048 -22.17 -6.59 13.94
N ASP C 1049 -21.82 -7.59 14.76
CA ASP C 1049 -20.68 -8.45 14.43
C ASP C 1049 -20.92 -9.20 13.14
N GLU C 1050 -22.14 -9.71 12.94
CA GLU C 1050 -22.45 -10.43 11.71
C GLU C 1050 -22.37 -9.50 10.50
N TYR C 1051 -22.89 -8.27 10.63
CA TYR C 1051 -22.86 -7.35 9.50
C TYR C 1051 -21.42 -6.94 9.17
N ILE C 1052 -20.57 -6.80 10.18
CA ILE C 1052 -19.16 -6.55 9.91
C ILE C 1052 -18.52 -7.76 9.23
N ASP C 1053 -18.87 -8.97 9.68
CA ASP C 1053 -18.25 -10.17 9.14
C ASP C 1053 -18.63 -10.42 7.69
N ILE C 1054 -19.89 -10.14 7.33
CA ILE C 1054 -20.35 -10.47 5.97
C ILE C 1054 -19.95 -9.43 4.94
N GLY C 1055 -19.36 -8.31 5.36
CA GLY C 1055 -18.80 -7.36 4.42
C GLY C 1055 -19.62 -6.13 4.15
N ALA C 1056 -20.23 -5.56 5.20
CA ALA C 1056 -20.98 -4.32 5.02
C ALA C 1056 -20.07 -3.17 4.63
N LEU C 1057 -18.88 -3.09 5.26
CA LEU C 1057 -17.96 -2.01 4.93
C LEU C 1057 -17.35 -2.18 3.55
N ASN C 1058 -17.18 -3.42 3.09
CA ASN C 1058 -16.82 -3.65 1.70
C ASN C 1058 -17.87 -3.06 0.78
N GLY C 1059 -19.15 -3.28 1.09
CA GLY C 1059 -20.21 -2.69 0.29
C GLY C 1059 -20.19 -1.17 0.35
N ILE C 1060 -19.88 -0.61 1.53
CA ILE C 1060 -19.81 0.85 1.66
C ILE C 1060 -18.74 1.41 0.73
N PHE C 1061 -17.54 0.82 0.77
CA PHE C 1061 -16.46 1.30 -0.09
C PHE C 1061 -16.82 1.11 -1.56
N VAL C 1062 -17.40 -0.04 -1.90
CA VAL C 1062 -17.71 -0.31 -3.31
C VAL C 1062 -18.74 0.68 -3.82
N LEU C 1063 -19.79 0.94 -3.04
CA LEU C 1063 -20.81 1.89 -3.46
C LEU C 1063 -20.24 3.29 -3.57
N GLY C 1064 -19.39 3.69 -2.61
CA GLY C 1064 -18.79 5.01 -2.69
C GLY C 1064 -17.91 5.18 -3.92
N ARG C 1065 -17.02 4.22 -4.17
CA ARG C 1065 -16.09 4.32 -5.28
C ARG C 1065 -16.75 4.07 -6.63
N SER C 1066 -17.95 3.48 -6.65
CA SER C 1066 -18.66 3.32 -7.91
C SER C 1066 -18.98 4.66 -8.54
N MET C 1067 -19.29 5.67 -7.71
CA MET C 1067 -19.55 7.01 -8.23
C MET C 1067 -18.31 7.57 -8.93
N GLY C 1068 -17.14 7.42 -8.31
CA GLY C 1068 -15.92 7.89 -8.95
C GLY C 1068 -15.58 7.12 -10.21
N PHE C 1069 -15.82 5.80 -10.21
CA PHE C 1069 -15.55 5.01 -11.40
C PHE C 1069 -16.45 5.42 -12.56
N ILE C 1070 -17.74 5.66 -12.28
CA ILE C 1070 -18.65 6.13 -13.32
C ILE C 1070 -18.24 7.51 -13.81
N GLY C 1071 -17.80 8.37 -12.89
CA GLY C 1071 -17.29 9.68 -13.28
C GLY C 1071 -16.07 9.57 -14.18
N HIS C 1072 -15.17 8.65 -13.87
CA HIS C 1072 -13.99 8.44 -14.71
C HIS C 1072 -14.38 7.93 -16.09
N TYR C 1073 -15.33 7.00 -16.15
CA TYR C 1073 -15.81 6.50 -17.43
C TYR C 1073 -16.39 7.64 -18.27
N LEU C 1074 -17.24 8.47 -17.66
CA LEU C 1074 -17.84 9.59 -18.37
C LEU C 1074 -16.79 10.58 -18.82
N ASP C 1075 -15.78 10.82 -17.98
CA ASP C 1075 -14.70 11.73 -18.36
C ASP C 1075 -13.92 11.19 -19.56
N GLN C 1076 -13.61 9.89 -19.55
CA GLN C 1076 -12.87 9.30 -20.67
C GLN C 1076 -13.69 9.36 -21.96
N LYS C 1077 -15.00 9.16 -21.86
CA LYS C 1077 -15.82 9.26 -23.07
C LYS C 1077 -15.99 10.71 -23.53
N ARG C 1078 -16.01 11.66 -22.60
CA ARG C 1078 -16.10 13.07 -22.99
C ARG C 1078 -14.81 13.54 -23.64
N LEU C 1079 -13.67 13.11 -23.12
CA LEU C 1079 -12.39 13.44 -23.73
C LEU C 1079 -12.12 12.63 -25.00
N LYS C 1080 -12.96 11.64 -25.29
CA LYS C 1080 -12.85 10.83 -26.50
C LYS C 1080 -11.47 10.21 -26.62
N GLN C 1081 -10.96 9.71 -25.50
CA GLN C 1081 -9.65 9.07 -25.48
C GLN C 1081 -9.68 7.78 -26.29
N GLY C 1082 -8.61 7.56 -27.05
CA GLY C 1082 -8.51 6.38 -27.89
C GLY C 1082 -8.09 5.15 -27.13
N LEU C 1083 -7.94 4.06 -27.88
CA LEU C 1083 -7.53 2.80 -27.29
C LEU C 1083 -6.14 2.90 -26.69
N TYR C 1084 -5.98 2.37 -25.48
CA TYR C 1084 -4.72 2.43 -24.76
C TYR C 1084 -3.97 1.11 -24.92
N ARG C 1085 -2.68 1.22 -25.22
CA ARG C 1085 -1.75 0.09 -25.16
C ARG C 1085 -0.58 0.48 -24.28
N HIS C 1086 -0.22 -0.37 -23.34
CA HIS C 1086 0.87 -0.06 -22.44
C HIS C 1086 2.19 -0.03 -23.20
N PRO C 1087 3.05 0.96 -22.93
CA PRO C 1087 4.33 1.03 -23.63
C PRO C 1087 5.20 -0.19 -23.35
N TRP C 1088 5.95 -0.60 -24.38
CA TRP C 1088 6.84 -1.74 -24.22
C TRP C 1088 8.02 -1.44 -23.30
N ASP C 1089 8.48 -0.19 -23.28
CA ASP C 1089 9.62 0.17 -22.44
C ASP C 1089 9.29 0.06 -20.96
N ASP C 1090 8.01 0.05 -20.59
CA ASP C 1090 7.60 -0.09 -19.20
C ASP C 1090 7.37 -1.54 -18.79
N ILE C 1091 7.54 -2.49 -19.71
CA ILE C 1091 7.35 -3.90 -19.44
C ILE C 1091 8.70 -4.60 -19.56
N SER C 1092 9.07 -5.36 -18.53
CA SER C 1092 10.29 -6.15 -18.53
C SER C 1092 9.94 -7.57 -18.95
N TYR C 1093 10.34 -7.97 -20.16
CA TYR C 1093 10.07 -9.29 -20.68
C TYR C 1093 11.16 -10.25 -20.23
N VAL C 1094 10.80 -11.21 -19.39
CA VAL C 1094 11.73 -12.23 -18.91
C VAL C 1094 11.12 -13.60 -19.25
N LEU C 1095 11.47 -14.11 -20.42
CA LEU C 1095 10.93 -15.36 -20.93
C LEU C 1095 11.97 -16.46 -20.90
N PRO C 1096 11.55 -17.72 -20.85
CA PRO C 1096 12.52 -18.82 -20.95
C PRO C 1096 13.22 -18.81 -22.30
N GLU C 1097 14.47 -19.28 -22.29
CA GLU C 1097 15.25 -19.31 -23.53
C GLU C 1097 14.60 -20.22 -24.57
N HIS C 1098 14.28 -21.45 -24.18
CA HIS C 1098 13.62 -22.38 -25.09
C HIS C 1098 12.47 -23.16 -24.45
N MET C 1099 12.30 -23.12 -23.14
CA MET C 1099 11.25 -23.88 -22.47
C MET C 1099 9.88 -23.31 -22.77
N VAL D 821 -53.79 -33.04 3.54
CA VAL D 821 -52.55 -32.38 3.18
C VAL D 821 -52.62 -31.92 1.73
N PRO D 822 -52.05 -30.74 1.44
CA PRO D 822 -52.02 -30.26 0.05
C PRO D 822 -51.20 -31.18 -0.84
N MET D 823 -51.64 -31.30 -2.10
CA MET D 823 -50.99 -32.19 -3.04
C MET D 823 -49.57 -31.72 -3.34
N ASP D 824 -48.62 -32.65 -3.31
CA ASP D 824 -47.23 -32.27 -3.55
C ASP D 824 -47.01 -31.96 -5.02
N TYR D 825 -46.27 -30.88 -5.29
CA TYR D 825 -46.09 -30.43 -6.66
C TYR D 825 -45.37 -31.47 -7.51
N SER D 826 -44.22 -31.95 -7.03
CA SER D 826 -43.41 -32.87 -7.83
C SER D 826 -44.14 -34.19 -8.06
N TRP D 827 -44.81 -34.70 -7.03
CA TRP D 827 -45.48 -35.99 -7.16
C TRP D 827 -46.75 -35.86 -8.00
N ALA D 828 -47.41 -34.71 -7.93
CA ALA D 828 -48.53 -34.43 -8.83
C ALA D 828 -48.06 -34.35 -10.29
N ARG D 829 -46.91 -33.72 -10.52
CA ARG D 829 -46.35 -33.70 -11.87
C ARG D 829 -45.99 -35.11 -12.33
N GLU D 830 -45.51 -35.93 -11.41
CA GLU D 830 -45.27 -37.34 -11.73
C GLU D 830 -46.56 -38.04 -12.15
N LEU D 831 -47.66 -37.77 -11.44
CA LEU D 831 -48.96 -38.26 -11.88
C LEU D 831 -49.50 -37.50 -13.08
N GLY D 832 -48.87 -36.39 -13.46
CA GLY D 832 -49.33 -35.63 -14.62
C GLY D 832 -50.63 -34.91 -14.42
N LEU D 833 -51.01 -34.63 -13.17
CA LEU D 833 -52.27 -33.94 -12.92
C LEU D 833 -52.19 -32.45 -13.23
N ILE D 834 -51.04 -31.83 -12.99
CA ILE D 834 -50.88 -30.39 -13.14
C ILE D 834 -49.84 -30.09 -14.22
N ARG D 835 -49.91 -28.87 -14.74
CA ARG D 835 -48.97 -28.38 -15.74
C ARG D 835 -48.38 -27.06 -15.27
N LYS D 836 -47.05 -27.00 -15.23
CA LYS D 836 -46.33 -25.76 -14.95
C LYS D 836 -45.41 -25.45 -16.11
N PRO D 837 -45.56 -24.32 -16.80
CA PRO D 837 -44.71 -24.05 -17.96
C PRO D 837 -43.24 -23.94 -17.58
N ALA D 838 -42.38 -24.44 -18.46
CA ALA D 838 -40.94 -24.33 -18.28
C ALA D 838 -40.47 -22.95 -18.72
N SER D 839 -39.74 -22.27 -17.84
CA SER D 839 -39.29 -20.92 -18.12
C SER D 839 -37.96 -20.87 -18.87
N PHE D 840 -37.31 -22.01 -19.09
CA PHE D 840 -36.01 -22.04 -19.74
C PHE D 840 -35.99 -23.11 -20.82
N MET D 841 -35.21 -22.85 -21.86
CA MET D 841 -35.03 -23.78 -22.96
C MET D 841 -33.54 -23.90 -23.27
N THR D 842 -33.06 -25.13 -23.41
CA THR D 842 -31.66 -25.40 -23.68
C THR D 842 -31.54 -26.42 -24.80
N SER D 843 -30.43 -26.37 -25.53
CA SER D 843 -30.23 -27.26 -26.67
C SER D 843 -28.83 -27.84 -26.78
N ILE D 844 -27.92 -27.54 -25.85
CA ILE D 844 -26.52 -27.86 -26.04
C ILE D 844 -26.05 -29.01 -25.14
N CYS D 845 -26.68 -29.23 -23.99
CA CYS D 845 -26.20 -30.24 -23.07
C CYS D 845 -27.36 -30.78 -22.26
N ASP D 846 -27.29 -32.08 -21.95
CA ASP D 846 -28.27 -32.76 -21.12
C ASP D 846 -27.52 -33.57 -20.08
N GLU D 847 -27.63 -33.15 -18.82
CA GLU D 847 -26.96 -33.82 -17.71
C GLU D 847 -27.90 -34.66 -16.87
N ARG D 848 -29.20 -34.67 -17.18
CA ARG D 848 -30.16 -35.42 -16.38
C ARG D 848 -29.96 -36.93 -16.53
N GLY D 849 -29.58 -37.38 -17.72
CA GLY D 849 -29.56 -38.79 -18.03
C GLY D 849 -28.39 -39.51 -17.37
N GLN D 850 -28.27 -40.80 -17.72
CA GLN D 850 -27.23 -41.63 -17.15
C GLN D 850 -25.85 -41.21 -17.61
N GLU D 851 -25.75 -40.59 -18.77
CA GLU D 851 -24.48 -40.14 -19.32
C GLU D 851 -24.60 -38.69 -19.78
N LEU D 852 -23.51 -37.95 -19.61
CA LEU D 852 -23.47 -36.58 -20.11
C LEU D 852 -23.55 -36.56 -21.63
N ILE D 853 -24.35 -35.64 -22.17
CA ILE D 853 -24.62 -35.55 -23.59
C ILE D 853 -24.29 -34.15 -24.06
N TYR D 854 -23.52 -34.06 -25.15
CA TYR D 854 -23.16 -32.78 -25.76
C TYR D 854 -23.92 -32.66 -27.09
N ALA D 855 -25.06 -31.98 -27.04
CA ALA D 855 -25.88 -31.71 -28.23
C ALA D 855 -26.22 -32.99 -28.99
N GLY D 856 -26.74 -33.98 -28.25
CA GLY D 856 -27.17 -35.22 -28.84
C GLY D 856 -26.12 -36.31 -28.91
N MET D 857 -24.86 -35.99 -28.60
CA MET D 857 -23.77 -36.96 -28.67
C MET D 857 -23.31 -37.32 -27.27
N PRO D 858 -23.33 -38.59 -26.88
CA PRO D 858 -22.81 -38.98 -25.57
C PRO D 858 -21.32 -38.66 -25.44
N ILE D 859 -20.90 -38.37 -24.22
CA ILE D 859 -19.51 -37.98 -23.97
C ILE D 859 -18.56 -39.11 -24.31
N THR D 860 -18.98 -40.36 -24.06
CA THR D 860 -18.18 -41.50 -24.48
C THR D 860 -18.03 -41.54 -25.99
N GLU D 861 -19.10 -41.22 -26.71
CA GLU D 861 -19.00 -41.11 -28.16
C GLU D 861 -18.14 -39.93 -28.57
N VAL D 862 -18.16 -38.85 -27.78
CA VAL D 862 -17.31 -37.70 -28.07
C VAL D 862 -15.84 -38.09 -28.01
N PHE D 863 -15.45 -38.83 -26.97
CA PHE D 863 -14.06 -39.22 -26.83
C PHE D 863 -13.68 -40.37 -27.77
N LYS D 864 -14.63 -41.27 -28.05
CA LYS D 864 -14.34 -42.39 -28.94
C LYS D 864 -14.15 -41.93 -30.37
N GLU D 865 -14.92 -40.91 -30.80
CA GLU D 865 -14.78 -40.36 -32.13
C GLU D 865 -13.52 -39.52 -32.29
N GLU D 866 -12.66 -39.48 -31.28
CA GLU D 866 -11.40 -38.74 -31.31
C GLU D 866 -11.62 -37.25 -31.55
N MET D 867 -12.77 -36.74 -31.10
CA MET D 867 -12.98 -35.30 -31.08
C MET D 867 -12.00 -34.64 -30.13
N GLY D 868 -11.49 -33.48 -30.53
CA GLY D 868 -10.68 -32.65 -29.67
C GLY D 868 -11.50 -31.53 -29.06
N ILE D 869 -10.81 -30.44 -28.74
CA ILE D 869 -11.51 -29.25 -28.28
C ILE D 869 -12.38 -28.68 -29.39
N GLY D 870 -11.94 -28.78 -30.65
CA GLY D 870 -12.73 -28.24 -31.75
C GLY D 870 -14.06 -28.95 -31.93
N GLY D 871 -14.07 -30.28 -31.81
CA GLY D 871 -15.31 -31.02 -31.94
C GLY D 871 -16.29 -30.72 -30.83
N VAL D 872 -15.80 -30.64 -29.59
CA VAL D 872 -16.66 -30.29 -28.46
C VAL D 872 -17.19 -28.88 -28.63
N LEU D 873 -16.35 -27.95 -29.10
CA LEU D 873 -16.80 -26.59 -29.35
C LEU D 873 -17.87 -26.55 -30.43
N GLY D 874 -17.70 -27.32 -31.50
CA GLY D 874 -18.73 -27.38 -32.52
C GLY D 874 -20.04 -27.92 -31.98
N LEU D 875 -19.97 -28.96 -31.17
CA LEU D 875 -21.18 -29.51 -30.56
C LEU D 875 -21.87 -28.49 -29.65
N LEU D 876 -21.10 -27.77 -28.85
CA LEU D 876 -21.69 -26.91 -27.83
C LEU D 876 -22.14 -25.57 -28.40
N TRP D 877 -21.49 -25.07 -29.45
CA TRP D 877 -21.81 -23.76 -30.00
C TRP D 877 -22.74 -23.83 -31.20
N PHE D 878 -22.59 -24.84 -32.05
CA PHE D 878 -23.39 -24.96 -33.26
C PHE D 878 -24.32 -26.15 -33.29
N GLN D 879 -24.24 -27.05 -32.30
CA GLN D 879 -25.07 -28.26 -32.26
C GLN D 879 -24.87 -29.10 -33.52
N LYS D 880 -23.64 -29.11 -34.03
CA LYS D 880 -23.31 -29.81 -35.27
C LYS D 880 -22.12 -30.71 -35.06
N ARG D 881 -22.08 -31.78 -35.85
CA ARG D 881 -20.92 -32.67 -35.90
C ARG D 881 -20.04 -32.19 -37.04
N LEU D 882 -19.09 -31.32 -36.72
CA LEU D 882 -18.24 -30.73 -37.75
C LEU D 882 -17.24 -31.77 -38.27
N PRO D 883 -16.80 -31.63 -39.51
CA PRO D 883 -15.72 -32.49 -40.02
C PRO D 883 -14.42 -32.22 -39.27
N LYS D 884 -13.51 -33.18 -39.40
CA LYS D 884 -12.27 -33.14 -38.63
C LYS D 884 -11.46 -31.90 -38.95
N TYR D 885 -11.40 -31.51 -40.22
CA TYR D 885 -10.63 -30.33 -40.57
C TYR D 885 -11.25 -29.06 -40.00
N SER D 886 -12.58 -29.00 -39.90
CA SER D 886 -13.21 -27.84 -39.26
C SER D 886 -12.83 -27.73 -37.79
N CYS D 887 -12.87 -28.86 -37.06
CA CYS D 887 -12.48 -28.85 -35.66
C CYS D 887 -11.02 -28.49 -35.48
N GLN D 888 -10.15 -29.04 -36.32
CA GLN D 888 -8.74 -28.70 -36.26
C GLN D 888 -8.50 -27.22 -36.54
N PHE D 889 -9.21 -26.67 -37.53
CA PHE D 889 -9.10 -25.25 -37.84
C PHE D 889 -9.57 -24.39 -36.67
N ILE D 890 -10.65 -24.80 -36.00
CA ILE D 890 -11.11 -24.08 -34.81
C ILE D 890 -10.04 -24.11 -33.74
N GLU D 891 -9.39 -25.26 -33.55
CA GLU D 891 -8.32 -25.36 -32.56
C GLU D 891 -7.15 -24.45 -32.90
N MET D 892 -6.76 -24.39 -34.18
CA MET D 892 -5.67 -23.48 -34.56
C MET D 892 -6.07 -22.03 -34.38
N CYS D 893 -7.35 -21.70 -34.64
CA CYS D 893 -7.82 -20.35 -34.39
C CYS D 893 -7.72 -20.00 -32.91
N LEU D 894 -8.10 -20.93 -32.04
CA LEU D 894 -7.95 -20.70 -30.61
C LEU D 894 -6.48 -20.59 -30.22
N MET D 895 -5.60 -21.32 -30.92
CA MET D 895 -4.19 -21.31 -30.57
C MET D 895 -3.52 -20.00 -30.96
N VAL D 896 -3.83 -19.48 -32.16
CA VAL D 896 -3.17 -18.25 -32.61
C VAL D 896 -3.69 -17.02 -31.88
N THR D 897 -4.88 -17.11 -31.27
CA THR D 897 -5.43 -16.01 -30.49
C THR D 897 -5.21 -16.21 -29.00
N ALA D 898 -4.34 -17.15 -28.61
CA ALA D 898 -4.16 -17.48 -27.20
C ALA D 898 -3.68 -16.27 -26.41
N ASP D 899 -2.62 -15.61 -26.87
CA ASP D 899 -2.14 -14.42 -26.20
C ASP D 899 -1.33 -13.58 -27.19
N HIS D 900 -1.30 -12.28 -26.94
CA HIS D 900 -0.50 -11.37 -27.75
C HIS D 900 0.24 -10.38 -26.85
N GLY D 901 0.78 -10.87 -25.74
CA GLY D 901 1.60 -10.07 -24.87
C GLY D 901 0.81 -9.33 -23.81
N PRO D 902 1.50 -8.70 -22.86
CA PRO D 902 0.85 -8.01 -21.76
C PRO D 902 0.46 -6.56 -22.03
N ALA D 903 0.83 -6.00 -23.18
CA ALA D 903 0.59 -4.58 -23.43
C ALA D 903 -0.85 -4.27 -23.85
N VAL D 904 -1.59 -5.27 -24.32
CA VAL D 904 -2.95 -5.02 -24.78
C VAL D 904 -3.85 -4.72 -23.58
N SER D 905 -5.02 -4.13 -23.88
CA SER D 905 -5.89 -3.62 -22.82
C SER D 905 -6.38 -4.73 -21.90
N GLY D 906 -6.80 -5.86 -22.47
CA GLY D 906 -7.31 -6.94 -21.64
C GLY D 906 -6.24 -7.56 -20.76
N ALA D 907 -5.06 -7.82 -21.34
CA ALA D 907 -3.96 -8.37 -20.56
C ALA D 907 -3.50 -7.37 -19.50
N HIS D 908 -3.49 -6.08 -19.85
CA HIS D 908 -3.16 -5.04 -18.88
C HIS D 908 -4.11 -5.08 -17.70
N ASN D 909 -5.42 -5.14 -17.97
CA ASN D 909 -6.40 -5.14 -16.89
C ASN D 909 -6.31 -6.40 -16.05
N THR D 910 -6.10 -7.55 -16.70
CA THR D 910 -5.92 -8.80 -15.95
C THR D 910 -4.71 -8.72 -15.04
N ILE D 911 -3.60 -8.19 -15.54
CA ILE D 911 -2.39 -8.08 -14.74
C ILE D 911 -2.61 -7.13 -13.56
N ILE D 912 -3.29 -6.01 -13.80
CA ILE D 912 -3.58 -5.07 -12.72
C ILE D 912 -4.42 -5.76 -11.64
N CYS D 913 -5.46 -6.50 -12.05
CA CYS D 913 -6.33 -7.16 -11.10
C CYS D 913 -5.59 -8.25 -10.33
N ALA D 914 -4.72 -9.00 -11.02
CA ALA D 914 -3.92 -10.02 -10.34
C ALA D 914 -2.97 -9.40 -9.33
N ARG D 915 -2.34 -8.29 -9.69
CA ARG D 915 -1.44 -7.60 -8.76
C ARG D 915 -2.19 -6.94 -7.61
N ALA D 916 -3.52 -6.83 -7.69
CA ALA D 916 -4.34 -6.33 -6.61
C ALA D 916 -4.75 -7.43 -5.65
N GLY D 917 -4.27 -8.66 -5.85
CA GLY D 917 -4.57 -9.76 -4.95
C GLY D 917 -5.88 -10.46 -5.19
N LYS D 918 -6.54 -10.21 -6.31
CA LYS D 918 -7.82 -10.84 -6.59
C LYS D 918 -7.62 -12.25 -7.13
N ASP D 919 -8.68 -13.04 -7.07
CA ASP D 919 -8.62 -14.43 -7.50
C ASP D 919 -8.55 -14.51 -9.03
N LEU D 920 -8.42 -15.75 -9.53
CA LEU D 920 -8.30 -15.96 -10.97
C LEU D 920 -9.52 -15.47 -11.73
N VAL D 921 -10.72 -15.78 -11.21
CA VAL D 921 -11.95 -15.44 -11.91
C VAL D 921 -12.09 -13.93 -12.05
N SER D 922 -11.84 -13.20 -10.95
CA SER D 922 -12.01 -11.74 -10.99
C SER D 922 -11.03 -11.10 -11.95
N SER D 923 -9.76 -11.51 -11.91
CA SER D 923 -8.76 -10.93 -12.81
C SER D 923 -9.06 -11.26 -14.27
N LEU D 924 -9.42 -12.52 -14.53
CA LEU D 924 -9.75 -12.91 -15.90
C LEU D 924 -10.95 -12.13 -16.43
N THR D 925 -11.99 -11.97 -15.60
CA THR D 925 -13.16 -11.24 -16.04
C THR D 925 -12.87 -9.75 -16.22
N SER D 926 -12.02 -9.19 -15.36
CA SER D 926 -11.60 -7.80 -15.54
C SER D 926 -10.89 -7.60 -16.87
N GLY D 927 -10.04 -8.55 -17.24
CA GLY D 927 -9.41 -8.48 -18.55
C GLY D 927 -10.40 -8.70 -19.69
N LEU D 928 -11.35 -9.61 -19.50
CA LEU D 928 -12.29 -9.94 -20.57
C LEU D 928 -13.26 -8.81 -20.85
N LEU D 929 -13.61 -8.03 -19.82
CA LEU D 929 -14.61 -6.97 -20.00
C LEU D 929 -14.14 -5.88 -20.95
N THR D 930 -12.84 -5.78 -21.21
CA THR D 930 -12.35 -4.83 -22.20
C THR D 930 -12.55 -5.31 -23.63
N ILE D 931 -12.87 -6.59 -23.83
CA ILE D 931 -13.06 -7.12 -25.16
C ILE D 931 -14.36 -6.59 -25.75
N GLY D 932 -14.28 -6.03 -26.94
CA GLY D 932 -15.42 -5.38 -27.56
C GLY D 932 -15.06 -4.77 -28.90
N ASP D 933 -15.46 -3.51 -29.11
CA ASP D 933 -15.22 -2.87 -30.40
C ASP D 933 -13.73 -2.65 -30.66
N ARG D 934 -13.06 -1.90 -29.79
CA ARG D 934 -11.70 -1.47 -30.08
C ARG D 934 -10.68 -2.58 -29.85
N PHE D 935 -10.89 -3.43 -28.84
CA PHE D 935 -9.96 -4.51 -28.53
C PHE D 935 -10.70 -5.84 -28.66
N GLY D 936 -10.21 -6.70 -29.54
CA GLY D 936 -10.70 -8.06 -29.66
C GLY D 936 -11.87 -8.26 -30.60
N GLY D 937 -12.48 -7.18 -31.10
CA GLY D 937 -13.61 -7.29 -31.99
C GLY D 937 -13.28 -7.26 -33.46
N ALA D 938 -12.00 -7.29 -33.82
CA ALA D 938 -11.62 -7.20 -35.23
C ALA D 938 -12.02 -8.46 -36.01
N LEU D 939 -12.06 -9.61 -35.34
CA LEU D 939 -12.46 -10.85 -36.01
C LEU D 939 -13.89 -10.74 -36.54
N ASP D 940 -14.82 -10.39 -35.65
CA ASP D 940 -16.22 -10.30 -36.03
C ASP D 940 -16.46 -9.16 -37.01
N ALA D 941 -15.82 -8.02 -36.79
CA ALA D 941 -15.99 -6.89 -37.69
C ALA D 941 -15.47 -7.19 -39.09
N ALA D 942 -14.30 -7.83 -39.17
CA ALA D 942 -13.75 -8.20 -40.47
C ALA D 942 -14.64 -9.22 -41.17
N ALA D 943 -15.12 -10.21 -40.43
CA ALA D 943 -16.01 -11.21 -41.02
C ALA D 943 -17.27 -10.55 -41.58
N LYS D 944 -17.89 -9.67 -40.78
CA LYS D 944 -19.10 -9.00 -41.23
C LYS D 944 -18.85 -8.12 -42.45
N MET D 945 -17.75 -7.36 -42.43
CA MET D 945 -17.43 -6.47 -43.54
C MET D 945 -17.20 -7.24 -44.83
N PHE D 946 -16.37 -8.29 -44.76
CA PHE D 946 -16.07 -9.04 -45.97
C PHE D 946 -17.28 -9.82 -46.47
N SER D 947 -18.09 -10.37 -45.56
CA SER D 947 -19.30 -11.07 -45.97
C SER D 947 -20.30 -10.12 -46.62
N LYS D 948 -20.45 -8.91 -46.07
CA LYS D 948 -21.36 -7.93 -46.65
C LYS D 948 -20.87 -7.48 -48.02
N ALA D 949 -19.55 -7.31 -48.17
CA ALA D 949 -18.99 -6.95 -49.47
C ALA D 949 -19.21 -8.07 -50.49
N PHE D 950 -18.98 -9.32 -50.09
CA PHE D 950 -19.02 -10.44 -51.02
C PHE D 950 -20.45 -10.84 -51.39
N ASP D 951 -21.40 -10.70 -50.44
CA ASP D 951 -22.78 -11.04 -50.74
C ASP D 951 -23.35 -10.14 -51.83
N SER D 952 -23.06 -8.84 -51.74
CA SER D 952 -23.30 -7.95 -52.87
C SER D 952 -22.30 -8.25 -53.98
N GLY D 953 -22.67 -7.88 -55.20
CA GLY D 953 -21.84 -8.23 -56.34
C GLY D 953 -20.64 -7.34 -56.58
N ILE D 954 -20.32 -6.45 -55.64
CA ILE D 954 -19.23 -5.51 -55.85
C ILE D 954 -17.90 -6.26 -55.86
N ILE D 955 -17.03 -5.90 -56.80
CA ILE D 955 -15.72 -6.51 -56.94
C ILE D 955 -14.79 -5.96 -55.85
N PRO D 956 -13.66 -6.60 -55.57
CA PRO D 956 -12.77 -6.10 -54.52
C PRO D 956 -12.35 -4.65 -54.70
N MET D 957 -12.10 -4.23 -55.94
CA MET D 957 -11.74 -2.83 -56.18
C MET D 957 -12.88 -1.91 -55.79
N GLU D 958 -14.12 -2.28 -56.14
CA GLU D 958 -15.29 -1.52 -55.72
C GLU D 958 -15.44 -1.52 -54.20
N PHE D 959 -15.10 -2.64 -53.55
CA PHE D 959 -15.14 -2.69 -52.09
C PHE D 959 -14.15 -1.72 -51.47
N VAL D 960 -12.93 -1.68 -52.01
CA VAL D 960 -11.92 -0.75 -51.49
C VAL D 960 -12.37 0.69 -51.69
N ASN D 961 -12.89 1.01 -52.88
CA ASN D 961 -13.36 2.36 -53.14
C ASN D 961 -14.52 2.73 -52.21
N LYS D 962 -15.47 1.81 -52.02
CA LYS D 962 -16.62 2.11 -51.18
C LYS D 962 -16.20 2.33 -49.73
N MET D 963 -15.30 1.49 -49.21
CA MET D 963 -14.78 1.73 -47.87
C MET D 963 -14.02 3.05 -47.80
N LYS D 964 -13.40 3.46 -48.91
CA LYS D 964 -12.73 4.76 -48.93
C LYS D 964 -13.73 5.91 -48.82
N LYS D 965 -14.83 5.85 -49.58
CA LYS D 965 -15.79 6.95 -49.55
C LYS D 965 -16.45 7.10 -48.18
N GLU D 966 -16.84 5.98 -47.55
CA GLU D 966 -17.48 6.04 -46.25
C GLU D 966 -16.51 6.35 -45.12
N GLY D 967 -15.24 6.52 -45.41
CA GLY D 967 -14.26 6.82 -44.37
C GLY D 967 -14.07 5.70 -43.38
N LYS D 968 -14.10 4.45 -43.85
CA LYS D 968 -13.94 3.28 -43.00
C LYS D 968 -12.73 2.49 -43.46
N LEU D 969 -11.83 2.19 -42.54
CA LEU D 969 -10.73 1.29 -42.84
C LEU D 969 -11.25 -0.13 -42.98
N ILE D 970 -10.69 -0.87 -43.93
CA ILE D 970 -11.08 -2.26 -44.13
C ILE D 970 -10.61 -3.07 -42.93
N MET D 971 -11.57 -3.63 -42.19
CA MET D 971 -11.23 -4.44 -41.03
C MET D 971 -10.55 -5.73 -41.47
N GLY D 972 -9.48 -6.11 -40.78
CA GLY D 972 -8.68 -7.26 -41.15
C GLY D 972 -7.55 -6.98 -42.10
N ILE D 973 -7.25 -5.71 -42.37
CA ILE D 973 -6.17 -5.32 -43.27
C ILE D 973 -5.26 -4.36 -42.52
N GLY D 974 -3.96 -4.63 -42.55
CA GLY D 974 -2.99 -3.69 -42.03
C GLY D 974 -2.17 -4.18 -40.85
N HIS D 975 -0.86 -4.22 -41.00
CA HIS D 975 0.05 -4.69 -39.96
C HIS D 975 1.08 -3.61 -39.67
N ARG D 976 1.52 -3.56 -38.41
CA ARG D 976 2.52 -2.57 -38.01
C ARG D 976 3.83 -2.77 -38.77
N VAL D 977 4.32 -4.01 -38.85
CA VAL D 977 5.63 -4.30 -39.39
C VAL D 977 5.55 -5.23 -40.60
N LYS D 978 4.71 -6.25 -40.55
CA LYS D 978 4.67 -7.26 -41.60
C LYS D 978 4.13 -6.67 -42.90
N SER D 979 4.64 -7.18 -44.01
CA SER D 979 4.32 -6.67 -45.34
C SER D 979 4.58 -7.78 -46.35
N ILE D 980 4.62 -7.42 -47.63
CA ILE D 980 5.03 -8.35 -48.67
C ILE D 980 6.50 -8.70 -48.47
N ASN D 981 6.83 -9.97 -48.68
CA ASN D 981 8.16 -10.57 -48.46
C ASN D 981 8.52 -10.67 -46.99
N ASN D 982 7.69 -10.16 -46.09
CA ASN D 982 7.82 -10.37 -44.65
C ASN D 982 6.45 -10.75 -44.10
N PRO D 983 5.95 -11.94 -44.47
CA PRO D 983 4.56 -12.26 -44.15
C PRO D 983 4.36 -12.58 -42.68
N ASP D 984 3.11 -12.37 -42.23
CA ASP D 984 2.73 -12.77 -40.88
C ASP D 984 2.74 -14.30 -40.77
N MET D 985 3.40 -14.81 -39.73
CA MET D 985 3.59 -16.25 -39.63
C MET D 985 2.31 -16.96 -39.23
N ARG D 986 1.55 -16.39 -38.29
CA ARG D 986 0.26 -16.97 -37.93
C ARG D 986 -0.70 -16.96 -39.11
N VAL D 987 -0.73 -15.85 -39.85
CA VAL D 987 -1.55 -15.77 -41.05
C VAL D 987 -1.12 -16.81 -42.05
N GLN D 988 0.19 -16.98 -42.24
CA GLN D 988 0.69 -17.97 -43.19
C GLN D 988 0.26 -19.38 -42.80
N ILE D 989 0.40 -19.73 -41.52
CA ILE D 989 0.04 -21.07 -41.07
C ILE D 989 -1.45 -21.33 -41.27
N LEU D 990 -2.29 -20.39 -40.81
CA LEU D 990 -3.73 -20.58 -40.93
C LEU D 990 -4.16 -20.63 -42.38
N LYS D 991 -3.63 -19.74 -43.21
CA LYS D 991 -3.98 -19.73 -44.63
C LYS D 991 -3.57 -21.02 -45.31
N ASP D 992 -2.36 -21.51 -45.02
CA ASP D 992 -1.91 -22.76 -45.62
C ASP D 992 -2.81 -23.90 -45.24
N TYR D 993 -3.16 -24.00 -43.95
CA TYR D 993 -4.07 -25.06 -43.53
C TYR D 993 -5.42 -24.94 -44.25
N VAL D 994 -5.93 -23.72 -44.40
CA VAL D 994 -7.23 -23.53 -45.03
C VAL D 994 -7.18 -23.98 -46.49
N ARG D 995 -6.12 -23.60 -47.22
CA ARG D 995 -6.04 -24.01 -48.62
C ARG D 995 -5.92 -25.53 -48.75
N GLN D 996 -5.08 -26.16 -47.93
CA GLN D 996 -4.94 -27.61 -48.09
C GLN D 996 -6.10 -28.40 -47.51
N HIS D 997 -7.00 -27.79 -46.73
CA HIS D 997 -8.07 -28.56 -46.12
C HIS D 997 -9.48 -28.08 -46.44
N PHE D 998 -9.70 -26.78 -46.60
CA PHE D 998 -11.05 -26.30 -46.86
C PHE D 998 -11.45 -26.62 -48.30
N PRO D 999 -12.60 -27.27 -48.52
CA PRO D 999 -13.00 -27.59 -49.90
C PRO D 999 -13.21 -26.37 -50.78
N ALA D 1000 -13.71 -25.27 -50.22
CA ALA D 1000 -13.98 -24.07 -51.00
C ALA D 1000 -13.85 -22.86 -50.10
N THR D 1001 -13.13 -21.84 -50.58
CA THR D 1001 -12.88 -20.62 -49.83
C THR D 1001 -13.19 -19.40 -50.70
N PRO D 1002 -14.47 -19.14 -50.99
CA PRO D 1002 -14.82 -17.98 -51.81
C PRO D 1002 -14.49 -16.66 -51.12
N LEU D 1003 -14.91 -16.53 -49.86
CA LEU D 1003 -14.64 -15.29 -49.13
C LEU D 1003 -13.14 -15.10 -48.89
N LEU D 1004 -12.40 -16.18 -48.68
CA LEU D 1004 -10.96 -16.05 -48.53
C LEU D 1004 -10.31 -15.56 -49.82
N ASP D 1005 -10.77 -16.06 -50.97
CA ASP D 1005 -10.25 -15.56 -52.24
C ASP D 1005 -10.60 -14.09 -52.44
N TYR D 1006 -11.82 -13.70 -52.07
CA TYR D 1006 -12.20 -12.29 -52.15
C TYR D 1006 -11.30 -11.43 -51.27
N ALA D 1007 -11.05 -11.88 -50.04
CA ALA D 1007 -10.17 -11.15 -49.13
C ALA D 1007 -8.75 -11.10 -49.65
N LEU D 1008 -8.29 -12.16 -50.32
CA LEU D 1008 -6.95 -12.15 -50.89
C LEU D 1008 -6.85 -11.15 -52.05
N GLU D 1009 -7.90 -11.04 -52.85
CA GLU D 1009 -7.92 -10.00 -53.88
C GLU D 1009 -7.89 -8.61 -53.26
N VAL D 1010 -8.68 -8.41 -52.20
CA VAL D 1010 -8.68 -7.13 -51.49
C VAL D 1010 -7.28 -6.84 -50.94
N GLU D 1011 -6.62 -7.86 -50.40
CA GLU D 1011 -5.28 -7.70 -49.86
C GLU D 1011 -4.28 -7.36 -50.96
N LYS D 1012 -4.42 -7.97 -52.14
CA LYS D 1012 -3.57 -7.62 -53.26
C LYS D 1012 -3.74 -6.15 -53.63
N ILE D 1013 -4.99 -5.68 -53.67
CA ILE D 1013 -5.26 -4.28 -53.98
C ILE D 1013 -4.64 -3.37 -52.92
N THR D 1014 -4.81 -3.72 -51.64
CA THR D 1014 -4.32 -2.85 -50.57
C THR D 1014 -2.80 -2.86 -50.48
N THR D 1015 -2.16 -3.99 -50.81
CA THR D 1015 -0.71 -4.06 -50.85
C THR D 1015 -0.13 -3.41 -52.09
N SER D 1016 -0.95 -3.25 -53.14
CA SER D 1016 -0.57 -2.34 -54.22
C SER D 1016 -0.41 -0.92 -53.69
N LYS D 1017 -1.21 -0.57 -52.68
CA LYS D 1017 -1.01 0.64 -51.87
C LYS D 1017 0.09 0.36 -50.87
N LYS D 1018 0.20 1.18 -49.82
CA LYS D 1018 1.14 0.98 -48.72
C LYS D 1018 1.23 -0.52 -48.40
N PRO D 1019 2.43 -1.11 -48.39
CA PRO D 1019 2.52 -2.56 -48.45
C PRO D 1019 2.45 -3.31 -47.12
N ASN D 1020 2.31 -2.63 -45.99
CA ASN D 1020 1.99 -3.30 -44.74
C ASN D 1020 0.51 -3.62 -44.63
N LEU D 1021 -0.29 -3.23 -45.61
CA LEU D 1021 -1.73 -3.44 -45.61
C LEU D 1021 -2.07 -4.88 -46.04
N ILE D 1022 -1.46 -5.82 -45.33
CA ILE D 1022 -1.67 -7.24 -45.59
C ILE D 1022 -2.92 -7.69 -44.84
N LEU D 1023 -3.41 -8.87 -45.20
CA LEU D 1023 -4.53 -9.46 -44.49
C LEU D 1023 -4.10 -9.84 -43.08
N ASN D 1024 -4.81 -9.30 -42.09
CA ASN D 1024 -4.47 -9.51 -40.69
C ASN D 1024 -4.82 -10.93 -40.26
N VAL D 1025 -4.35 -11.29 -39.07
CA VAL D 1025 -4.80 -12.55 -38.45
C VAL D 1025 -6.28 -12.46 -38.13
N ALA D 1026 -6.75 -11.29 -37.72
CA ALA D 1026 -8.18 -11.11 -37.44
C ALA D 1026 -9.01 -11.25 -38.71
N GLY D 1027 -8.60 -10.58 -39.79
CA GLY D 1027 -9.34 -10.68 -41.03
C GLY D 1027 -9.30 -12.07 -41.63
N LEU D 1028 -8.13 -12.70 -41.60
CA LEU D 1028 -8.02 -14.06 -42.12
C LEU D 1028 -8.87 -15.03 -41.33
N ILE D 1029 -8.85 -14.92 -39.99
CA ILE D 1029 -9.67 -15.79 -39.17
C ILE D 1029 -11.15 -15.56 -39.45
N GLY D 1030 -11.55 -14.29 -39.59
CA GLY D 1030 -12.96 -14.01 -39.85
C GLY D 1030 -13.42 -14.58 -41.18
N VAL D 1031 -12.65 -14.34 -42.25
CA VAL D 1031 -13.07 -14.81 -43.57
C VAL D 1031 -13.02 -16.32 -43.64
N ALA D 1032 -12.00 -16.94 -43.04
CA ALA D 1032 -11.90 -18.39 -43.05
C ALA D 1032 -12.99 -19.03 -42.19
N PHE D 1033 -13.39 -18.38 -41.10
CA PHE D 1033 -14.47 -18.91 -40.29
C PHE D 1033 -15.81 -18.82 -41.02
N VAL D 1034 -16.04 -17.71 -41.73
CA VAL D 1034 -17.24 -17.61 -42.55
C VAL D 1034 -17.23 -18.68 -43.64
N ASP D 1035 -16.07 -18.89 -44.26
CA ASP D 1035 -15.96 -19.92 -45.29
C ASP D 1035 -16.21 -21.31 -44.72
N MET D 1036 -15.68 -21.60 -43.53
CA MET D 1036 -15.89 -22.88 -42.90
C MET D 1036 -17.37 -23.09 -42.56
N LEU D 1037 -18.02 -22.04 -42.05
CA LEU D 1037 -19.44 -22.15 -41.75
C LEU D 1037 -20.27 -22.38 -43.01
N ARG D 1038 -19.91 -21.71 -44.10
CA ARG D 1038 -20.71 -21.76 -45.31
C ARG D 1038 -20.38 -22.93 -46.22
N ASN D 1039 -19.24 -23.61 -46.03
CA ASN D 1039 -18.80 -24.60 -46.99
C ASN D 1039 -18.38 -25.93 -46.36
N CYS D 1040 -18.68 -26.16 -45.08
CA CYS D 1040 -18.38 -27.44 -44.46
C CYS D 1040 -19.51 -28.44 -44.63
N GLY D 1041 -20.71 -28.00 -45.01
CA GLY D 1041 -21.84 -28.87 -45.23
C GLY D 1041 -22.76 -29.01 -44.04
N SER D 1042 -22.29 -28.68 -42.84
CA SER D 1042 -23.09 -28.83 -41.63
C SER D 1042 -24.07 -27.68 -41.43
N PHE D 1043 -23.93 -26.59 -42.17
CA PHE D 1043 -24.76 -25.42 -41.98
C PHE D 1043 -25.44 -25.02 -43.29
N THR D 1044 -26.66 -24.50 -43.17
CA THR D 1044 -27.26 -23.78 -44.27
C THR D 1044 -26.76 -22.33 -44.27
N ARG D 1045 -27.08 -21.60 -45.33
CA ARG D 1045 -26.64 -20.22 -45.44
C ARG D 1045 -27.21 -19.36 -44.32
N GLU D 1046 -28.50 -19.56 -44.01
CA GLU D 1046 -29.13 -18.78 -42.95
C GLU D 1046 -28.51 -19.10 -41.58
N GLU D 1047 -28.19 -20.37 -41.34
CA GLU D 1047 -27.57 -20.75 -40.08
C GLU D 1047 -26.20 -20.10 -39.91
N ALA D 1048 -25.38 -20.13 -40.98
CA ALA D 1048 -24.06 -19.50 -40.91
C ALA D 1048 -24.19 -17.99 -40.71
N ASP D 1049 -25.12 -17.35 -41.42
CA ASP D 1049 -25.33 -15.91 -41.24
C ASP D 1049 -25.76 -15.59 -39.81
N GLU D 1050 -26.67 -16.39 -39.27
CA GLU D 1050 -27.13 -16.15 -37.90
C GLU D 1050 -26.00 -16.34 -36.89
N TYR D 1051 -25.17 -17.36 -37.08
CA TYR D 1051 -24.07 -17.60 -36.15
C TYR D 1051 -23.03 -16.49 -36.23
N ILE D 1052 -22.80 -15.96 -37.43
CA ILE D 1052 -21.92 -14.79 -37.55
C ILE D 1052 -22.55 -13.58 -36.87
N ASP D 1053 -23.86 -13.40 -37.03
CA ASP D 1053 -24.53 -12.23 -36.48
C ASP D 1053 -24.54 -12.24 -34.96
N ILE D 1054 -24.77 -13.40 -34.34
CA ILE D 1054 -24.93 -13.45 -32.89
C ILE D 1054 -23.61 -13.44 -32.15
N GLY D 1055 -22.48 -13.53 -32.85
CA GLY D 1055 -21.19 -13.33 -32.21
C GLY D 1055 -20.40 -14.59 -31.93
N ALA D 1056 -20.42 -15.54 -32.86
CA ALA D 1056 -19.62 -16.75 -32.69
C ALA D 1056 -18.13 -16.43 -32.72
N LEU D 1057 -17.70 -15.52 -33.59
CA LEU D 1057 -16.29 -15.16 -33.67
C LEU D 1057 -15.85 -14.37 -32.45
N ASN D 1058 -16.75 -13.57 -31.88
CA ASN D 1058 -16.46 -12.95 -30.59
C ASN D 1058 -16.17 -14.01 -29.54
N GLY D 1059 -16.98 -15.08 -29.52
CA GLY D 1059 -16.73 -16.17 -28.60
C GLY D 1059 -15.40 -16.87 -28.89
N ILE D 1060 -15.05 -17.02 -30.17
CA ILE D 1060 -13.79 -17.64 -30.53
C ILE D 1060 -12.62 -16.82 -29.98
N PHE D 1061 -12.65 -15.52 -30.19
CA PHE D 1061 -11.58 -14.67 -29.67
C PHE D 1061 -11.55 -14.69 -28.15
N VAL D 1062 -12.72 -14.64 -27.51
CA VAL D 1062 -12.76 -14.60 -26.05
C VAL D 1062 -12.20 -15.89 -25.46
N LEU D 1063 -12.62 -17.04 -26.01
CA LEU D 1063 -12.11 -18.31 -25.53
C LEU D 1063 -10.62 -18.46 -25.77
N GLY D 1064 -10.14 -18.00 -26.94
CA GLY D 1064 -8.72 -18.10 -27.22
C GLY D 1064 -7.89 -17.24 -26.26
N ARG D 1065 -8.31 -15.99 -26.07
CA ARG D 1065 -7.58 -15.06 -25.23
C ARG D 1065 -7.78 -15.32 -23.74
N SER D 1066 -8.78 -16.11 -23.35
CA SER D 1066 -8.91 -16.49 -21.95
C SER D 1066 -7.71 -17.29 -21.48
N MET D 1067 -7.16 -18.14 -22.35
CA MET D 1067 -5.96 -18.89 -22.01
C MET D 1067 -4.79 -17.95 -21.71
N GLY D 1068 -4.59 -16.95 -22.56
CA GLY D 1068 -3.53 -15.99 -22.33
C GLY D 1068 -3.75 -15.15 -21.09
N PHE D 1069 -4.99 -14.77 -20.82
CA PHE D 1069 -5.28 -13.96 -19.64
C PHE D 1069 -5.06 -14.77 -18.36
N ILE D 1070 -5.47 -16.03 -18.35
CA ILE D 1070 -5.19 -16.89 -17.19
C ILE D 1070 -3.70 -17.11 -17.03
N GLY D 1071 -2.98 -17.27 -18.14
CA GLY D 1071 -1.53 -17.37 -18.07
C GLY D 1071 -0.89 -16.13 -17.48
N HIS D 1072 -1.39 -14.95 -17.87
CA HIS D 1072 -0.88 -13.71 -17.30
C HIS D 1072 -1.17 -13.62 -15.82
N TYR D 1073 -2.37 -14.02 -15.40
CA TYR D 1073 -2.70 -14.02 -13.97
C TYR D 1073 -1.75 -14.95 -13.20
N LEU D 1074 -1.53 -16.15 -13.73
CA LEU D 1074 -0.65 -17.10 -13.06
C LEU D 1074 0.79 -16.59 -13.02
N ASP D 1075 1.23 -15.94 -14.10
CA ASP D 1075 2.58 -15.38 -14.12
C ASP D 1075 2.73 -14.27 -13.10
N GLN D 1076 1.75 -13.39 -12.99
CA GLN D 1076 1.80 -12.32 -11.99
C GLN D 1076 1.79 -12.88 -10.58
N LYS D 1077 1.00 -13.93 -10.35
CA LYS D 1077 0.98 -14.55 -9.02
C LYS D 1077 2.31 -15.22 -8.72
N ARG D 1078 2.92 -15.86 -9.71
CA ARG D 1078 4.19 -16.55 -9.51
C ARG D 1078 5.33 -15.57 -9.28
N LEU D 1079 5.30 -14.42 -9.97
CA LEU D 1079 6.31 -13.40 -9.78
C LEU D 1079 6.08 -12.57 -8.52
N LYS D 1080 4.95 -12.77 -7.83
CA LYS D 1080 4.65 -12.09 -6.58
C LYS D 1080 4.72 -10.57 -6.73
N GLN D 1081 4.15 -10.08 -7.83
CA GLN D 1081 4.13 -8.64 -8.08
C GLN D 1081 3.16 -7.96 -7.11
N GLY D 1082 3.58 -6.83 -6.57
CA GLY D 1082 2.77 -6.09 -5.62
C GLY D 1082 1.69 -5.27 -6.30
N LEU D 1083 0.92 -4.56 -5.47
CA LEU D 1083 -0.16 -3.72 -5.98
C LEU D 1083 0.39 -2.65 -6.91
N TYR D 1084 -0.23 -2.50 -8.07
CA TYR D 1084 0.20 -1.51 -9.05
C TYR D 1084 -0.46 -0.17 -8.78
N ARG D 1085 0.30 0.89 -8.95
CA ARG D 1085 -0.19 2.26 -8.83
C ARG D 1085 0.37 3.05 -10.00
N HIS D 1086 -0.51 3.58 -10.84
CA HIS D 1086 -0.05 4.29 -12.03
C HIS D 1086 0.71 5.56 -11.64
N PRO D 1087 1.85 5.83 -12.26
CA PRO D 1087 2.61 7.04 -11.91
C PRO D 1087 1.84 8.31 -12.23
N TRP D 1088 2.03 9.33 -11.39
CA TRP D 1088 1.36 10.60 -11.62
C TRP D 1088 1.92 11.34 -12.83
N ASP D 1089 3.19 11.10 -13.16
CA ASP D 1089 3.79 11.80 -14.29
C ASP D 1089 3.18 11.38 -15.62
N ASP D 1090 2.61 10.18 -15.68
CA ASP D 1090 1.98 9.67 -16.89
C ASP D 1090 0.53 10.12 -17.03
N ILE D 1091 0.00 10.86 -16.05
CA ILE D 1091 -1.38 11.31 -16.05
C ILE D 1091 -1.40 12.83 -16.14
N SER D 1092 -2.19 13.35 -17.08
CA SER D 1092 -2.35 14.79 -17.27
C SER D 1092 -3.65 15.22 -16.58
N TYR D 1093 -3.52 15.97 -15.49
CA TYR D 1093 -4.66 16.46 -14.74
C TYR D 1093 -5.14 17.79 -15.33
N VAL D 1094 -6.38 17.82 -15.80
CA VAL D 1094 -7.01 19.05 -16.29
C VAL D 1094 -8.34 19.19 -15.57
N LEU D 1095 -8.34 19.91 -14.46
CA LEU D 1095 -9.53 20.07 -13.65
C LEU D 1095 -10.08 21.48 -13.77
N PRO D 1096 -11.38 21.68 -13.55
CA PRO D 1096 -11.93 23.04 -13.60
C PRO D 1096 -11.35 23.90 -12.50
N GLU D 1097 -11.31 25.21 -12.76
CA GLU D 1097 -10.75 26.14 -11.77
C GLU D 1097 -11.58 26.17 -10.49
N HIS D 1098 -12.91 26.29 -10.63
CA HIS D 1098 -13.80 26.21 -9.48
C HIS D 1098 -15.03 25.32 -9.70
N MET D 1099 -15.43 25.07 -10.94
CA MET D 1099 -16.63 24.31 -11.22
C MET D 1099 -16.50 22.85 -10.79
PB ADP E . 24.54 19.30 49.25
O1B ADP E . 23.54 20.03 48.42
O2B ADP E . 24.64 17.82 49.01
O3B ADP E . 25.87 19.98 49.36
PA ADP E . 22.60 18.75 51.24
O1A ADP E . 21.44 19.37 50.51
O2A ADP E . 22.70 17.27 51.39
O3A ADP E . 23.97 19.42 50.75
O5' ADP E . 22.54 19.35 52.73
C5' ADP E . 23.71 19.86 53.35
C4' ADP E . 23.68 19.40 54.78
O4' ADP E . 22.36 19.63 55.28
C3' ADP E . 23.93 17.90 54.87
O3' ADP E . 25.20 17.63 55.47
C2' ADP E . 22.83 17.36 55.74
O2' ADP E . 23.35 16.88 56.98
C1' ADP E . 21.94 18.53 56.08
N9 ADP E . 20.58 18.06 55.80
C8 ADP E . 19.97 18.04 54.63
N7 ADP E . 18.71 17.53 54.74
C5 ADP E . 18.53 17.20 56.02
C6 ADP E . 17.43 16.63 56.81
N6 ADP E . 16.24 16.27 56.25
N1 ADP E . 17.65 16.46 58.12
C2 ADP E . 18.82 16.82 58.67
N3 ADP E . 19.86 17.35 58.03
C4 ADP E . 19.77 17.55 56.71
N1A COA F . -43.91 -13.23 -11.10
C2A COA F . -45.16 -13.44 -11.49
N3A COA F . -45.88 -12.48 -12.07
C4A COA F . -45.39 -11.25 -12.28
C5A COA F . -44.02 -10.96 -11.88
C6A COA F . -43.29 -12.06 -11.26
N6A COA F . -42.03 -11.90 -10.85
N7A COA F . -43.80 -9.68 -12.18
C8A COA F . -44.91 -9.18 -12.76
N9A COA F . -45.86 -10.12 -12.80
C1B COA F . -47.20 -9.97 -13.36
C2B COA F . -47.74 -8.57 -13.25
O2B COA F . -48.35 -8.33 -12.00
C3B COA F . -48.74 -8.65 -14.36
O3B COA F . -49.67 -9.59 -13.91
P3B COA F . -51.24 -9.34 -14.08
O7A COA F . -51.35 -7.89 -13.72
O8A COA F . -51.49 -9.70 -15.52
O9A COA F . -51.83 -10.28 -13.07
C4B COA F . -48.05 -9.40 -15.47
O4B COA F . -47.08 -10.18 -14.78
C5B COA F . -47.44 -8.51 -16.53
O5B COA F . -46.24 -7.94 -16.07
P1A COA F . -45.62 -6.66 -16.77
O1A COA F . -44.89 -5.85 -15.76
O2A COA F . -44.92 -7.14 -18.01
O3A COA F . -46.96 -5.90 -17.20
P2A COA F . -47.27 -5.25 -18.65
O4A COA F . -47.31 -6.35 -19.67
O5A COA F . -48.47 -4.42 -18.43
O6A COA F . -45.98 -4.36 -18.97
CBP COA F . -44.57 -2.61 -19.57
CCP COA F . -45.83 -2.96 -18.80
CDP COA F . -43.82 -1.53 -18.83
CEP COA F . -43.69 -3.85 -19.60
CAP COA F . -44.94 -2.22 -21.01
OAP COA F . -45.96 -1.22 -20.99
C9P COA F . -43.82 -1.70 -21.86
O9P COA F . -43.07 -2.45 -22.45
N8P COA F . -43.66 -0.40 -22.01
C7P COA F . -42.50 0.14 -22.65
C6P COA F . -41.92 1.17 -21.72
C5P COA F . -40.94 0.45 -20.89
O5P COA F . -40.38 -0.49 -21.40
N4P COA F . -40.76 0.88 -19.67
C3P COA F . -39.99 0.15 -18.69
C2P COA F . -40.73 -0.10 -17.38
S1P COA F . -40.10 0.95 -16.05
CAC FLC G . -38.41 -0.53 -12.56
CA FLC G . -37.09 -1.05 -12.00
CB FLC G . -36.77 -2.44 -12.54
CBC FLC G . -38.05 -3.15 -13.00
CG FLC G . -35.72 -2.38 -13.66
CGC FLC G . -36.06 -1.39 -14.78
OA1 FLC G . -38.44 0.07 -13.67
OA2 FLC G . -39.48 -0.68 -11.91
OB1 FLC G . -38.34 -3.24 -14.22
OB2 FLC G . -38.82 -3.65 -12.14
OG1 FLC G . -36.64 -1.80 -15.81
OG2 FLC G . -35.72 -0.18 -14.68
OHB FLC G . -36.22 -3.19 -11.49
P PO4 H . 26.30 14.97 12.59
O1 PO4 H . 26.94 15.89 11.59
O2 PO4 H . 24.84 15.31 12.74
O3 PO4 H . 26.45 13.55 12.14
O4 PO4 H . 26.99 15.14 13.93
N Q5B I . 4.88 1.24 11.03
C Q5B I . 16.94 4.20 11.48
O Q5B I . 13.57 4.39 10.09
C1 Q5B I . 15.89 4.77 10.53
C10 Q5B I . 2.91 1.10 10.34
C11 Q5B I . 3.65 0.89 11.38
C12 Q5B I . 1.84 0.19 12.63
C13 Q5B I . 1.58 0.82 10.45
C14 Q5B I . 15.88 6.36 10.40
C15 Q5B I . 17.23 7.06 10.55
C16 Q5B I . 17.78 7.40 8.01
C17 Q5B I . 19.06 6.68 7.40
C18 Q5B I . 20.43 7.46 7.54
C19 Q5B I . 22.14 8.84 8.81
C2 Q5B I . 16.09 4.22 9.13
C20 Q5B I . 22.03 10.23 8.10
C21 Q5B I . 23.25 12.68 9.09
C22 Q5B I . 24.24 13.84 9.18
C23 Q5B I . 23.73 14.98 8.33
C24 Q5B I . 24.63 16.20 8.50
C25 Q5B I . 24.15 17.40 7.60
C26 Q5B I . 23.80 14.52 6.90
C3 Q5B I . 14.55 4.34 11.10
C4 Q5B I . 8.55 3.05 11.90
C5 Q5B I . 7.90 2.14 12.92
C6 Q5B I . 8.18 0.88 12.72
C7 Q5B I . 7.07 0.31 11.70
C8 Q5B I . 5.80 1.01 12.13
C9 Q5B I . 4.94 1.63 9.77
N1 Q5B I . 3.70 1.54 9.34
N2 Q5B I . 3.16 0.44 12.53
N3 Q5B I . 1.05 0.38 11.55
N4 Q5B I . 0.60 0.97 9.42
N5 Q5B I . 18.04 7.53 9.46
N6 Q5B I . 20.86 8.18 8.76
O1 Q5B I . 11.81 5.14 11.84
O10 Q5B I . 10.13 -1.09 14.61
O11 Q5B I . 8.73 -0.34 16.42
O12 Q5B I . 9.97 1.19 15.17
O13 Q5B I . 17.68 7.29 11.60
O14 Q5B I . 21.19 7.45 6.62
O15 Q5B I . 22.19 12.79 9.62
O16 Q5B I . 22.97 17.80 7.66
O17 Q5B I . 24.97 17.96 6.83
O18 Q5B I . 22.83 14.33 6.18
O19 Q5B I . 24.94 14.31 6.44
O2 Q5B I . 11.87 6.30 9.78
O20 Q5B I . 22.40 15.32 8.69
O21 Q5B I . 15.10 6.84 11.39
O3 Q5B I . 10.95 3.97 9.67
O4 Q5B I . 9.65 1.80 9.26
O5 Q5B I . 11.74 1.64 10.47
O6 Q5B I . 9.87 2.64 11.72
O7 Q5B I . 6.33 2.26 12.80
O8 Q5B I . 6.88 -1.04 11.95
O9 Q5B I . 8.01 0.17 13.98
P Q5B I . 12.04 4.98 10.39
P1 Q5B I . 10.56 2.47 10.25
P2 Q5B I . 9.22 -0.02 15.07
S Q5B I . 23.60 11.10 8.17
N1A COA J . -33.37 -30.39 -10.43
C2A COA J . -33.95 -31.37 -9.73
N3A COA J . -33.25 -32.34 -9.16
C4A COA J . -31.90 -32.40 -9.24
C5A COA J . -31.20 -31.36 -9.96
C6A COA J . -32.05 -30.31 -10.57
N6A COA J . -31.56 -29.30 -11.27
N7A COA J . -29.90 -31.68 -9.87
C8A COA J . -29.77 -32.80 -9.14
N9A COA J . -30.99 -33.23 -8.77
C1B COA J . -31.32 -34.40 -7.95
C2B COA J . -30.32 -35.52 -8.04
O2B COA J . -30.64 -36.49 -9.04
C3B COA J . -30.53 -36.14 -6.68
O3B COA J . -31.80 -36.77 -6.81
P3B COA J . -32.32 -37.98 -5.91
O7A COA J . -31.78 -39.21 -6.60
O8A COA J . -31.78 -37.74 -4.52
O9A COA J . -33.82 -37.84 -6.00
C4B COA J . -30.72 -34.97 -5.76
O4B COA J . -31.26 -33.96 -6.59
C5B COA J . -29.46 -34.52 -5.04
O5B COA J . -28.41 -34.15 -5.94
P1A COA J . -26.92 -34.00 -5.44
O1A COA J . -26.03 -33.83 -6.63
O2A COA J . -26.90 -32.95 -4.38
O3A COA J . -26.68 -35.46 -4.81
P2A COA J . -25.82 -35.73 -3.48
O4A COA J . -26.50 -35.01 -2.34
O5A COA J . -25.63 -37.19 -3.38
O6A COA J . -24.43 -34.97 -3.80
CBP COA J . -22.16 -34.44 -3.58
CCP COA J . -23.13 -35.55 -3.94
CDP COA J . -21.14 -34.23 -4.68
CEP COA J . -22.95 -33.13 -3.53
CAP COA J . -21.57 -34.74 -2.19
OAP COA J . -21.15 -36.09 -2.08
C9P COA J . -20.44 -33.88 -1.75
O9P COA J . -20.62 -32.82 -1.19
N8P COA J . -19.21 -34.33 -1.92
C7P COA J . -18.10 -33.46 -1.78
C6P COA J . -17.27 -33.62 -3.02
C5P COA J . -17.78 -32.65 -4.01
O5P COA J . -18.18 -31.61 -3.60
N4P COA J . -17.75 -32.99 -5.27
C3P COA J . -18.08 -32.10 -6.36
C2P COA J . -18.84 -32.84 -7.46
S1P COA J . -18.02 -32.73 -9.07
CAC FLC K . -18.72 -28.24 -10.61
CA FLC K . -19.50 -27.87 -11.87
CB FLC K . -20.53 -28.93 -12.21
CBC FLC K . -19.81 -30.13 -12.84
CG FLC K . -21.26 -29.38 -10.94
CGC FLC K . -22.67 -29.87 -11.28
OA1 FLC K . -18.97 -27.66 -9.52
OA2 FLC K . -17.83 -29.14 -10.66
OB1 FLC K . -19.06 -29.97 -13.83
OB2 FLC K . -19.97 -31.29 -12.36
OG1 FLC K . -22.96 -30.16 -12.48
OG2 FLC K . -23.53 -29.98 -10.38
OHB FLC K . -21.45 -28.42 -13.12
N1A COA L . 2.29 8.02 -8.59
C2A COA L . 3.50 8.44 -8.20
N3A COA L . 3.85 8.58 -6.92
C4A COA L . 2.97 8.31 -5.93
C5A COA L . 1.63 7.85 -6.28
C6A COA L . 1.33 7.71 -7.71
N6A COA L . 0.12 7.30 -8.15
N7A COA L . 0.98 7.65 -5.12
C8A COA L . 1.83 7.96 -4.12
N9A COA L . 3.03 8.35 -4.60
C1B COA L . 4.19 8.76 -3.79
C2B COA L . 3.73 9.49 -2.54
O2B COA L . 3.87 10.90 -2.69
C3B COA L . 4.59 8.96 -1.41
O3B COA L . 5.52 9.96 -0.97
P3B COA L . 7.05 10.11 -1.48
O7A COA L . 7.82 9.06 -0.74
O8A COA L . 7.01 9.90 -2.97
O9A COA L . 7.40 11.53 -1.08
C4B COA L . 5.28 7.72 -1.97
O4B COA L . 4.92 7.62 -3.35
C5B COA L . 4.84 6.47 -1.24
O5B COA L . 3.65 6.77 -0.49
P1A COA L . 2.52 5.66 -0.26
O1A COA L . 1.26 6.11 -0.92
O2A COA L . 3.10 4.31 -0.58
O3A COA L . 2.28 5.74 1.33
P2A COA L . 3.29 5.14 2.44
O4A COA L . 4.08 3.98 1.86
O5A COA L . 4.01 6.29 3.06
O6A COA L . 2.27 4.54 3.54
CBP COA L . 0.12 3.52 3.79
CCP COA L . 0.87 4.82 3.53
CDP COA L . -1.25 3.80 4.38
CEP COA L . -0.02 2.78 2.49
CAP COA L . 0.96 2.68 4.76
OAP COA L . 1.12 3.38 6.00
C9P COA L . 0.31 1.35 5.04
O9P COA L . 0.60 0.40 4.35
N8P COA L . -0.54 1.26 6.06
C7P COA L . -1.56 0.22 6.16
C6P COA L . -2.96 0.79 6.37
C5P COA L . -3.61 1.10 5.06
O5P COA L . -3.21 0.61 4.04
N4P COA L . -4.64 1.94 5.06
C3P COA L . -5.34 2.31 3.85
C2P COA L . -5.09 3.76 3.44
S1P COA L . -6.61 4.74 3.52
CAC FLC M . -8.21 2.34 -0.87
CA FLC M . -8.49 3.19 -2.11
CB FLC M . -7.71 4.51 -2.05
CBC FLC M . -8.42 5.47 -1.11
CG FLC M . -6.29 4.24 -1.57
CGC FLC M . -5.37 5.39 -1.92
OA1 FLC M . -8.74 2.64 0.22
OA2 FLC M . -7.44 1.35 -0.96
OB1 FLC M . -9.64 5.73 -1.27
OB2 FLC M . -7.79 5.99 -0.14
OG1 FLC M . -4.88 5.50 -3.07
OG2 FLC M . -5.09 6.26 -1.05
OHB FLC M . -7.67 5.07 -3.34
N1A COA N . 4.38 -0.17 -26.87
C2A COA N . 5.17 0.58 -27.64
N3A COA N . 5.12 0.55 -28.98
C4A COA N . 4.23 -0.24 -29.64
C5A COA N . 3.34 -1.09 -28.86
C6A COA N . 3.47 -1.01 -27.38
N6A COA N . 2.68 -1.75 -26.57
N7A COA N . 2.58 -1.78 -29.74
C8A COA N . 2.96 -1.40 -30.97
N9A COA N . 3.95 -0.48 -30.92
C1B COA N . 4.61 0.16 -32.07
C2B COA N . 4.71 -0.78 -33.26
O2B COA N . 5.90 -1.56 -33.18
C3B COA N . 4.73 0.16 -34.42
O3B COA N . 6.08 0.53 -34.70
P3B COA N . 6.57 1.47 -35.91
O7A COA N . 5.41 2.35 -36.27
O8A COA N . 7.74 2.21 -35.31
O9A COA N . 6.95 0.47 -36.97
C4B COA N . 3.92 1.35 -33.97
O4B COA N . 3.84 1.25 -32.54
C5B COA N . 2.52 1.36 -34.56
O5B COA N . 1.74 0.33 -33.98
P1A COA N . 0.47 -0.28 -34.76
O1A COA N . 0.47 -1.78 -34.59
O2A COA N . -0.74 0.51 -34.37
O3A COA N . 0.81 0.09 -36.29
P2A COA N . -0.37 0.39 -37.34
O4A COA N . -1.11 1.63 -36.93
O5A COA N . 0.19 0.27 -38.72
O6A COA N . -1.30 -0.89 -37.07
CBP COA N . -3.47 -1.47 -37.84
CCP COA N . -1.98 -1.57 -38.11
CDP COA N . -4.08 -2.86 -37.76
CEP COA N . -3.72 -0.75 -36.53
CAP COA N . -4.10 -0.67 -38.97
OAP COA N . -3.60 -1.15 -40.22
C9P COA N . -5.59 -0.80 -38.94
O9P COA N . -6.24 -0.20 -38.12
N8P COA N . -6.15 -1.60 -39.83
C7P COA N . -7.47 -2.14 -39.61
C6P COA N . -7.43 -3.64 -39.39
C5P COA N . -7.70 -3.94 -37.95
O5P COA N . -8.26 -3.11 -37.25
N4P COA N . -7.33 -5.12 -37.52
C3P COA N . -6.76 -5.35 -36.21
C2P COA N . -6.03 -6.67 -36.16
S1P COA N . -5.89 -7.24 -34.44
CAC FLC O . -3.74 -6.83 -30.42
CA FLC O . -4.30 -8.02 -29.64
CB FLC O . -5.09 -8.94 -30.57
CBC FLC O . -6.44 -8.30 -30.89
CG FLC O . -4.31 -9.16 -31.86
CGC FLC O . -4.47 -10.60 -32.32
OA1 FLC O . -4.50 -5.92 -30.83
OA2 FLC O . -2.50 -6.76 -30.65
OB1 FLC O . -7.10 -8.69 -31.90
OB2 FLC O . -6.90 -7.40 -30.16
OG1 FLC O . -5.62 -11.11 -32.43
OG2 FLC O . -3.44 -11.30 -32.56
OHB FLC O . -5.29 -10.17 -29.94
#